data_2MZQ
#
_entry.id   2MZQ
#
_entity_poly.entity_id   1
_entity_poly.type   'polypeptide(L)'
_entity_poly.pdbx_seq_one_letter_code
;GSHIDETAAKFTEGVNPGGDRNCFIYCSNLPFSTARSDLFDLFGPIGKINNAELKPQENGQPTGVAVVEYENLVDADFCI
QKLNNYNYGGCSLQISYARRD
;
_entity_poly.pdbx_strand_id   A
#
# COMPACT_ATOMS: atom_id res chain seq x y z
N GLY A 1 15.64 7.56 18.83
CA GLY A 1 14.91 6.27 18.92
C GLY A 1 15.75 5.10 18.44
N SER A 2 15.13 4.08 17.86
CA SER A 2 15.75 2.88 17.27
C SER A 2 14.72 2.08 16.43
N HIS A 3 15.18 1.43 15.35
CA HIS A 3 14.34 0.68 14.39
C HIS A 3 15.18 -0.32 13.55
N ILE A 4 14.49 -1.33 13.00
CA ILE A 4 14.97 -2.33 12.02
C ILE A 4 13.78 -2.97 11.29
N ASP A 5 12.74 -3.37 12.03
CA ASP A 5 11.45 -3.83 11.47
C ASP A 5 10.22 -3.59 12.37
N GLU A 6 10.38 -2.92 13.52
CA GLU A 6 9.28 -2.64 14.46
C GLU A 6 8.27 -1.66 13.87
N THR A 7 8.74 -0.62 13.18
CA THR A 7 7.88 0.40 12.53
C THR A 7 7.10 -0.15 11.34
N ALA A 8 7.57 -1.20 10.67
CA ALA A 8 6.87 -1.78 9.52
C ALA A 8 5.52 -2.43 9.89
N ALA A 9 5.35 -2.83 11.15
CA ALA A 9 4.08 -3.26 11.72
C ALA A 9 3.16 -2.06 11.88
N LYS A 10 3.64 -0.99 12.53
CA LYS A 10 2.89 0.25 12.72
C LYS A 10 2.46 0.89 11.39
N PHE A 11 3.29 0.76 10.35
CA PHE A 11 3.03 1.22 8.99
C PHE A 11 1.82 0.53 8.31
N THR A 12 1.37 -0.65 8.79
CA THR A 12 0.22 -1.37 8.22
C THR A 12 -0.90 -1.67 9.22
N GLU A 13 -0.60 -1.73 10.52
CA GLU A 13 -1.54 -2.03 11.59
C GLU A 13 -2.37 -0.79 11.92
N GLY A 14 -3.70 -0.94 11.95
CA GLY A 14 -4.60 0.17 12.24
C GLY A 14 -5.01 0.90 10.97
N VAL A 15 -4.38 0.58 9.84
CA VAL A 15 -4.65 1.23 8.55
C VAL A 15 -5.85 0.65 7.83
N ASN A 16 -6.66 1.53 7.22
CA ASN A 16 -7.96 1.23 6.61
C ASN A 16 -8.09 2.03 5.29
N PRO A 17 -9.00 1.68 4.37
CA PRO A 17 -9.30 2.54 3.21
C PRO A 17 -10.06 3.79 3.64
N GLY A 18 -10.26 4.73 2.70
CA GLY A 18 -11.23 5.81 2.84
C GLY A 18 -10.77 6.98 3.71
N GLY A 19 -9.54 7.47 3.53
CA GLY A 19 -9.10 8.79 4.00
C GLY A 19 -9.47 9.88 2.98
N ASP A 20 -8.82 11.04 3.06
CA ASP A 20 -9.07 12.17 2.15
C ASP A 20 -7.84 13.08 2.06
N ARG A 21 -7.06 12.87 1.00
CA ARG A 21 -5.80 13.58 0.72
C ARG A 21 -4.84 13.58 1.93
N ASN A 22 -4.59 12.38 2.48
CA ASN A 22 -3.69 12.23 3.64
C ASN A 22 -2.20 12.38 3.25
N CYS A 23 -1.62 11.31 2.67
CA CYS A 23 -0.20 11.02 2.32
C CYS A 23 0.05 9.51 2.07
N PHE A 24 -0.68 8.64 2.78
CA PHE A 24 -0.62 7.19 2.62
C PHE A 24 -1.63 6.69 1.58
N ILE A 25 -1.25 5.65 0.85
CA ILE A 25 -2.07 4.92 -0.12
C ILE A 25 -2.40 3.56 0.50
N TYR A 26 -3.67 3.19 0.44
CA TYR A 26 -4.17 1.86 0.74
C TYR A 26 -4.44 1.12 -0.58
N CYS A 27 -4.01 -0.14 -0.71
CA CYS A 27 -4.15 -0.93 -1.92
C CYS A 27 -4.68 -2.32 -1.52
N SER A 28 -5.69 -2.82 -2.21
CA SER A 28 -6.44 -4.01 -1.80
C SER A 28 -6.84 -4.87 -3.00
N ASN A 29 -7.14 -6.15 -2.73
CA ASN A 29 -7.39 -7.20 -3.71
C ASN A 29 -6.12 -7.58 -4.51
N LEU A 30 -4.93 -7.43 -3.91
CA LEU A 30 -3.70 -7.99 -4.49
C LEU A 30 -3.77 -9.54 -4.45
N PRO A 31 -3.14 -10.25 -5.42
CA PRO A 31 -3.04 -11.71 -5.40
C PRO A 31 -2.12 -12.16 -4.27
N PHE A 32 -2.34 -13.38 -3.76
CA PHE A 32 -1.68 -13.88 -2.54
C PHE A 32 -0.22 -14.30 -2.73
N SER A 33 0.29 -14.25 -3.96
CA SER A 33 1.71 -14.48 -4.28
C SER A 33 2.57 -13.20 -4.16
N THR A 34 1.99 -12.05 -3.79
CA THR A 34 2.68 -10.75 -3.73
C THR A 34 3.66 -10.66 -2.55
N ALA A 35 4.75 -9.92 -2.72
CA ALA A 35 5.75 -9.58 -1.70
C ALA A 35 6.09 -8.06 -1.73
N ARG A 36 6.82 -7.57 -0.73
CA ARG A 36 7.16 -6.13 -0.58
C ARG A 36 7.81 -5.52 -1.85
N SER A 37 8.65 -6.28 -2.54
CA SER A 37 9.33 -5.82 -3.77
C SER A 37 8.37 -5.51 -4.94
N ASP A 38 7.17 -6.11 -4.96
CA ASP A 38 6.15 -5.88 -5.98
C ASP A 38 5.50 -4.49 -5.91
N LEU A 39 5.57 -3.82 -4.75
CA LEU A 39 4.96 -2.50 -4.57
C LEU A 39 5.65 -1.49 -5.50
N PHE A 40 6.98 -1.44 -5.44
CA PHE A 40 7.83 -0.54 -6.24
C PHE A 40 7.83 -0.87 -7.75
N ASP A 41 7.24 -1.99 -8.15
CA ASP A 41 7.06 -2.40 -9.55
C ASP A 41 6.00 -1.54 -10.27
N LEU A 42 4.80 -1.44 -9.66
CA LEU A 42 3.63 -0.75 -10.21
C LEU A 42 3.45 0.68 -9.66
N PHE A 43 4.00 0.96 -8.47
CA PHE A 43 4.00 2.30 -7.88
C PHE A 43 5.25 3.12 -8.25
N GLY A 44 6.41 2.47 -8.47
CA GLY A 44 7.68 3.12 -8.77
C GLY A 44 7.67 4.16 -9.92
N PRO A 45 6.94 3.97 -11.04
CA PRO A 45 6.88 4.95 -12.12
C PRO A 45 5.89 6.11 -11.86
N ILE A 46 5.12 6.11 -10.76
CA ILE A 46 4.17 7.19 -10.44
C ILE A 46 4.87 8.40 -9.78
N GLY A 47 5.87 8.14 -8.94
CA GLY A 47 6.64 9.13 -8.17
C GLY A 47 7.51 8.48 -7.09
N LYS A 48 7.94 9.25 -6.09
CA LYS A 48 8.80 8.76 -5.01
C LYS A 48 8.00 8.20 -3.82
N ILE A 49 8.04 6.87 -3.64
CA ILE A 49 7.55 6.19 -2.43
C ILE A 49 8.51 6.52 -1.27
N ASN A 50 7.98 7.07 -0.18
CA ASN A 50 8.70 7.26 1.08
C ASN A 50 8.94 5.91 1.81
N ASN A 51 7.92 5.03 1.79
CA ASN A 51 7.86 3.70 2.43
C ASN A 51 6.67 2.89 1.92
N ALA A 52 6.68 1.57 2.12
CA ALA A 52 5.63 0.64 1.65
C ALA A 52 5.76 -0.77 2.26
N GLU A 53 4.63 -1.42 2.55
CA GLU A 53 4.52 -2.69 3.29
C GLU A 53 3.19 -3.39 2.97
N LEU A 54 3.09 -4.67 3.32
CA LEU A 54 1.87 -5.48 3.18
C LEU A 54 1.19 -5.72 4.53
N LYS A 55 -0.15 -5.70 4.57
CA LYS A 55 -0.86 -5.81 5.84
C LYS A 55 -0.74 -7.21 6.51
N PRO A 56 -0.26 -7.32 7.77
CA PRO A 56 -0.14 -8.58 8.51
C PRO A 56 -1.49 -9.07 9.04
N GLN A 57 -1.50 -10.31 9.55
CA GLN A 57 -2.68 -11.05 9.95
C GLN A 57 -2.39 -11.90 11.21
N GLU A 58 -3.39 -12.09 12.08
CA GLU A 58 -3.25 -12.84 13.34
C GLU A 58 -2.93 -14.34 13.14
N ASN A 59 -3.56 -15.01 12.16
CA ASN A 59 -3.31 -16.43 11.85
C ASN A 59 -2.15 -16.66 10.85
N GLY A 60 -1.55 -15.58 10.32
CA GLY A 60 -0.41 -15.61 9.39
C GLY A 60 -0.77 -15.78 7.91
N GLN A 61 -2.05 -15.89 7.52
CA GLN A 61 -2.44 -16.00 6.11
C GLN A 61 -2.29 -14.65 5.35
N PRO A 62 -2.04 -14.64 4.04
CA PRO A 62 -1.88 -13.41 3.27
C PRO A 62 -3.22 -12.65 3.15
N THR A 63 -3.18 -11.33 3.37
CA THR A 63 -4.37 -10.47 3.44
C THR A 63 -4.87 -9.98 2.09
N GLY A 64 -3.98 -9.91 1.08
CA GLY A 64 -4.25 -9.26 -0.21
C GLY A 64 -4.32 -7.74 -0.11
N VAL A 65 -3.63 -7.12 0.88
CA VAL A 65 -3.58 -5.65 1.08
C VAL A 65 -2.15 -5.15 1.21
N ALA A 66 -1.87 -4.00 0.59
CA ALA A 66 -0.67 -3.20 0.77
C ALA A 66 -0.98 -1.79 1.31
N VAL A 67 0.01 -1.18 1.96
CA VAL A 67 0.07 0.27 2.24
C VAL A 67 1.30 0.85 1.56
N VAL A 68 1.19 2.09 1.07
CA VAL A 68 2.30 2.86 0.44
C VAL A 68 2.27 4.27 1.04
N GLU A 69 3.38 5.01 1.03
CA GLU A 69 3.51 6.37 1.58
C GLU A 69 4.38 7.19 0.61
N TYR A 70 4.07 8.46 0.38
CA TYR A 70 4.59 9.24 -0.76
C TYR A 70 5.14 10.63 -0.41
N GLU A 71 6.21 11.01 -1.12
CA GLU A 71 6.93 12.27 -0.91
C GLU A 71 6.04 13.52 -1.04
N ASN A 72 5.18 13.58 -2.06
CA ASN A 72 4.34 14.74 -2.36
C ASN A 72 2.89 14.30 -2.46
N LEU A 73 1.95 15.14 -2.02
CA LEU A 73 0.52 14.81 -2.03
C LEU A 73 -0.07 14.74 -3.45
N VAL A 74 0.56 15.39 -4.42
CA VAL A 74 0.29 15.16 -5.87
C VAL A 74 0.63 13.75 -6.35
N ASP A 75 1.66 13.10 -5.78
CA ASP A 75 2.07 11.75 -6.17
C ASP A 75 1.20 10.69 -5.49
N ALA A 76 0.85 10.91 -4.20
CA ALA A 76 -0.14 10.08 -3.51
C ALA A 76 -1.49 10.11 -4.24
N ASP A 77 -1.98 11.31 -4.58
CA ASP A 77 -3.20 11.45 -5.38
C ASP A 77 -3.12 10.72 -6.72
N PHE A 78 -2.00 10.84 -7.45
CA PHE A 78 -1.81 10.23 -8.76
C PHE A 78 -1.91 8.70 -8.77
N CYS A 79 -1.46 8.00 -7.71
CA CYS A 79 -1.70 6.57 -7.57
C CYS A 79 -3.19 6.23 -7.55
N ILE A 80 -3.95 6.98 -6.76
CA ILE A 80 -5.40 6.77 -6.57
C ILE A 80 -6.20 7.22 -7.81
N GLN A 81 -5.63 8.09 -8.66
CA GLN A 81 -6.14 8.38 -10.02
C GLN A 81 -5.88 7.20 -10.99
N LYS A 82 -4.65 6.66 -11.01
CA LYS A 82 -4.19 5.77 -12.10
C LYS A 82 -4.39 4.27 -11.84
N LEU A 83 -4.20 3.81 -10.61
CA LEU A 83 -4.14 2.38 -10.25
C LEU A 83 -5.51 1.79 -9.91
N ASN A 84 -6.57 2.60 -9.70
CA ASN A 84 -7.86 2.15 -9.13
C ASN A 84 -8.77 1.35 -10.10
N ASN A 85 -8.13 0.66 -11.05
CA ASN A 85 -8.66 -0.21 -12.09
C ASN A 85 -7.58 -1.19 -12.65
N TYR A 86 -6.40 -1.26 -12.01
CA TYR A 86 -5.20 -1.91 -12.51
C TYR A 86 -5.31 -3.44 -12.40
N ASN A 87 -5.20 -4.14 -13.53
CA ASN A 87 -5.24 -5.62 -13.59
C ASN A 87 -3.84 -6.21 -13.33
N TYR A 88 -3.76 -7.13 -12.36
CA TYR A 88 -2.51 -7.73 -11.87
C TYR A 88 -2.75 -9.12 -11.26
N GLY A 89 -2.08 -10.16 -11.77
CA GLY A 89 -2.22 -11.55 -11.29
C GLY A 89 -3.52 -12.26 -11.70
N GLY A 90 -4.40 -11.57 -12.45
CA GLY A 90 -5.79 -11.96 -12.69
C GLY A 90 -6.82 -11.26 -11.78
N CYS A 91 -6.35 -10.38 -10.88
CA CYS A 91 -7.17 -9.57 -9.97
C CYS A 91 -7.18 -8.09 -10.42
N SER A 92 -8.27 -7.36 -10.17
CA SER A 92 -8.31 -5.91 -10.34
C SER A 92 -8.07 -5.21 -8.98
N LEU A 93 -7.04 -4.37 -8.88
CA LEU A 93 -6.68 -3.74 -7.60
C LEU A 93 -7.61 -2.58 -7.26
N GLN A 94 -8.01 -2.52 -5.99
CA GLN A 94 -8.78 -1.44 -5.41
C GLN A 94 -7.80 -0.53 -4.66
N ILE A 95 -7.89 0.78 -4.83
CA ILE A 95 -6.88 1.74 -4.33
C ILE A 95 -7.59 2.94 -3.70
N SER A 96 -7.06 3.42 -2.57
CA SER A 96 -7.68 4.47 -1.74
C SER A 96 -6.64 5.24 -0.91
N TYR A 97 -7.05 6.28 -0.18
CA TYR A 97 -6.22 6.89 0.86
C TYR A 97 -6.24 6.05 2.14
N ALA A 98 -5.07 5.69 2.66
CA ALA A 98 -4.90 4.93 3.91
C ALA A 98 -5.21 5.84 5.11
N ARG A 99 -6.33 5.54 5.79
CA ARG A 99 -7.02 6.48 6.68
C ARG A 99 -6.29 6.75 8.00
N ARG A 100 -5.74 5.70 8.62
CA ARG A 100 -4.97 5.81 9.85
C ARG A 100 -3.66 5.00 9.76
N ASP A 101 -2.67 5.73 9.24
CA ASP A 101 -1.20 5.56 9.37
C ASP A 101 -0.59 4.57 8.33
N GLY A 1 20.12 0.06 23.58
CA GLY A 1 18.79 -0.12 22.94
C GLY A 1 18.69 0.63 21.61
N SER A 2 17.83 0.14 20.70
CA SER A 2 17.60 0.70 19.36
C SER A 2 16.29 0.16 18.74
N HIS A 3 15.77 0.84 17.72
CA HIS A 3 14.50 0.52 17.03
C HIS A 3 14.46 1.09 15.59
N ILE A 4 14.02 0.26 14.63
CA ILE A 4 13.78 0.64 13.21
C ILE A 4 12.95 -0.40 12.45
N ASP A 5 13.28 -1.70 12.55
CA ASP A 5 12.66 -2.74 11.71
C ASP A 5 11.20 -3.02 12.08
N GLU A 6 10.92 -3.10 13.38
CA GLU A 6 9.58 -3.42 13.89
C GLU A 6 8.55 -2.33 13.57
N THR A 7 9.02 -1.13 13.21
CA THR A 7 8.19 -0.01 12.73
C THR A 7 7.53 -0.33 11.38
N ALA A 8 8.03 -1.31 10.63
CA ALA A 8 7.35 -1.80 9.42
C ALA A 8 6.02 -2.52 9.70
N ALA A 9 5.83 -3.05 10.92
CA ALA A 9 4.52 -3.52 11.38
C ALA A 9 3.62 -2.32 11.71
N LYS A 10 4.12 -1.34 12.45
CA LYS A 10 3.37 -0.11 12.76
C LYS A 10 2.94 0.67 11.51
N PHE A 11 3.71 0.58 10.42
CA PHE A 11 3.39 1.15 9.09
C PHE A 11 2.13 0.51 8.43
N THR A 12 1.73 -0.71 8.83
CA THR A 12 0.54 -1.42 8.28
C THR A 12 -0.55 -1.70 9.32
N GLU A 13 -0.20 -1.74 10.61
CA GLU A 13 -1.09 -2.05 11.73
C GLU A 13 -1.92 -0.83 12.08
N GLY A 14 -3.24 -1.00 12.14
CA GLY A 14 -4.16 0.05 12.51
C GLY A 14 -4.67 0.82 11.29
N VAL A 15 -4.05 0.60 10.12
CA VAL A 15 -4.44 1.24 8.87
C VAL A 15 -5.71 0.65 8.25
N ASN A 16 -6.53 1.53 7.67
CA ASN A 16 -7.86 1.24 7.09
C ASN A 16 -8.00 1.95 5.74
N PRO A 17 -8.93 1.57 4.84
CA PRO A 17 -9.25 2.34 3.64
C PRO A 17 -10.02 3.62 3.98
N GLY A 18 -10.16 4.53 3.00
CA GLY A 18 -11.14 5.60 3.05
C GLY A 18 -10.71 6.85 3.83
N GLY A 19 -9.48 7.35 3.61
CA GLY A 19 -9.07 8.68 4.04
C GLY A 19 -9.46 9.73 3.00
N ASP A 20 -8.84 10.91 3.06
CA ASP A 20 -9.09 12.01 2.11
C ASP A 20 -7.88 12.95 2.04
N ARG A 21 -7.05 12.72 1.02
CA ARG A 21 -5.82 13.46 0.76
C ARG A 21 -4.88 13.47 1.99
N ASN A 22 -4.58 12.28 2.53
CA ASN A 22 -3.68 12.14 3.68
C ASN A 22 -2.18 12.28 3.30
N CYS A 23 -1.60 11.20 2.74
CA CYS A 23 -0.19 10.93 2.39
C CYS A 23 0.10 9.43 2.16
N PHE A 24 -0.66 8.55 2.85
CA PHE A 24 -0.61 7.10 2.69
C PHE A 24 -1.64 6.60 1.68
N ILE A 25 -1.26 5.61 0.90
CA ILE A 25 -2.11 4.89 -0.05
C ILE A 25 -2.44 3.53 0.55
N TYR A 26 -3.71 3.14 0.48
CA TYR A 26 -4.21 1.80 0.78
C TYR A 26 -4.51 1.08 -0.54
N CYS A 27 -4.08 -0.17 -0.69
CA CYS A 27 -4.21 -0.94 -1.93
C CYS A 27 -4.72 -2.33 -1.56
N SER A 28 -5.75 -2.83 -2.24
CA SER A 28 -6.43 -4.07 -1.86
C SER A 28 -6.88 -4.90 -3.07
N ASN A 29 -7.20 -6.17 -2.81
CA ASN A 29 -7.44 -7.21 -3.81
C ASN A 29 -6.16 -7.59 -4.60
N LEU A 30 -4.96 -7.43 -4.01
CA LEU A 30 -3.74 -8.01 -4.58
C LEU A 30 -3.83 -9.55 -4.52
N PRO A 31 -3.23 -10.28 -5.49
CA PRO A 31 -3.18 -11.74 -5.46
C PRO A 31 -2.24 -12.21 -4.34
N PHE A 32 -2.49 -13.39 -3.79
CA PHE A 32 -1.79 -13.91 -2.61
C PHE A 32 -0.34 -14.35 -2.87
N SER A 33 0.11 -14.34 -4.13
CA SER A 33 1.50 -14.57 -4.53
C SER A 33 2.41 -13.32 -4.41
N THR A 34 1.85 -12.16 -3.99
CA THR A 34 2.58 -10.88 -3.92
C THR A 34 3.56 -10.86 -2.74
N ALA A 35 4.71 -10.18 -2.94
CA ALA A 35 5.75 -9.93 -1.94
C ALA A 35 6.12 -8.42 -1.90
N ARG A 36 6.85 -7.98 -0.88
CA ARG A 36 7.15 -6.56 -0.61
C ARG A 36 7.76 -5.81 -1.81
N SER A 37 8.60 -6.47 -2.61
CA SER A 37 9.25 -5.88 -3.78
C SER A 37 8.27 -5.53 -4.91
N ASP A 38 7.06 -6.12 -4.93
CA ASP A 38 6.04 -5.86 -5.94
C ASP A 38 5.40 -4.46 -5.83
N LEU A 39 5.50 -3.81 -4.67
CA LEU A 39 4.92 -2.48 -4.47
C LEU A 39 5.63 -1.47 -5.39
N PHE A 40 6.97 -1.47 -5.37
CA PHE A 40 7.82 -0.57 -6.14
C PHE A 40 7.83 -0.90 -7.65
N ASP A 41 7.21 -2.00 -8.07
CA ASP A 41 6.98 -2.37 -9.47
C ASP A 41 5.95 -1.47 -10.17
N LEU A 42 4.75 -1.40 -9.59
CA LEU A 42 3.58 -0.70 -10.14
C LEU A 42 3.41 0.73 -9.59
N PHE A 43 3.94 1.01 -8.39
CA PHE A 43 3.97 2.35 -7.80
C PHE A 43 5.25 3.13 -8.16
N GLY A 44 6.39 2.46 -8.31
CA GLY A 44 7.69 3.09 -8.62
C GLY A 44 7.71 4.05 -9.82
N PRO A 45 7.02 3.80 -10.96
CA PRO A 45 6.96 4.71 -12.09
C PRO A 45 5.97 5.89 -11.91
N ILE A 46 5.19 5.93 -10.82
CA ILE A 46 4.26 7.04 -10.54
C ILE A 46 4.98 8.25 -9.93
N GLY A 47 5.94 7.98 -9.02
CA GLY A 47 6.70 8.97 -8.27
C GLY A 47 7.54 8.34 -7.15
N LYS A 48 7.99 9.15 -6.19
CA LYS A 48 8.86 8.69 -5.10
C LYS A 48 8.08 8.22 -3.85
N ILE A 49 8.08 6.90 -3.62
CA ILE A 49 7.55 6.26 -2.40
C ILE A 49 8.49 6.59 -1.22
N ASN A 50 7.95 7.14 -0.14
CA ASN A 50 8.65 7.31 1.13
C ASN A 50 8.90 5.95 1.83
N ASN A 51 7.89 5.07 1.83
CA ASN A 51 7.85 3.73 2.41
C ASN A 51 6.64 2.93 1.91
N ALA A 52 6.66 1.60 2.08
CA ALA A 52 5.60 0.69 1.64
C ALA A 52 5.77 -0.74 2.21
N GLU A 53 4.65 -1.40 2.54
CA GLU A 53 4.60 -2.70 3.24
C GLU A 53 3.25 -3.39 2.97
N LEU A 54 3.17 -4.69 3.27
CA LEU A 54 1.95 -5.51 3.12
C LEU A 54 1.23 -5.72 4.46
N LYS A 55 -0.11 -5.65 4.46
CA LYS A 55 -0.90 -5.64 5.70
C LYS A 55 -0.96 -7.04 6.36
N PRO A 56 -0.47 -7.23 7.61
CA PRO A 56 -0.43 -8.53 8.28
C PRO A 56 -1.79 -8.91 8.88
N GLN A 57 -1.95 -10.20 9.21
CA GLN A 57 -3.17 -10.81 9.70
C GLN A 57 -2.92 -11.67 10.95
N GLU A 58 -3.95 -11.84 11.78
CA GLU A 58 -3.89 -12.64 13.03
C GLU A 58 -3.62 -14.12 12.76
N ASN A 59 -4.12 -14.68 11.65
CA ASN A 59 -3.91 -16.09 11.31
C ASN A 59 -2.50 -16.36 10.73
N GLY A 60 -1.86 -15.33 10.15
CA GLY A 60 -0.68 -15.46 9.29
C GLY A 60 -1.01 -15.75 7.81
N GLN A 61 -2.30 -15.85 7.43
CA GLN A 61 -2.73 -15.94 6.03
C GLN A 61 -2.67 -14.55 5.36
N PRO A 62 -2.29 -14.46 4.06
CA PRO A 62 -2.14 -13.19 3.36
C PRO A 62 -3.48 -12.46 3.20
N THR A 63 -3.48 -11.15 3.47
CA THR A 63 -4.65 -10.26 3.37
C THR A 63 -5.04 -9.94 1.92
N GLY A 64 -4.05 -9.89 1.02
CA GLY A 64 -4.21 -9.26 -0.29
C GLY A 64 -4.28 -7.73 -0.20
N VAL A 65 -3.63 -7.11 0.79
CA VAL A 65 -3.58 -5.65 0.99
C VAL A 65 -2.13 -5.15 1.12
N ALA A 66 -1.86 -4.00 0.51
CA ALA A 66 -0.65 -3.19 0.74
C ALA A 66 -0.96 -1.80 1.31
N VAL A 67 0.02 -1.21 2.00
CA VAL A 67 0.07 0.25 2.30
C VAL A 67 1.28 0.83 1.58
N VAL A 68 1.15 2.05 1.07
CA VAL A 68 2.24 2.84 0.42
C VAL A 68 2.23 4.25 1.04
N GLU A 69 3.33 5.00 0.99
CA GLU A 69 3.46 6.35 1.57
C GLU A 69 4.33 7.19 0.62
N TYR A 70 4.01 8.46 0.40
CA TYR A 70 4.55 9.27 -0.71
C TYR A 70 5.03 10.66 -0.30
N GLU A 71 6.13 11.11 -0.94
CA GLU A 71 6.80 12.37 -0.57
C GLU A 71 5.93 13.62 -0.76
N ASN A 72 5.14 13.69 -1.85
CA ASN A 72 4.28 14.82 -2.16
C ASN A 72 2.83 14.35 -2.30
N LEU A 73 1.87 15.17 -1.86
CA LEU A 73 0.45 14.82 -1.93
C LEU A 73 -0.11 14.79 -3.36
N VAL A 74 0.56 15.45 -4.30
CA VAL A 74 0.33 15.25 -5.75
C VAL A 74 0.67 13.83 -6.23
N ASP A 75 1.68 13.17 -5.66
CA ASP A 75 2.09 11.82 -6.07
C ASP A 75 1.24 10.75 -5.41
N ALA A 76 0.87 10.95 -4.13
CA ALA A 76 -0.13 10.12 -3.45
C ALA A 76 -1.49 10.14 -4.20
N ASP A 77 -1.98 11.32 -4.58
CA ASP A 77 -3.17 11.44 -5.41
C ASP A 77 -3.05 10.69 -6.76
N PHE A 78 -1.92 10.86 -7.46
CA PHE A 78 -1.68 10.32 -8.81
C PHE A 78 -1.84 8.79 -8.89
N CYS A 79 -1.47 8.04 -7.84
CA CYS A 79 -1.69 6.60 -7.74
C CYS A 79 -3.17 6.24 -7.86
N ILE A 80 -4.03 6.89 -7.08
CA ILE A 80 -5.46 6.58 -7.02
C ILE A 80 -6.17 6.94 -8.36
N GLN A 81 -5.61 7.87 -9.12
CA GLN A 81 -6.07 8.20 -10.48
C GLN A 81 -5.83 7.07 -11.48
N LYS A 82 -4.64 6.42 -11.48
CA LYS A 82 -4.30 5.37 -12.45
C LYS A 82 -4.57 3.93 -11.99
N LEU A 83 -4.35 3.63 -10.71
CA LEU A 83 -4.25 2.25 -10.22
C LEU A 83 -5.60 1.64 -9.81
N ASN A 84 -6.66 2.44 -9.63
CA ASN A 84 -7.95 2.00 -9.04
C ASN A 84 -8.85 1.20 -10.01
N ASN A 85 -8.20 0.43 -10.88
CA ASN A 85 -8.69 -0.32 -12.04
C ASN A 85 -7.57 -1.20 -12.65
N TYR A 86 -6.44 -1.39 -11.96
CA TYR A 86 -5.21 -1.99 -12.48
C TYR A 86 -5.25 -3.52 -12.37
N ASN A 87 -5.19 -4.24 -13.49
CA ASN A 87 -5.21 -5.71 -13.50
C ASN A 87 -3.80 -6.28 -13.28
N TYR A 88 -3.68 -7.14 -12.26
CA TYR A 88 -2.42 -7.72 -11.80
C TYR A 88 -2.64 -9.14 -11.23
N GLY A 89 -2.02 -10.15 -11.85
CA GLY A 89 -2.24 -11.57 -11.50
C GLY A 89 -3.58 -12.14 -12.01
N GLY A 90 -4.39 -11.33 -12.70
CA GLY A 90 -5.80 -11.60 -13.02
C GLY A 90 -6.80 -10.90 -12.08
N CYS A 91 -6.30 -10.22 -11.04
CA CYS A 91 -7.10 -9.49 -10.05
C CYS A 91 -7.09 -7.97 -10.36
N SER A 92 -8.25 -7.32 -10.35
CA SER A 92 -8.32 -5.85 -10.47
C SER A 92 -8.08 -5.21 -9.11
N LEU A 93 -7.01 -4.40 -8.97
CA LEU A 93 -6.67 -3.77 -7.69
C LEU A 93 -7.62 -2.60 -7.38
N GLN A 94 -8.03 -2.54 -6.12
CA GLN A 94 -8.79 -1.43 -5.56
C GLN A 94 -7.82 -0.56 -4.75
N ILE A 95 -7.94 0.76 -4.82
CA ILE A 95 -6.95 1.70 -4.27
C ILE A 95 -7.68 2.88 -3.61
N SER A 96 -7.16 3.34 -2.48
CA SER A 96 -7.76 4.39 -1.64
C SER A 96 -6.68 5.15 -0.84
N TYR A 97 -7.06 6.19 -0.09
CA TYR A 97 -6.18 6.78 0.94
C TYR A 97 -6.21 5.93 2.21
N ALA A 98 -5.04 5.58 2.76
CA ALA A 98 -4.90 4.85 4.03
C ALA A 98 -5.22 5.81 5.18
N ARG A 99 -6.34 5.56 5.86
CA ARG A 99 -7.04 6.52 6.73
C ARG A 99 -6.27 6.83 8.02
N ARG A 100 -5.72 5.79 8.65
CA ARG A 100 -4.94 5.86 9.87
C ARG A 100 -3.58 5.14 9.76
N ASP A 101 -2.65 5.90 9.23
CA ASP A 101 -1.18 5.75 9.38
C ASP A 101 -0.57 4.63 8.49
N GLY A 1 17.22 7.32 20.12
CA GLY A 1 16.26 6.53 19.32
C GLY A 1 15.17 5.92 20.18
N SER A 2 14.88 4.62 20.00
CA SER A 2 13.95 3.79 20.80
C SER A 2 13.99 2.31 20.36
N HIS A 3 13.91 2.05 19.05
CA HIS A 3 13.94 0.71 18.43
C HIS A 3 14.30 0.77 16.93
N ILE A 4 14.31 -0.38 16.26
CA ILE A 4 14.55 -0.53 14.81
C ILE A 4 13.59 -1.56 14.17
N ASP A 5 13.22 -1.30 12.90
CA ASP A 5 12.52 -2.18 11.95
C ASP A 5 11.05 -2.52 12.27
N GLU A 6 10.67 -2.64 13.55
CA GLU A 6 9.30 -3.01 13.97
C GLU A 6 8.23 -1.99 13.54
N THR A 7 8.67 -0.78 13.15
CA THR A 7 7.82 0.25 12.55
C THR A 7 7.17 -0.19 11.24
N ALA A 8 7.79 -1.14 10.54
CA ALA A 8 7.22 -1.73 9.33
C ALA A 8 5.91 -2.51 9.57
N ALA A 9 5.63 -2.95 10.81
CA ALA A 9 4.33 -3.46 11.23
C ALA A 9 3.32 -2.31 11.39
N LYS A 10 3.71 -1.29 12.15
CA LYS A 10 2.87 -0.12 12.46
C LYS A 10 2.53 0.74 11.21
N PHE A 11 3.36 0.66 10.16
CA PHE A 11 3.10 1.22 8.84
C PHE A 11 1.84 0.64 8.16
N THR A 12 1.41 -0.56 8.55
CA THR A 12 0.25 -1.28 7.99
C THR A 12 -0.86 -1.59 9.01
N GLU A 13 -0.54 -1.66 10.30
CA GLU A 13 -1.47 -2.02 11.36
C GLU A 13 -2.34 -0.81 11.71
N GLY A 14 -3.66 -1.01 11.77
CA GLY A 14 -4.62 0.03 12.13
C GLY A 14 -5.09 0.82 10.91
N VAL A 15 -4.44 0.62 9.76
CA VAL A 15 -4.81 1.28 8.50
C VAL A 15 -6.08 0.71 7.87
N ASN A 16 -6.90 1.61 7.30
CA ASN A 16 -8.21 1.34 6.70
C ASN A 16 -8.33 2.09 5.35
N PRO A 17 -9.26 1.75 4.44
CA PRO A 17 -9.51 2.52 3.22
C PRO A 17 -10.22 3.86 3.50
N GLY A 18 -10.22 4.74 2.50
CA GLY A 18 -11.09 5.93 2.45
C GLY A 18 -10.76 7.02 3.48
N GLY A 19 -9.58 7.65 3.36
CA GLY A 19 -9.15 8.78 4.18
C GLY A 19 -9.61 10.12 3.62
N ASP A 20 -8.74 11.13 3.71
CA ASP A 20 -9.11 12.55 3.54
C ASP A 20 -7.96 13.38 2.94
N ARG A 21 -7.31 12.80 1.91
CA ARG A 21 -6.25 13.43 1.13
C ARG A 21 -5.03 13.72 2.02
N ASN A 22 -4.44 12.65 2.57
CA ASN A 22 -3.50 12.72 3.71
C ASN A 22 -2.00 12.53 3.36
N CYS A 23 -1.57 11.38 2.82
CA CYS A 23 -0.18 11.02 2.38
C CYS A 23 0.06 9.52 2.11
N PHE A 24 -0.71 8.63 2.76
CA PHE A 24 -0.61 7.17 2.60
C PHE A 24 -1.68 6.66 1.62
N ILE A 25 -1.30 5.67 0.81
CA ILE A 25 -2.14 4.96 -0.16
C ILE A 25 -2.49 3.61 0.44
N TYR A 26 -3.75 3.22 0.30
CA TYR A 26 -4.26 1.90 0.68
C TYR A 26 -4.67 1.15 -0.60
N CYS A 27 -4.24 -0.11 -0.72
CA CYS A 27 -4.33 -0.93 -1.93
C CYS A 27 -4.86 -2.31 -1.53
N SER A 28 -5.87 -2.83 -2.22
CA SER A 28 -6.58 -4.04 -1.78
C SER A 28 -6.99 -4.93 -2.96
N ASN A 29 -7.28 -6.20 -2.67
CA ASN A 29 -7.53 -7.28 -3.64
C ASN A 29 -6.27 -7.67 -4.44
N LEU A 30 -5.07 -7.49 -3.86
CA LEU A 30 -3.84 -8.06 -4.44
C LEU A 30 -3.91 -9.60 -4.37
N PRO A 31 -3.33 -10.33 -5.35
CA PRO A 31 -3.28 -11.79 -5.34
C PRO A 31 -2.33 -12.27 -4.23
N PHE A 32 -2.60 -13.45 -3.67
CA PHE A 32 -1.88 -13.97 -2.51
C PHE A 32 -0.43 -14.44 -2.80
N SER A 33 -0.03 -14.45 -4.06
CA SER A 33 1.36 -14.70 -4.51
C SER A 33 2.28 -13.46 -4.41
N THR A 34 1.75 -12.31 -3.96
CA THR A 34 2.47 -11.02 -3.90
C THR A 34 3.55 -11.03 -2.80
N ALA A 35 4.67 -10.34 -3.07
CA ALA A 35 5.79 -10.13 -2.16
C ALA A 35 6.14 -8.64 -2.03
N ARG A 36 7.01 -8.28 -1.06
CA ARG A 36 7.31 -6.89 -0.69
C ARG A 36 7.80 -6.02 -1.86
N SER A 37 8.57 -6.61 -2.77
CA SER A 37 9.12 -5.92 -3.95
C SER A 37 8.06 -5.56 -5.00
N ASP A 38 6.86 -6.16 -4.94
CA ASP A 38 5.79 -5.93 -5.91
C ASP A 38 5.17 -4.53 -5.83
N LEU A 39 5.29 -3.88 -4.67
CA LEU A 39 4.81 -2.50 -4.48
C LEU A 39 5.63 -1.57 -5.38
N PHE A 40 6.96 -1.64 -5.27
CA PHE A 40 7.91 -0.83 -6.03
C PHE A 40 7.96 -1.18 -7.53
N ASP A 41 7.29 -2.26 -7.94
CA ASP A 41 7.03 -2.63 -9.34
C ASP A 41 6.01 -1.70 -10.03
N LEU A 42 4.81 -1.61 -9.46
CA LEU A 42 3.65 -0.93 -10.06
C LEU A 42 3.43 0.50 -9.53
N PHE A 43 3.94 0.80 -8.33
CA PHE A 43 3.97 2.15 -7.78
C PHE A 43 5.27 2.89 -8.16
N GLY A 44 6.39 2.18 -8.32
CA GLY A 44 7.70 2.77 -8.65
C GLY A 44 7.73 3.73 -9.86
N PRO A 45 7.05 3.45 -10.99
CA PRO A 45 7.00 4.36 -12.14
C PRO A 45 6.02 5.54 -11.97
N ILE A 46 5.22 5.60 -10.90
CA ILE A 46 4.34 6.75 -10.60
C ILE A 46 5.15 7.91 -10.01
N GLY A 47 6.16 7.61 -9.18
CA GLY A 47 7.03 8.60 -8.53
C GLY A 47 7.82 8.08 -7.33
N LYS A 48 7.85 8.90 -6.28
CA LYS A 48 8.77 8.78 -5.12
C LYS A 48 8.04 8.38 -3.82
N ILE A 49 7.78 7.08 -3.74
CA ILE A 49 7.46 6.32 -2.51
C ILE A 49 8.52 6.68 -1.44
N ASN A 50 8.07 7.12 -0.27
CA ASN A 50 8.89 7.29 0.93
C ASN A 50 8.89 6.04 1.85
N ASN A 51 7.89 5.15 1.73
CA ASN A 51 7.82 3.80 2.33
C ASN A 51 6.62 2.99 1.80
N ALA A 52 6.63 1.67 1.98
CA ALA A 52 5.56 0.76 1.51
C ALA A 52 5.70 -0.66 2.09
N GLU A 53 4.59 -1.29 2.48
CA GLU A 53 4.55 -2.59 3.18
C GLU A 53 3.20 -3.30 2.92
N LEU A 54 3.13 -4.61 3.19
CA LEU A 54 1.92 -5.44 3.04
C LEU A 54 1.23 -5.68 4.39
N LYS A 55 -0.10 -5.64 4.45
CA LYS A 55 -0.81 -5.75 5.73
C LYS A 55 -0.69 -7.16 6.37
N PRO A 56 -0.18 -7.29 7.62
CA PRO A 56 -0.04 -8.55 8.34
C PRO A 56 -1.39 -9.04 8.91
N GLN A 57 -1.40 -10.27 9.44
CA GLN A 57 -2.56 -10.99 9.95
C GLN A 57 -2.06 -12.10 10.91
N GLU A 58 -2.69 -12.24 12.08
CA GLU A 58 -2.17 -13.03 13.21
C GLU A 58 -2.04 -14.53 12.91
N ASN A 59 -2.88 -15.09 12.03
CA ASN A 59 -2.82 -16.51 11.64
C ASN A 59 -1.69 -16.83 10.63
N GLY A 60 -0.97 -15.81 10.13
CA GLY A 60 0.16 -15.95 9.20
C GLY A 60 -0.23 -16.03 7.72
N GLN A 61 -1.53 -15.96 7.39
CA GLN A 61 -2.04 -16.00 6.01
C GLN A 61 -2.03 -14.59 5.40
N PRO A 62 -1.75 -14.44 4.09
CA PRO A 62 -1.71 -13.13 3.42
C PRO A 62 -3.11 -12.50 3.34
N THR A 63 -3.16 -11.17 3.51
CA THR A 63 -4.40 -10.38 3.54
C THR A 63 -4.92 -9.98 2.17
N GLY A 64 -4.04 -9.89 1.17
CA GLY A 64 -4.34 -9.28 -0.13
C GLY A 64 -4.40 -7.74 -0.06
N VAL A 65 -3.76 -7.11 0.94
CA VAL A 65 -3.70 -5.63 1.10
C VAL A 65 -2.25 -5.15 1.17
N ALA A 66 -1.99 -4.00 0.53
CA ALA A 66 -0.77 -3.20 0.72
C ALA A 66 -1.08 -1.78 1.23
N VAL A 67 -0.08 -1.16 1.86
CA VAL A 67 -0.03 0.29 2.12
C VAL A 67 1.20 0.86 1.41
N VAL A 68 1.10 2.09 0.93
CA VAL A 68 2.19 2.84 0.28
C VAL A 68 2.20 4.26 0.89
N GLU A 69 3.33 4.97 0.85
CA GLU A 69 3.51 6.28 1.48
C GLU A 69 4.45 7.10 0.61
N TYR A 70 4.12 8.36 0.34
CA TYR A 70 4.72 9.16 -0.73
C TYR A 70 5.27 10.52 -0.25
N GLU A 71 6.35 10.95 -0.91
CA GLU A 71 7.05 12.21 -0.65
C GLU A 71 6.10 13.43 -0.65
N ASN A 72 5.17 13.52 -1.62
CA ASN A 72 4.23 14.64 -1.75
C ASN A 72 2.80 14.12 -1.98
N LEU A 73 1.81 14.90 -1.56
CA LEU A 73 0.38 14.56 -1.72
C LEU A 73 -0.07 14.52 -3.19
N VAL A 74 0.62 15.23 -4.08
CA VAL A 74 0.42 15.10 -5.55
C VAL A 74 0.81 13.72 -6.09
N ASP A 75 1.88 13.09 -5.56
CA ASP A 75 2.32 11.77 -6.02
C ASP A 75 1.43 10.67 -5.44
N ALA A 76 1.05 10.81 -4.16
CA ALA A 76 0.06 9.96 -3.52
C ALA A 76 -1.28 9.97 -4.28
N ASP A 77 -1.86 11.14 -4.53
CA ASP A 77 -3.07 11.27 -5.32
C ASP A 77 -2.94 10.67 -6.72
N PHE A 78 -1.78 10.81 -7.37
CA PHE A 78 -1.53 10.26 -8.71
C PHE A 78 -1.66 8.73 -8.80
N CYS A 79 -1.31 7.98 -7.74
CA CYS A 79 -1.62 6.55 -7.65
C CYS A 79 -3.12 6.29 -7.68
N ILE A 80 -3.88 7.07 -6.92
CA ILE A 80 -5.34 6.94 -6.77
C ILE A 80 -6.05 7.41 -8.05
N GLN A 81 -5.42 8.26 -8.88
CA GLN A 81 -5.88 8.56 -10.24
C GLN A 81 -5.61 7.40 -11.22
N LYS A 82 -4.44 6.76 -11.18
CA LYS A 82 -4.00 5.81 -12.22
C LYS A 82 -4.33 4.33 -11.94
N LEU A 83 -4.22 3.88 -10.69
CA LEU A 83 -4.23 2.46 -10.31
C LEU A 83 -5.64 1.94 -9.98
N ASN A 84 -6.66 2.80 -9.84
CA ASN A 84 -8.02 2.49 -9.36
C ASN A 84 -8.85 1.54 -10.27
N ASN A 85 -8.20 0.90 -11.24
CA ASN A 85 -8.70 0.06 -12.32
C ASN A 85 -7.61 -0.90 -12.84
N TYR A 86 -6.49 -1.04 -12.13
CA TYR A 86 -5.29 -1.77 -12.55
C TYR A 86 -5.45 -3.28 -12.35
N ASN A 87 -5.22 -4.06 -13.41
CA ASN A 87 -5.28 -5.53 -13.39
C ASN A 87 -3.89 -6.14 -13.16
N TYR A 88 -3.83 -7.11 -12.24
CA TYR A 88 -2.59 -7.74 -11.77
C TYR A 88 -2.85 -9.14 -11.19
N GLY A 89 -2.21 -10.17 -11.77
CA GLY A 89 -2.42 -11.58 -11.37
C GLY A 89 -3.74 -12.20 -11.85
N GLY A 90 -4.56 -11.44 -12.59
CA GLY A 90 -5.97 -11.75 -12.89
C GLY A 90 -6.98 -11.04 -11.98
N CYS A 91 -6.50 -10.25 -11.00
CA CYS A 91 -7.31 -9.48 -10.06
C CYS A 91 -7.27 -7.97 -10.41
N SER A 92 -8.41 -7.29 -10.40
CA SER A 92 -8.45 -5.82 -10.41
C SER A 92 -8.18 -5.30 -8.98
N LEU A 93 -7.27 -4.32 -8.82
CA LEU A 93 -6.92 -3.78 -7.51
C LEU A 93 -7.86 -2.62 -7.14
N GLN A 94 -8.28 -2.60 -5.88
CA GLN A 94 -8.97 -1.47 -5.26
C GLN A 94 -7.91 -0.54 -4.66
N ILE A 95 -8.03 0.76 -4.87
CA ILE A 95 -7.02 1.76 -4.46
C ILE A 95 -7.72 2.99 -3.89
N SER A 96 -7.21 3.51 -2.78
CA SER A 96 -7.73 4.71 -2.13
C SER A 96 -6.67 5.39 -1.24
N TYR A 97 -7.03 6.50 -0.60
CA TYR A 97 -6.23 7.08 0.49
C TYR A 97 -6.44 6.23 1.75
N ALA A 98 -5.37 5.76 2.37
CA ALA A 98 -5.38 5.18 3.72
C ALA A 98 -5.96 6.17 4.75
N ARG A 99 -6.92 5.74 5.57
CA ARG A 99 -7.60 6.62 6.54
C ARG A 99 -6.76 6.90 7.80
N ARG A 100 -6.12 5.87 8.35
CA ARG A 100 -5.29 5.92 9.53
C ARG A 100 -3.93 5.22 9.35
N ASP A 101 -3.00 6.01 8.85
CA ASP A 101 -1.53 5.84 8.94
C ASP A 101 -0.97 4.73 8.01
N GLY A 1 22.08 -10.60 7.71
CA GLY A 1 21.40 -10.46 9.02
C GLY A 1 19.90 -10.72 8.92
N SER A 2 19.25 -10.93 10.06
CA SER A 2 17.80 -11.14 10.17
C SER A 2 17.01 -9.82 10.31
N HIS A 3 15.71 -9.84 10.02
CA HIS A 3 14.83 -8.66 10.14
C HIS A 3 14.61 -8.21 11.61
N ILE A 4 14.55 -6.89 11.81
CA ILE A 4 14.38 -6.24 13.13
C ILE A 4 13.52 -4.96 13.10
N ASP A 5 13.22 -4.41 11.90
CA ASP A 5 12.47 -3.16 11.73
C ASP A 5 10.95 -3.39 11.84
N GLU A 6 10.50 -3.71 13.05
CA GLU A 6 9.09 -3.96 13.40
C GLU A 6 8.14 -2.77 13.13
N THR A 7 8.69 -1.56 12.90
CA THR A 7 7.92 -0.36 12.50
C THR A 7 7.17 -0.52 11.18
N ALA A 8 7.60 -1.46 10.33
CA ALA A 8 6.87 -1.87 9.14
C ALA A 8 5.48 -2.49 9.43
N ALA A 9 5.28 -3.06 10.63
CA ALA A 9 3.96 -3.46 11.11
C ALA A 9 3.15 -2.23 11.52
N LYS A 10 3.75 -1.28 12.26
CA LYS A 10 3.08 -0.04 12.64
C LYS A 10 2.66 0.80 11.41
N PHE A 11 3.43 0.73 10.32
CA PHE A 11 3.13 1.34 9.01
C PHE A 11 1.86 0.76 8.33
N THR A 12 1.39 -0.44 8.73
CA THR A 12 0.23 -1.14 8.13
C THR A 12 -0.90 -1.40 9.13
N GLU A 13 -0.61 -1.44 10.42
CA GLU A 13 -1.53 -1.74 11.52
C GLU A 13 -2.43 -0.53 11.79
N GLY A 14 -3.74 -0.75 11.84
CA GLY A 14 -4.71 0.29 12.15
C GLY A 14 -5.16 1.02 10.87
N VAL A 15 -4.50 0.77 9.74
CA VAL A 15 -4.84 1.39 8.47
C VAL A 15 -6.10 0.80 7.81
N ASN A 16 -6.90 1.68 7.19
CA ASN A 16 -8.21 1.39 6.59
C ASN A 16 -8.34 2.14 5.24
N PRO A 17 -9.27 1.81 4.33
CA PRO A 17 -9.52 2.59 3.11
C PRO A 17 -10.23 3.91 3.40
N GLY A 18 -10.23 4.83 2.44
CA GLY A 18 -11.11 6.01 2.40
C GLY A 18 -10.70 7.17 3.31
N GLY A 19 -9.44 7.63 3.22
CA GLY A 19 -8.94 8.84 3.90
C GLY A 19 -9.18 10.11 3.08
N ASP A 20 -9.12 11.26 3.74
CA ASP A 20 -9.40 12.58 3.17
C ASP A 20 -8.11 13.32 2.76
N ARG A 21 -7.47 12.81 1.68
CA ARG A 21 -6.39 13.47 0.96
C ARG A 21 -5.18 13.76 1.86
N ASN A 22 -4.57 12.68 2.38
CA ASN A 22 -3.62 12.75 3.51
C ASN A 22 -2.13 12.52 3.17
N CYS A 23 -1.78 11.42 2.46
CA CYS A 23 -0.44 11.04 1.92
C CYS A 23 -0.35 9.53 1.65
N PHE A 24 -0.81 8.72 2.60
CA PHE A 24 -0.74 7.27 2.54
C PHE A 24 -1.79 6.71 1.56
N ILE A 25 -1.40 5.70 0.80
CA ILE A 25 -2.21 4.98 -0.18
C ILE A 25 -2.55 3.63 0.43
N TYR A 26 -3.81 3.22 0.27
CA TYR A 26 -4.31 1.91 0.65
C TYR A 26 -4.67 1.13 -0.63
N CYS A 27 -4.20 -0.12 -0.73
CA CYS A 27 -4.28 -0.95 -1.93
C CYS A 27 -4.77 -2.34 -1.51
N SER A 28 -5.79 -2.88 -2.15
CA SER A 28 -6.48 -4.10 -1.70
C SER A 28 -6.84 -5.01 -2.88
N ASN A 29 -7.12 -6.28 -2.58
CA ASN A 29 -7.36 -7.38 -3.54
C ASN A 29 -6.07 -7.79 -4.31
N LEU A 30 -4.89 -7.57 -3.73
CA LEU A 30 -3.65 -8.13 -4.28
C LEU A 30 -3.68 -9.68 -4.16
N PRO A 31 -3.11 -10.43 -5.13
CA PRO A 31 -3.01 -11.88 -5.04
C PRO A 31 -2.02 -12.28 -3.94
N PHE A 32 -2.24 -13.45 -3.33
CA PHE A 32 -1.46 -13.92 -2.18
C PHE A 32 -0.02 -14.33 -2.51
N SER A 33 0.34 -14.36 -3.79
CA SER A 33 1.71 -14.57 -4.30
C SER A 33 2.59 -13.30 -4.23
N THR A 34 2.04 -12.14 -3.82
CA THR A 34 2.74 -10.85 -3.77
C THR A 34 3.82 -10.83 -2.67
N ALA A 35 4.94 -10.17 -2.98
CA ALA A 35 6.07 -9.94 -2.06
C ALA A 35 6.39 -8.43 -1.93
N ARG A 36 7.26 -8.06 -1.00
CA ARG A 36 7.52 -6.65 -0.62
C ARG A 36 8.02 -5.78 -1.78
N SER A 37 8.81 -6.35 -2.68
CA SER A 37 9.35 -5.66 -3.87
C SER A 37 8.28 -5.35 -4.94
N ASP A 38 7.08 -5.96 -4.86
CA ASP A 38 6.01 -5.74 -5.83
C ASP A 38 5.38 -4.35 -5.75
N LEU A 39 5.49 -3.69 -4.60
CA LEU A 39 4.97 -2.34 -4.40
C LEU A 39 5.75 -1.35 -5.29
N PHE A 40 7.07 -1.40 -5.19
CA PHE A 40 8.02 -0.57 -5.94
C PHE A 40 8.08 -0.91 -7.45
N ASP A 41 7.44 -2.00 -7.86
CA ASP A 41 7.23 -2.39 -9.27
C ASP A 41 6.21 -1.49 -9.98
N LEU A 42 5.01 -1.39 -9.42
CA LEU A 42 3.84 -0.72 -10.03
C LEU A 42 3.58 0.70 -9.49
N PHE A 43 4.06 1.01 -8.29
CA PHE A 43 4.04 2.37 -7.73
C PHE A 43 5.32 3.16 -8.07
N GLY A 44 6.47 2.49 -8.20
CA GLY A 44 7.77 3.12 -8.48
C GLY A 44 7.80 4.10 -9.66
N PRO A 45 7.15 3.82 -10.83
CA PRO A 45 7.11 4.76 -11.95
C PRO A 45 6.08 5.89 -11.82
N ILE A 46 5.24 5.92 -10.77
CA ILE A 46 4.27 7.00 -10.54
C ILE A 46 4.95 8.24 -9.93
N GLY A 47 5.84 8.03 -8.96
CA GLY A 47 6.56 9.08 -8.23
C GLY A 47 7.45 8.52 -7.11
N LYS A 48 7.82 9.37 -6.15
CA LYS A 48 8.70 9.01 -5.03
C LYS A 48 7.90 8.43 -3.83
N ILE A 49 7.93 7.11 -3.67
CA ILE A 49 7.48 6.43 -2.44
C ILE A 49 8.45 6.81 -1.31
N ASN A 50 7.93 7.30 -0.20
CA ASN A 50 8.67 7.51 1.05
C ASN A 50 8.87 6.18 1.83
N ASN A 51 7.85 5.30 1.80
CA ASN A 51 7.81 3.96 2.40
C ASN A 51 6.59 3.17 1.90
N ALA A 52 6.59 1.84 2.07
CA ALA A 52 5.54 0.93 1.60
C ALA A 52 5.70 -0.50 2.13
N GLU A 53 4.59 -1.14 2.55
CA GLU A 53 4.57 -2.42 3.28
C GLU A 53 3.23 -3.14 3.06
N LEU A 54 3.17 -4.44 3.39
CA LEU A 54 1.98 -5.30 3.24
C LEU A 54 1.27 -5.55 4.58
N LYS A 55 -0.06 -5.55 4.60
CA LYS A 55 -0.79 -5.62 5.88
C LYS A 55 -0.69 -7.02 6.56
N PRO A 56 -0.21 -7.12 7.81
CA PRO A 56 -0.13 -8.36 8.59
C PRO A 56 -1.50 -8.77 9.15
N GLN A 57 -1.58 -9.99 9.69
CA GLN A 57 -2.77 -10.64 10.19
C GLN A 57 -2.37 -11.73 11.21
N GLU A 58 -3.15 -11.89 12.28
CA GLU A 58 -2.77 -12.69 13.47
C GLU A 58 -2.58 -14.20 13.22
N ASN A 59 -3.17 -14.75 12.15
CA ASN A 59 -3.06 -16.18 11.79
C ASN A 59 -1.81 -16.50 10.92
N GLY A 60 -1.00 -15.48 10.58
CA GLY A 60 0.21 -15.62 9.75
C GLY A 60 -0.04 -15.71 8.24
N GLN A 61 -1.30 -15.66 7.79
CA GLN A 61 -1.68 -15.81 6.38
C GLN A 61 -1.90 -14.43 5.73
N PRO A 62 -1.59 -14.25 4.44
CA PRO A 62 -1.59 -12.94 3.78
C PRO A 62 -3.01 -12.36 3.63
N THR A 63 -3.10 -11.02 3.76
CA THR A 63 -4.35 -10.25 3.71
C THR A 63 -4.81 -9.92 2.29
N GLY A 64 -3.88 -9.85 1.33
CA GLY A 64 -4.13 -9.24 0.02
C GLY A 64 -4.23 -7.71 0.08
N VAL A 65 -3.62 -7.06 1.07
CA VAL A 65 -3.58 -5.58 1.21
C VAL A 65 -2.14 -5.08 1.28
N ALA A 66 -1.88 -3.95 0.62
CA ALA A 66 -0.69 -3.12 0.79
C ALA A 66 -1.02 -1.69 1.26
N VAL A 67 -0.03 -1.04 1.89
CA VAL A 67 -0.02 0.40 2.18
C VAL A 67 1.21 1.01 1.50
N VAL A 68 1.10 2.26 1.05
CA VAL A 68 2.19 3.05 0.43
C VAL A 68 2.16 4.45 1.05
N GLU A 69 3.26 5.20 1.04
CA GLU A 69 3.41 6.51 1.67
C GLU A 69 4.30 7.36 0.76
N TYR A 70 3.94 8.63 0.50
CA TYR A 70 4.45 9.38 -0.67
C TYR A 70 5.03 10.76 -0.37
N GLU A 71 6.09 11.13 -1.12
CA GLU A 71 6.82 12.39 -0.96
C GLU A 71 5.90 13.64 -1.01
N ASN A 72 4.93 13.67 -1.93
CA ASN A 72 4.01 14.79 -2.11
C ASN A 72 2.58 14.28 -2.32
N LEU A 73 1.59 15.04 -1.87
CA LEU A 73 0.17 14.68 -1.99
C LEU A 73 -0.33 14.64 -3.45
N VAL A 74 0.36 15.32 -4.37
CA VAL A 74 0.13 15.17 -5.83
C VAL A 74 0.52 13.78 -6.36
N ASP A 75 1.56 13.14 -5.81
CA ASP A 75 2.01 11.81 -6.25
C ASP A 75 1.13 10.72 -5.63
N ALA A 76 0.77 10.91 -4.36
CA ALA A 76 -0.23 10.08 -3.67
C ALA A 76 -1.58 10.09 -4.41
N ASP A 77 -2.11 11.28 -4.75
CA ASP A 77 -3.32 11.40 -5.57
C ASP A 77 -3.14 10.74 -6.94
N PHE A 78 -1.97 10.87 -7.59
CA PHE A 78 -1.70 10.27 -8.91
C PHE A 78 -1.80 8.75 -8.92
N CYS A 79 -1.40 8.05 -7.85
CA CYS A 79 -1.66 6.60 -7.70
C CYS A 79 -3.14 6.30 -7.76
N ILE A 80 -3.93 7.05 -7.00
CA ILE A 80 -5.38 6.86 -6.85
C ILE A 80 -6.13 7.29 -8.14
N GLN A 81 -5.52 8.15 -8.98
CA GLN A 81 -5.97 8.40 -10.35
C GLN A 81 -5.65 7.23 -11.30
N LYS A 82 -4.44 6.65 -11.24
CA LYS A 82 -3.94 5.72 -12.27
C LYS A 82 -4.19 4.22 -12.00
N LEU A 83 -4.13 3.79 -10.74
CA LEU A 83 -4.12 2.37 -10.34
C LEU A 83 -5.52 1.82 -10.04
N ASN A 84 -6.55 2.65 -9.90
CA ASN A 84 -7.88 2.28 -9.36
C ASN A 84 -8.67 1.22 -10.18
N ASN A 85 -8.13 0.76 -11.31
CA ASN A 85 -8.67 -0.31 -12.17
C ASN A 85 -7.57 -1.30 -12.65
N TYR A 86 -6.37 -1.23 -12.05
CA TYR A 86 -5.18 -1.98 -12.44
C TYR A 86 -5.34 -3.48 -12.20
N ASN A 87 -5.20 -4.30 -13.25
CA ASN A 87 -5.22 -5.76 -13.15
C ASN A 87 -3.81 -6.33 -12.90
N TYR A 88 -3.70 -7.23 -11.93
CA TYR A 88 -2.43 -7.82 -11.46
C TYR A 88 -2.64 -9.23 -10.89
N GLY A 89 -2.06 -10.25 -11.53
CA GLY A 89 -2.41 -11.66 -11.30
C GLY A 89 -3.75 -12.08 -11.95
N GLY A 90 -4.41 -11.14 -12.65
CA GLY A 90 -5.81 -11.19 -13.09
C GLY A 90 -6.71 -10.33 -12.20
N CYS A 91 -6.42 -10.27 -10.90
CA CYS A 91 -7.17 -9.52 -9.89
C CYS A 91 -7.14 -8.00 -10.14
N SER A 92 -8.31 -7.36 -10.18
CA SER A 92 -8.42 -5.89 -10.20
C SER A 92 -8.10 -5.33 -8.81
N LEU A 93 -7.04 -4.51 -8.67
CA LEU A 93 -6.67 -3.92 -7.38
C LEU A 93 -7.61 -2.76 -7.05
N GLN A 94 -8.05 -2.71 -5.79
CA GLN A 94 -8.88 -1.65 -5.25
C GLN A 94 -7.94 -0.64 -4.57
N ILE A 95 -8.01 0.65 -4.92
CA ILE A 95 -7.02 1.66 -4.53
C ILE A 95 -7.73 2.90 -3.99
N SER A 96 -7.23 3.44 -2.88
CA SER A 96 -7.76 4.65 -2.25
C SER A 96 -6.70 5.33 -1.35
N TYR A 97 -7.07 6.43 -0.70
CA TYR A 97 -6.27 7.00 0.39
C TYR A 97 -6.47 6.13 1.65
N ALA A 98 -5.38 5.75 2.32
CA ALA A 98 -5.41 5.20 3.68
C ALA A 98 -6.01 6.21 4.67
N ARG A 99 -6.98 5.79 5.51
CA ARG A 99 -7.67 6.69 6.46
C ARG A 99 -6.85 6.98 7.72
N ARG A 100 -6.19 5.96 8.27
CA ARG A 100 -5.38 6.03 9.47
C ARG A 100 -4.02 5.32 9.34
N ASP A 101 -3.07 6.11 8.87
CA ASP A 101 -1.60 5.95 9.00
C ASP A 101 -1.00 4.84 8.11
N GLY A 1 16.33 -1.99 24.22
CA GLY A 1 16.78 -2.05 22.81
C GLY A 1 15.98 -3.05 22.00
N SER A 2 16.65 -3.97 21.30
CA SER A 2 16.07 -5.12 20.57
C SER A 2 15.28 -4.76 19.29
N HIS A 3 15.37 -3.51 18.82
CA HIS A 3 14.70 -3.03 17.60
C HIS A 3 15.38 -3.54 16.30
N ILE A 4 14.58 -3.69 15.23
CA ILE A 4 15.04 -4.08 13.87
C ILE A 4 14.01 -3.72 12.78
N ASP A 5 12.73 -4.04 12.96
CA ASP A 5 11.72 -3.99 11.87
C ASP A 5 10.26 -3.73 12.30
N GLU A 6 9.97 -3.61 13.60
CA GLU A 6 8.59 -3.45 14.10
C GLU A 6 7.92 -2.13 13.66
N THR A 7 8.68 -1.20 13.07
CA THR A 7 8.12 -0.03 12.36
C THR A 7 7.40 -0.37 11.07
N ALA A 8 7.77 -1.46 10.40
CA ALA A 8 7.01 -1.93 9.23
C ALA A 8 5.62 -2.48 9.60
N ALA A 9 5.44 -2.94 10.84
CA ALA A 9 4.14 -3.25 11.42
C ALA A 9 3.40 -1.94 11.75
N LYS A 10 4.07 -0.99 12.38
CA LYS A 10 3.52 0.34 12.69
C LYS A 10 3.03 1.09 11.42
N PHE A 11 3.66 0.79 10.28
CA PHE A 11 3.33 1.31 8.95
C PHE A 11 2.05 0.69 8.34
N THR A 12 1.61 -0.51 8.78
CA THR A 12 0.44 -1.22 8.20
C THR A 12 -0.68 -1.52 9.21
N GLU A 13 -0.40 -1.58 10.50
CA GLU A 13 -1.34 -1.92 11.57
C GLU A 13 -2.19 -0.70 11.89
N GLY A 14 -3.51 -0.88 11.90
CA GLY A 14 -4.46 0.17 12.25
C GLY A 14 -4.93 0.93 11.02
N VAL A 15 -4.26 0.73 9.87
CA VAL A 15 -4.67 1.33 8.59
C VAL A 15 -5.96 0.76 8.02
N ASN A 16 -6.79 1.66 7.45
CA ASN A 16 -8.12 1.38 6.90
C ASN A 16 -8.26 2.09 5.53
N PRO A 17 -9.17 1.68 4.64
CA PRO A 17 -9.47 2.40 3.40
C PRO A 17 -10.24 3.69 3.67
N GLY A 18 -10.24 4.61 2.70
CA GLY A 18 -11.20 5.72 2.64
C GLY A 18 -10.79 6.94 3.46
N GLY A 19 -9.57 7.45 3.25
CA GLY A 19 -9.18 8.79 3.69
C GLY A 19 -9.56 9.83 2.64
N ASP A 20 -9.00 11.05 2.75
CA ASP A 20 -9.26 12.15 1.82
C ASP A 20 -8.05 13.08 1.76
N ARG A 21 -7.18 12.83 0.76
CA ARG A 21 -5.95 13.56 0.49
C ARG A 21 -5.03 13.60 1.73
N ASN A 22 -4.67 12.42 2.26
CA ASN A 22 -3.78 12.31 3.43
C ASN A 22 -2.28 12.44 3.09
N CYS A 23 -1.69 11.37 2.49
CA CYS A 23 -0.29 11.11 2.04
C CYS A 23 0.02 9.59 1.96
N PHE A 24 -0.73 8.76 2.69
CA PHE A 24 -0.69 7.29 2.57
C PHE A 24 -1.73 6.77 1.56
N ILE A 25 -1.37 5.73 0.82
CA ILE A 25 -2.21 5.01 -0.15
C ILE A 25 -2.53 3.64 0.44
N TYR A 26 -3.78 3.20 0.25
CA TYR A 26 -4.29 1.87 0.55
C TYR A 26 -4.52 1.08 -0.74
N CYS A 27 -4.08 -0.17 -0.81
CA CYS A 27 -4.19 -1.04 -1.99
C CYS A 27 -4.71 -2.41 -1.53
N SER A 28 -5.70 -2.97 -2.19
CA SER A 28 -6.41 -4.17 -1.71
C SER A 28 -6.81 -5.12 -2.85
N ASN A 29 -7.10 -6.38 -2.50
CA ASN A 29 -7.35 -7.51 -3.39
C ASN A 29 -6.08 -7.96 -4.16
N LEU A 30 -4.88 -7.68 -3.61
CA LEU A 30 -3.64 -8.27 -4.14
C LEU A 30 -3.68 -9.80 -3.93
N PRO A 31 -3.18 -10.62 -4.89
CA PRO A 31 -3.09 -12.05 -4.73
C PRO A 31 -1.98 -12.40 -3.73
N PHE A 32 -2.10 -13.55 -3.06
CA PHE A 32 -1.24 -13.92 -1.92
C PHE A 32 0.22 -14.31 -2.30
N SER A 33 0.54 -14.35 -3.60
CA SER A 33 1.92 -14.55 -4.09
C SER A 33 2.76 -13.26 -4.06
N THR A 34 2.14 -12.10 -3.77
CA THR A 34 2.80 -10.77 -3.77
C THR A 34 3.80 -10.62 -2.61
N ALA A 35 4.88 -9.89 -2.84
CA ALA A 35 5.91 -9.50 -1.85
C ALA A 35 6.22 -7.99 -1.93
N ARG A 36 6.96 -7.44 -0.95
CA ARG A 36 7.27 -6.00 -0.84
C ARG A 36 7.86 -5.39 -2.13
N SER A 37 8.71 -6.13 -2.84
CA SER A 37 9.33 -5.68 -4.10
C SER A 37 8.32 -5.41 -5.24
N ASP A 38 7.11 -5.99 -5.17
CA ASP A 38 6.04 -5.76 -6.15
C ASP A 38 5.42 -4.35 -6.06
N LEU A 39 5.55 -3.68 -4.91
CA LEU A 39 4.92 -2.38 -4.68
C LEU A 39 5.58 -1.32 -5.59
N PHE A 40 6.90 -1.19 -5.50
CA PHE A 40 7.71 -0.27 -6.28
C PHE A 40 7.74 -0.58 -7.79
N ASP A 41 7.16 -1.71 -8.21
CA ASP A 41 6.96 -2.11 -9.61
C ASP A 41 5.93 -1.26 -10.34
N LEU A 42 4.75 -1.09 -9.71
CA LEU A 42 3.60 -0.36 -10.25
C LEU A 42 3.41 1.02 -9.63
N PHE A 43 3.93 1.24 -8.42
CA PHE A 43 3.94 2.55 -7.76
C PHE A 43 5.17 3.37 -8.14
N GLY A 44 6.35 2.74 -8.32
CA GLY A 44 7.61 3.42 -8.66
C GLY A 44 7.56 4.33 -9.92
N PRO A 45 6.87 3.98 -11.02
CA PRO A 45 6.73 4.87 -12.18
C PRO A 45 5.72 6.01 -11.98
N ILE A 46 4.99 6.07 -10.86
CA ILE A 46 4.08 7.20 -10.54
C ILE A 46 4.86 8.38 -9.96
N GLY A 47 5.79 8.13 -9.04
CA GLY A 47 6.56 9.15 -8.31
C GLY A 47 7.46 8.59 -7.21
N LYS A 48 7.78 9.43 -6.22
CA LYS A 48 8.71 9.11 -5.14
C LYS A 48 8.01 8.53 -3.88
N ILE A 49 8.02 7.20 -3.73
CA ILE A 49 7.56 6.50 -2.51
C ILE A 49 8.58 6.76 -1.39
N ASN A 50 8.10 7.23 -0.24
CA ASN A 50 8.89 7.32 0.99
C ASN A 50 9.11 5.92 1.62
N ASN A 51 8.04 5.11 1.66
CA ASN A 51 7.95 3.76 2.25
C ASN A 51 6.72 3.01 1.73
N ALA A 52 6.72 1.67 1.88
CA ALA A 52 5.62 0.79 1.45
C ALA A 52 5.79 -0.64 2.01
N GLU A 53 4.66 -1.29 2.36
CA GLU A 53 4.61 -2.55 3.11
C GLU A 53 3.27 -3.27 2.85
N LEU A 54 3.20 -4.55 3.21
CA LEU A 54 2.01 -5.40 3.12
C LEU A 54 1.37 -5.62 4.48
N LYS A 55 0.04 -5.59 4.55
CA LYS A 55 -0.67 -5.65 5.84
C LYS A 55 -0.61 -7.06 6.49
N PRO A 56 -0.12 -7.21 7.74
CA PRO A 56 -0.07 -8.48 8.47
C PRO A 56 -1.46 -8.87 9.00
N GLN A 57 -1.58 -10.13 9.45
CA GLN A 57 -2.81 -10.74 9.94
C GLN A 57 -2.44 -11.93 10.86
N GLU A 58 -2.96 -11.92 12.10
CA GLU A 58 -2.65 -12.90 13.17
C GLU A 58 -3.09 -14.34 12.88
N ASN A 59 -3.92 -14.56 11.86
CA ASN A 59 -4.34 -15.89 11.39
C ASN A 59 -3.18 -16.72 10.78
N GLY A 60 -1.99 -16.11 10.56
CA GLY A 60 -0.81 -16.77 9.99
C GLY A 60 -0.75 -16.71 8.47
N GLN A 61 -1.73 -16.08 7.82
CA GLN A 61 -1.94 -16.07 6.36
C GLN A 61 -2.20 -14.61 5.89
N PRO A 62 -1.71 -14.20 4.71
CA PRO A 62 -1.68 -12.80 4.29
C PRO A 62 -3.07 -12.22 4.01
N THR A 63 -3.16 -10.89 4.11
CA THR A 63 -4.38 -10.09 3.93
C THR A 63 -4.80 -9.91 2.46
N GLY A 64 -3.82 -9.86 1.55
CA GLY A 64 -4.02 -9.32 0.20
C GLY A 64 -4.15 -7.79 0.18
N VAL A 65 -3.55 -7.08 1.14
CA VAL A 65 -3.52 -5.60 1.23
C VAL A 65 -2.08 -5.09 1.27
N ALA A 66 -1.82 -3.97 0.59
CA ALA A 66 -0.62 -3.15 0.74
C ALA A 66 -0.93 -1.71 1.22
N VAL A 67 0.06 -1.08 1.83
CA VAL A 67 0.07 0.37 2.15
C VAL A 67 1.28 1.00 1.45
N VAL A 68 1.14 2.24 0.99
CA VAL A 68 2.23 3.03 0.35
C VAL A 68 2.24 4.44 0.98
N GLU A 69 3.37 5.12 1.05
CA GLU A 69 3.52 6.47 1.64
C GLU A 69 4.44 7.29 0.73
N TYR A 70 4.07 8.55 0.45
CA TYR A 70 4.64 9.33 -0.67
C TYR A 70 5.27 10.67 -0.24
N GLU A 71 6.33 11.04 -0.96
CA GLU A 71 7.15 12.24 -0.73
C GLU A 71 6.30 13.54 -0.72
N ASN A 72 5.40 13.68 -1.70
CA ASN A 72 4.50 14.79 -1.88
C ASN A 72 3.07 14.25 -2.05
N LEU A 73 2.07 15.11 -1.78
CA LEU A 73 0.65 14.73 -1.83
C LEU A 73 0.11 14.64 -3.27
N VAL A 74 0.84 15.19 -4.25
CA VAL A 74 0.53 15.06 -5.69
C VAL A 74 0.81 13.64 -6.25
N ASP A 75 1.94 13.01 -5.87
CA ASP A 75 2.29 11.65 -6.27
C ASP A 75 1.41 10.61 -5.55
N ALA A 76 0.95 10.93 -4.33
CA ALA A 76 -0.06 10.15 -3.63
C ALA A 76 -1.39 10.19 -4.39
N ASP A 77 -1.93 11.39 -4.68
CA ASP A 77 -3.17 11.53 -5.43
C ASP A 77 -3.15 10.78 -6.76
N PHE A 78 -2.05 10.93 -7.50
CA PHE A 78 -1.82 10.27 -8.78
C PHE A 78 -1.95 8.74 -8.73
N CYS A 79 -1.65 8.08 -7.59
CA CYS A 79 -1.91 6.65 -7.45
C CYS A 79 -3.41 6.32 -7.45
N ILE A 80 -4.22 7.05 -6.68
CA ILE A 80 -5.66 6.82 -6.65
C ILE A 80 -6.31 7.27 -7.99
N GLN A 81 -5.69 8.21 -8.72
CA GLN A 81 -6.11 8.56 -10.09
C GLN A 81 -5.80 7.46 -11.13
N LYS A 82 -4.61 6.82 -11.08
CA LYS A 82 -4.19 5.85 -12.12
C LYS A 82 -4.53 4.39 -11.80
N LEU A 83 -4.32 3.93 -10.56
CA LEU A 83 -4.28 2.49 -10.23
C LEU A 83 -5.67 1.91 -9.91
N ASN A 84 -6.71 2.73 -9.70
CA ASN A 84 -8.03 2.33 -9.17
C ASN A 84 -8.81 1.32 -10.05
N ASN A 85 -8.28 0.94 -11.22
CA ASN A 85 -8.81 -0.09 -12.13
C ASN A 85 -7.72 -1.08 -12.61
N TYR A 86 -6.53 -1.04 -12.00
CA TYR A 86 -5.34 -1.77 -12.38
C TYR A 86 -5.53 -3.29 -12.27
N ASN A 87 -5.25 -3.99 -13.36
CA ASN A 87 -5.26 -5.46 -13.42
C ASN A 87 -3.88 -6.05 -13.06
N TYR A 88 -3.90 -7.13 -12.28
CA TYR A 88 -2.72 -7.76 -11.70
C TYR A 88 -2.98 -9.24 -11.37
N GLY A 89 -2.17 -10.16 -11.90
CA GLY A 89 -2.29 -11.61 -11.62
C GLY A 89 -3.47 -12.30 -12.32
N GLY A 90 -4.26 -11.56 -13.12
CA GLY A 90 -5.58 -11.99 -13.63
C GLY A 90 -6.76 -11.46 -12.79
N CYS A 91 -6.47 -10.70 -11.73
CA CYS A 91 -7.44 -10.03 -10.84
C CYS A 91 -7.47 -8.51 -11.07
N SER A 92 -8.35 -7.80 -10.37
CA SER A 92 -8.38 -6.33 -10.31
C SER A 92 -8.04 -5.84 -8.89
N LEU A 93 -7.26 -4.77 -8.73
CA LEU A 93 -6.93 -4.21 -7.41
C LEU A 93 -7.87 -3.04 -7.08
N GLN A 94 -8.14 -2.86 -5.79
CA GLN A 94 -8.87 -1.72 -5.23
C GLN A 94 -7.85 -0.74 -4.63
N ILE A 95 -8.00 0.56 -4.88
CA ILE A 95 -7.01 1.59 -4.49
C ILE A 95 -7.72 2.82 -3.93
N SER A 96 -7.22 3.35 -2.82
CA SER A 96 -7.76 4.53 -2.14
C SER A 96 -6.70 5.21 -1.26
N TYR A 97 -7.07 6.27 -0.54
CA TYR A 97 -6.23 6.83 0.53
C TYR A 97 -6.35 5.99 1.81
N ALA A 98 -5.22 5.67 2.43
CA ALA A 98 -5.14 4.99 3.72
C ALA A 98 -5.48 5.99 4.84
N ARG A 99 -6.56 5.70 5.58
CA ARG A 99 -7.27 6.67 6.43
C ARG A 99 -6.51 7.01 7.72
N ARG A 100 -6.03 5.97 8.40
CA ARG A 100 -5.21 6.05 9.60
C ARG A 100 -3.86 5.34 9.38
N ASP A 101 -2.93 6.14 8.89
CA ASP A 101 -1.48 5.90 8.88
C ASP A 101 -1.03 4.75 7.94
N GLY A 1 19.54 -12.82 17.13
CA GLY A 1 19.17 -11.39 17.03
C GLY A 1 17.69 -11.15 17.25
N SER A 2 17.14 -10.09 16.66
CA SER A 2 15.71 -9.71 16.76
C SER A 2 15.34 -8.67 15.67
N HIS A 3 14.08 -8.65 15.22
CA HIS A 3 13.60 -7.74 14.18
C HIS A 3 13.38 -6.31 14.71
N ILE A 4 14.48 -5.54 14.76
CA ILE A 4 14.52 -4.12 15.17
C ILE A 4 13.68 -3.20 14.25
N ASP A 5 13.45 -3.62 13.00
CA ASP A 5 12.67 -2.90 11.98
C ASP A 5 11.14 -3.10 12.12
N GLU A 6 10.67 -3.60 13.26
CA GLU A 6 9.27 -3.89 13.59
C GLU A 6 8.28 -2.72 13.39
N THR A 7 8.78 -1.47 13.26
CA THR A 7 8.02 -0.29 12.85
C THR A 7 7.31 -0.46 11.50
N ALA A 8 7.81 -1.37 10.65
CA ALA A 8 7.15 -1.80 9.43
C ALA A 8 5.79 -2.50 9.64
N ALA A 9 5.52 -3.04 10.84
CA ALA A 9 4.19 -3.52 11.22
C ALA A 9 3.27 -2.33 11.50
N LYS A 10 3.74 -1.36 12.28
CA LYS A 10 3.00 -0.13 12.62
C LYS A 10 2.62 0.70 11.38
N PHE A 11 3.46 0.67 10.32
CA PHE A 11 3.18 1.27 9.01
C PHE A 11 1.90 0.69 8.33
N THR A 12 1.43 -0.49 8.75
CA THR A 12 0.24 -1.17 8.20
C THR A 12 -0.87 -1.41 9.23
N GLU A 13 -0.55 -1.47 10.52
CA GLU A 13 -1.47 -1.77 11.62
C GLU A 13 -2.29 -0.51 11.98
N GLY A 14 -3.61 -0.64 12.05
CA GLY A 14 -4.50 0.48 12.32
C GLY A 14 -4.93 1.20 11.05
N VAL A 15 -4.34 0.83 9.90
CA VAL A 15 -4.63 1.47 8.62
C VAL A 15 -5.85 0.87 7.93
N ASN A 16 -6.68 1.75 7.34
CA ASN A 16 -7.99 1.43 6.77
C ASN A 16 -8.17 2.18 5.43
N PRO A 17 -9.12 1.81 4.54
CA PRO A 17 -9.39 2.58 3.32
C PRO A 17 -10.15 3.89 3.61
N GLY A 18 -10.30 4.73 2.58
CA GLY A 18 -11.27 5.82 2.57
C GLY A 18 -10.89 7.04 3.42
N GLY A 19 -9.59 7.36 3.50
CA GLY A 19 -9.09 8.58 4.16
C GLY A 19 -9.34 9.84 3.32
N ASP A 20 -9.21 11.01 3.95
CA ASP A 20 -9.54 12.31 3.37
C ASP A 20 -8.27 13.08 2.94
N ARG A 21 -7.63 12.60 1.86
CA ARG A 21 -6.49 13.25 1.19
C ARG A 21 -5.29 13.38 2.14
N ASN A 22 -4.75 12.23 2.55
CA ASN A 22 -3.57 12.10 3.43
C ASN A 22 -2.27 12.04 2.59
N CYS A 23 -1.20 11.41 3.09
CA CYS A 23 0.04 11.03 2.36
C CYS A 23 0.21 9.51 2.15
N PHE A 24 -0.67 8.68 2.72
CA PHE A 24 -0.64 7.22 2.58
C PHE A 24 -1.70 6.72 1.62
N ILE A 25 -1.34 5.74 0.81
CA ILE A 25 -2.21 5.03 -0.14
C ILE A 25 -2.57 3.68 0.49
N TYR A 26 -3.85 3.34 0.46
CA TYR A 26 -4.34 2.01 0.77
C TYR A 26 -4.65 1.28 -0.54
N CYS A 27 -4.18 0.03 -0.69
CA CYS A 27 -4.30 -0.76 -1.91
C CYS A 27 -4.78 -2.15 -1.54
N SER A 28 -5.77 -2.68 -2.25
CA SER A 28 -6.50 -3.90 -1.84
C SER A 28 -6.86 -4.78 -3.04
N ASN A 29 -7.05 -6.07 -2.75
CA ASN A 29 -7.25 -7.16 -3.71
C ASN A 29 -5.98 -7.49 -4.53
N LEU A 30 -4.78 -7.27 -3.96
CA LEU A 30 -3.53 -7.75 -4.55
C LEU A 30 -3.51 -9.30 -4.57
N PRO A 31 -2.86 -9.94 -5.56
CA PRO A 31 -2.68 -11.40 -5.59
C PRO A 31 -1.78 -11.85 -4.44
N PHE A 32 -2.00 -13.07 -3.93
CA PHE A 32 -1.32 -13.55 -2.72
C PHE A 32 0.17 -13.88 -2.91
N SER A 33 0.68 -13.83 -4.15
CA SER A 33 2.10 -13.94 -4.49
C SER A 33 2.90 -12.63 -4.30
N THR A 34 2.24 -11.55 -3.85
CA THR A 34 2.85 -10.21 -3.65
C THR A 34 3.83 -10.22 -2.47
N ALA A 35 4.90 -9.43 -2.58
CA ALA A 35 5.92 -9.14 -1.55
C ALA A 35 6.17 -7.62 -1.42
N ARG A 36 6.99 -7.19 -0.47
CA ARG A 36 7.31 -5.76 -0.26
C ARG A 36 7.91 -5.10 -1.51
N SER A 37 8.82 -5.79 -2.20
CA SER A 37 9.42 -5.30 -3.46
C SER A 37 8.42 -5.29 -4.63
N ASP A 38 7.37 -6.11 -4.56
CA ASP A 38 6.28 -6.24 -5.54
C ASP A 38 5.31 -5.05 -5.58
N LEU A 39 5.46 -4.09 -4.66
CA LEU A 39 4.73 -2.82 -4.64
C LEU A 39 5.34 -1.82 -5.62
N PHE A 40 6.66 -1.72 -5.62
CA PHE A 40 7.46 -0.84 -6.49
C PHE A 40 7.43 -1.28 -7.97
N ASP A 41 6.76 -2.39 -8.27
CA ASP A 41 6.44 -2.89 -9.61
C ASP A 41 5.38 -2.03 -10.33
N LEU A 42 4.34 -1.62 -9.58
CA LEU A 42 3.17 -0.90 -10.07
C LEU A 42 3.09 0.54 -9.54
N PHE A 43 3.64 0.79 -8.35
CA PHE A 43 3.74 2.14 -7.78
C PHE A 43 5.03 2.86 -8.22
N GLY A 44 6.12 2.12 -8.49
CA GLY A 44 7.42 2.68 -8.92
C GLY A 44 7.38 3.57 -10.17
N PRO A 45 6.64 3.23 -11.25
CA PRO A 45 6.51 4.11 -12.42
C PRO A 45 5.61 5.33 -12.19
N ILE A 46 4.92 5.45 -11.04
CA ILE A 46 4.21 6.69 -10.66
C ILE A 46 5.18 7.71 -10.07
N GLY A 47 6.21 7.25 -9.34
CA GLY A 47 7.33 8.07 -8.86
C GLY A 47 7.80 7.73 -7.44
N LYS A 48 7.85 8.75 -6.59
CA LYS A 48 8.57 8.80 -5.31
C LYS A 48 7.73 8.37 -4.09
N ILE A 49 7.53 7.06 -3.98
CA ILE A 49 7.26 6.38 -2.69
C ILE A 49 8.34 6.83 -1.67
N ASN A 50 7.93 7.05 -0.42
CA ASN A 50 8.82 7.28 0.72
C ASN A 50 8.80 6.12 1.75
N ASN A 51 7.83 5.20 1.68
CA ASN A 51 7.79 3.87 2.32
C ASN A 51 6.59 3.04 1.81
N ALA A 52 6.60 1.71 2.02
CA ALA A 52 5.54 0.79 1.56
C ALA A 52 5.67 -0.63 2.17
N GLU A 53 4.55 -1.28 2.48
CA GLU A 53 4.46 -2.54 3.24
C GLU A 53 3.13 -3.25 2.95
N LEU A 54 3.06 -4.56 3.20
CA LEU A 54 1.83 -5.37 3.11
C LEU A 54 1.15 -5.55 4.47
N LYS A 55 -0.18 -5.50 4.51
CA LYS A 55 -0.90 -5.59 5.80
C LYS A 55 -0.81 -7.00 6.46
N PRO A 56 -0.32 -7.10 7.72
CA PRO A 56 -0.21 -8.36 8.45
C PRO A 56 -1.57 -8.83 8.98
N GLN A 57 -1.64 -10.13 9.34
CA GLN A 57 -2.84 -10.83 9.77
C GLN A 57 -2.59 -11.67 11.03
N GLU A 58 -3.65 -11.96 11.79
CA GLU A 58 -3.59 -12.64 13.10
C GLU A 58 -3.08 -14.09 13.00
N ASN A 59 -3.41 -14.80 11.92
CA ASN A 59 -2.97 -16.18 11.68
C ASN A 59 -1.78 -16.31 10.70
N GLY A 60 -1.31 -15.20 10.11
CA GLY A 60 -0.14 -15.16 9.24
C GLY A 60 -0.41 -15.38 7.74
N GLN A 61 -1.67 -15.58 7.32
CA GLN A 61 -2.03 -15.64 5.90
C GLN A 61 -1.90 -14.24 5.24
N PRO A 62 -1.55 -14.15 3.94
CA PRO A 62 -1.48 -12.87 3.25
C PRO A 62 -2.88 -12.27 3.08
N THR A 63 -3.01 -10.98 3.42
CA THR A 63 -4.29 -10.23 3.38
C THR A 63 -4.76 -9.87 1.98
N GLY A 64 -3.82 -9.74 1.02
CA GLY A 64 -4.09 -9.10 -0.27
C GLY A 64 -4.23 -7.58 -0.17
N VAL A 65 -3.66 -6.95 0.87
CA VAL A 65 -3.64 -5.48 1.06
C VAL A 65 -2.21 -4.98 1.17
N ALA A 66 -1.95 -3.84 0.52
CA ALA A 66 -0.75 -3.02 0.72
C ALA A 66 -1.08 -1.65 1.30
N VAL A 67 -0.13 -1.07 2.04
CA VAL A 67 -0.05 0.38 2.29
C VAL A 67 1.16 0.91 1.53
N VAL A 68 1.03 2.12 0.97
CA VAL A 68 2.12 2.87 0.32
C VAL A 68 2.13 4.28 0.93
N GLU A 69 3.25 4.99 0.93
CA GLU A 69 3.41 6.31 1.54
C GLU A 69 4.28 7.15 0.60
N TYR A 70 3.85 8.37 0.30
CA TYR A 70 4.42 9.17 -0.80
C TYR A 70 4.98 10.53 -0.36
N GLU A 71 6.10 10.88 -1.01
CA GLU A 71 6.88 12.10 -0.77
C GLU A 71 6.05 13.41 -0.85
N ASN A 72 5.09 13.50 -1.78
CA ASN A 72 4.22 14.66 -1.95
C ASN A 72 2.77 14.21 -2.18
N LEU A 73 1.80 15.03 -1.77
CA LEU A 73 0.37 14.73 -1.91
C LEU A 73 -0.13 14.69 -3.36
N VAL A 74 0.56 15.36 -4.28
CA VAL A 74 0.36 15.20 -5.73
C VAL A 74 0.68 13.80 -6.23
N ASP A 75 1.74 13.16 -5.70
CA ASP A 75 2.17 11.82 -6.13
C ASP A 75 1.29 10.73 -5.51
N ALA A 76 0.88 10.93 -4.25
CA ALA A 76 -0.14 10.10 -3.61
C ALA A 76 -1.47 10.10 -4.38
N ASP A 77 -2.00 11.26 -4.74
CA ASP A 77 -3.24 11.37 -5.52
C ASP A 77 -3.10 10.70 -6.90
N PHE A 78 -1.95 10.86 -7.57
CA PHE A 78 -1.68 10.27 -8.88
C PHE A 78 -1.80 8.74 -8.93
N CYS A 79 -1.49 8.03 -7.83
CA CYS A 79 -1.74 6.59 -7.71
C CYS A 79 -3.24 6.27 -7.80
N ILE A 80 -4.06 6.99 -7.04
CA ILE A 80 -5.50 6.76 -6.93
C ILE A 80 -6.22 7.18 -8.24
N GLN A 81 -5.60 8.05 -9.05
CA GLN A 81 -6.03 8.32 -10.44
C GLN A 81 -5.74 7.15 -11.38
N LYS A 82 -4.55 6.54 -11.31
CA LYS A 82 -4.07 5.57 -12.31
C LYS A 82 -4.35 4.09 -12.00
N LEU A 83 -4.27 3.69 -10.72
CA LEU A 83 -4.23 2.29 -10.29
C LEU A 83 -5.62 1.72 -9.94
N ASN A 84 -6.66 2.55 -9.77
CA ASN A 84 -7.96 2.15 -9.22
C ASN A 84 -8.88 1.47 -10.27
N ASN A 85 -8.33 0.41 -10.88
CA ASN A 85 -8.70 -0.26 -12.14
C ASN A 85 -7.60 -1.23 -12.65
N TYR A 86 -6.37 -1.17 -12.11
CA TYR A 86 -5.20 -1.91 -12.55
C TYR A 86 -5.33 -3.42 -12.34
N ASN A 87 -5.13 -4.21 -13.39
CA ASN A 87 -5.15 -5.68 -13.36
C ASN A 87 -3.75 -6.26 -13.11
N TYR A 88 -3.65 -7.19 -12.15
CA TYR A 88 -2.37 -7.69 -11.63
C TYR A 88 -2.50 -9.12 -11.07
N GLY A 89 -1.79 -10.10 -11.67
CA GLY A 89 -1.88 -11.52 -11.29
C GLY A 89 -3.19 -12.22 -11.72
N GLY A 90 -4.10 -11.50 -12.39
CA GLY A 90 -5.50 -11.90 -12.63
C GLY A 90 -6.51 -11.20 -11.72
N CYS A 91 -6.06 -10.36 -10.78
CA CYS A 91 -6.89 -9.61 -9.83
C CYS A 91 -6.92 -8.13 -10.19
N SER A 92 -8.10 -7.51 -10.22
CA SER A 92 -8.21 -6.05 -10.36
C SER A 92 -8.06 -5.36 -8.99
N LEU A 93 -7.19 -4.35 -8.87
CA LEU A 93 -6.89 -3.70 -7.59
C LEU A 93 -7.89 -2.59 -7.26
N GLN A 94 -8.24 -2.48 -5.99
CA GLN A 94 -8.97 -1.35 -5.41
C GLN A 94 -7.97 -0.45 -4.69
N ILE A 95 -8.04 0.87 -4.86
CA ILE A 95 -7.06 1.83 -4.32
C ILE A 95 -7.80 3.03 -3.70
N SER A 96 -7.30 3.53 -2.58
CA SER A 96 -7.81 4.75 -1.91
C SER A 96 -6.73 5.40 -1.02
N TYR A 97 -7.10 6.39 -0.22
CA TYR A 97 -6.22 6.96 0.81
C TYR A 97 -6.30 6.12 2.10
N ALA A 98 -5.14 5.79 2.68
CA ALA A 98 -5.01 5.05 3.93
C ALA A 98 -5.34 5.97 5.12
N ARG A 99 -6.45 5.70 5.79
CA ARG A 99 -7.13 6.59 6.75
C ARG A 99 -6.28 6.92 7.98
N ARG A 100 -5.68 5.91 8.60
CA ARG A 100 -4.86 6.05 9.79
C ARG A 100 -3.57 5.21 9.72
N ASP A 101 -2.59 5.84 9.10
CA ASP A 101 -1.11 5.71 9.23
C ASP A 101 -0.48 4.74 8.20
N GLY A 1 21.48 1.80 19.58
CA GLY A 1 20.35 1.21 18.83
C GLY A 1 20.08 -0.24 19.23
N SER A 2 19.16 -0.90 18.54
CA SER A 2 18.73 -2.29 18.81
C SER A 2 17.93 -2.91 17.65
N HIS A 3 16.92 -2.18 17.12
CA HIS A 3 16.08 -2.58 15.99
C HIS A 3 15.42 -1.37 15.30
N ILE A 4 15.20 -1.45 13.98
CA ILE A 4 14.73 -0.33 13.14
C ILE A 4 13.62 -0.70 12.13
N ASP A 5 13.23 -1.97 12.03
CA ASP A 5 12.30 -2.48 11.01
C ASP A 5 10.91 -2.89 11.54
N GLU A 6 10.73 -2.99 12.88
CA GLU A 6 9.42 -3.30 13.50
C GLU A 6 8.37 -2.20 13.27
N THR A 7 8.82 -1.01 12.86
CA THR A 7 8.02 0.10 12.34
C THR A 7 7.12 -0.29 11.18
N ALA A 8 7.50 -1.32 10.43
CA ALA A 8 6.66 -1.90 9.37
C ALA A 8 5.30 -2.43 9.86
N ALA A 9 5.21 -2.81 11.15
CA ALA A 9 3.97 -3.20 11.80
C ALA A 9 3.11 -1.95 12.06
N LYS A 10 3.69 -0.91 12.67
CA LYS A 10 3.03 0.38 12.86
C LYS A 10 2.57 1.03 11.53
N PHE A 11 3.30 0.76 10.44
CA PHE A 11 3.01 1.22 9.08
C PHE A 11 1.78 0.53 8.44
N THR A 12 1.34 -0.66 8.93
CA THR A 12 0.19 -1.40 8.36
C THR A 12 -0.94 -1.65 9.37
N GLU A 13 -0.67 -1.66 10.67
CA GLU A 13 -1.61 -1.96 11.74
C GLU A 13 -2.50 -0.76 12.02
N GLY A 14 -3.82 -0.98 12.04
CA GLY A 14 -4.78 0.05 12.36
C GLY A 14 -5.14 0.90 11.14
N VAL A 15 -4.48 0.65 9.99
CA VAL A 15 -4.81 1.31 8.73
C VAL A 15 -6.10 0.78 8.10
N ASN A 16 -6.86 1.70 7.51
CA ASN A 16 -8.20 1.48 6.95
C ASN A 16 -8.33 2.22 5.60
N PRO A 17 -9.26 1.86 4.70
CA PRO A 17 -9.49 2.59 3.45
C PRO A 17 -10.18 3.93 3.65
N GLY A 18 -10.22 4.74 2.59
CA GLY A 18 -11.13 5.90 2.47
C GLY A 18 -10.76 7.09 3.34
N GLY A 19 -9.49 7.54 3.32
CA GLY A 19 -9.10 8.86 3.84
C GLY A 19 -9.36 9.96 2.80
N ASP A 20 -8.70 11.11 2.97
CA ASP A 20 -8.87 12.27 2.07
C ASP A 20 -7.60 13.13 2.05
N ARG A 21 -6.78 12.90 1.01
CA ARG A 21 -5.52 13.60 0.75
C ARG A 21 -4.56 13.58 1.97
N ASN A 22 -4.35 12.39 2.55
CA ASN A 22 -3.45 12.23 3.70
C ASN A 22 -1.95 12.31 3.33
N CYS A 23 -1.41 11.22 2.76
CA CYS A 23 0.00 10.89 2.39
C CYS A 23 0.23 9.38 2.20
N PHE A 24 -0.57 8.55 2.88
CA PHE A 24 -0.59 7.08 2.74
C PHE A 24 -1.66 6.64 1.73
N ILE A 25 -1.34 5.62 0.96
CA ILE A 25 -2.21 4.94 -0.02
C ILE A 25 -2.62 3.60 0.58
N TYR A 26 -3.90 3.27 0.50
CA TYR A 26 -4.44 1.94 0.76
C TYR A 26 -4.70 1.23 -0.57
N CYS A 27 -4.21 0.01 -0.72
CA CYS A 27 -4.26 -0.75 -1.97
C CYS A 27 -4.75 -2.17 -1.64
N SER A 28 -5.71 -2.70 -2.39
CA SER A 28 -6.47 -3.87 -1.95
C SER A 28 -6.93 -4.76 -3.10
N ASN A 29 -7.16 -6.04 -2.78
CA ASN A 29 -7.39 -7.15 -3.72
C ASN A 29 -6.12 -7.54 -4.51
N LEU A 30 -4.92 -7.37 -3.93
CA LEU A 30 -3.68 -7.85 -4.54
C LEU A 30 -3.67 -9.41 -4.57
N PRO A 31 -3.02 -10.04 -5.58
CA PRO A 31 -2.83 -11.48 -5.63
C PRO A 31 -1.90 -11.95 -4.50
N PHE A 32 -2.10 -13.16 -3.99
CA PHE A 32 -1.40 -13.68 -2.82
C PHE A 32 0.09 -14.02 -3.06
N SER A 33 0.56 -13.91 -4.30
CA SER A 33 1.98 -14.00 -4.68
C SER A 33 2.78 -12.70 -4.45
N THR A 34 2.12 -11.63 -3.97
CA THR A 34 2.74 -10.30 -3.73
C THR A 34 3.71 -10.35 -2.53
N ALA A 35 4.80 -9.58 -2.64
CA ALA A 35 5.81 -9.34 -1.58
C ALA A 35 6.06 -7.81 -1.44
N ARG A 36 6.84 -7.39 -0.43
CA ARG A 36 7.18 -5.96 -0.21
C ARG A 36 7.77 -5.29 -1.45
N SER A 37 8.67 -5.98 -2.15
CA SER A 37 9.30 -5.46 -3.39
C SER A 37 8.31 -5.37 -4.57
N ASP A 38 7.27 -6.22 -4.54
CA ASP A 38 6.21 -6.31 -5.56
C ASP A 38 5.23 -5.11 -5.58
N LEU A 39 5.37 -4.18 -4.63
CA LEU A 39 4.66 -2.90 -4.59
C LEU A 39 5.30 -1.89 -5.54
N PHE A 40 6.63 -1.76 -5.49
CA PHE A 40 7.45 -0.86 -6.30
C PHE A 40 7.44 -1.25 -7.81
N ASP A 41 6.82 -2.37 -8.14
CA ASP A 41 6.55 -2.86 -9.50
C ASP A 41 5.49 -2.03 -10.23
N LEU A 42 4.45 -1.60 -9.51
CA LEU A 42 3.29 -0.87 -10.02
C LEU A 42 3.20 0.56 -9.46
N PHE A 43 3.72 0.79 -8.26
CA PHE A 43 3.81 2.11 -7.64
C PHE A 43 5.08 2.88 -8.04
N GLY A 44 6.20 2.18 -8.28
CA GLY A 44 7.50 2.79 -8.59
C GLY A 44 7.53 3.82 -9.74
N PRO A 45 6.82 3.62 -10.87
CA PRO A 45 6.80 4.61 -11.97
C PRO A 45 5.84 5.79 -11.75
N ILE A 46 5.05 5.82 -10.66
CA ILE A 46 4.08 6.91 -10.38
C ILE A 46 4.78 8.14 -9.76
N GLY A 47 5.73 7.90 -8.85
CA GLY A 47 6.47 8.94 -8.11
C GLY A 47 7.41 8.34 -7.08
N LYS A 48 7.75 9.10 -6.03
CA LYS A 48 8.71 8.68 -5.00
C LYS A 48 8.01 8.14 -3.74
N ILE A 49 7.94 6.81 -3.61
CA ILE A 49 7.52 6.13 -2.37
C ILE A 49 8.54 6.48 -1.26
N ASN A 50 8.05 6.99 -0.12
CA ASN A 50 8.83 7.18 1.10
C ASN A 50 8.80 5.94 2.04
N ASN A 51 7.80 5.05 1.91
CA ASN A 51 7.73 3.70 2.51
C ASN A 51 6.54 2.88 1.95
N ALA A 52 6.55 1.55 2.14
CA ALA A 52 5.49 0.64 1.67
C ALA A 52 5.60 -0.79 2.25
N GLU A 53 4.46 -1.44 2.52
CA GLU A 53 4.34 -2.70 3.26
C GLU A 53 3.01 -3.41 2.92
N LEU A 54 2.94 -4.70 3.22
CA LEU A 54 1.71 -5.52 3.12
C LEU A 54 1.03 -5.70 4.47
N LYS A 55 -0.30 -5.64 4.52
CA LYS A 55 -1.03 -5.74 5.79
C LYS A 55 -0.93 -7.15 6.43
N PRO A 56 -0.46 -7.29 7.69
CA PRO A 56 -0.33 -8.57 8.39
C PRO A 56 -1.69 -9.10 8.89
N GLN A 57 -1.69 -10.36 9.36
CA GLN A 57 -2.84 -11.12 9.81
C GLN A 57 -2.35 -12.24 10.74
N GLU A 58 -3.00 -12.42 11.90
CA GLU A 58 -2.50 -13.27 13.00
C GLU A 58 -2.40 -14.77 12.65
N ASN A 59 -3.17 -15.24 11.66
CA ASN A 59 -3.13 -16.65 11.20
C ASN A 59 -1.92 -16.95 10.28
N GLY A 60 -1.13 -15.94 9.89
CA GLY A 60 0.06 -16.09 9.03
C GLY A 60 -0.23 -16.09 7.52
N GLN A 61 -1.50 -15.98 7.12
CA GLN A 61 -1.94 -15.98 5.72
C GLN A 61 -1.97 -14.55 5.15
N PRO A 62 -1.65 -14.33 3.86
CA PRO A 62 -1.65 -13.00 3.25
C PRO A 62 -3.07 -12.43 3.13
N THR A 63 -3.18 -11.10 3.30
CA THR A 63 -4.45 -10.36 3.33
C THR A 63 -4.95 -9.90 1.97
N GLY A 64 -4.06 -9.78 0.98
CA GLY A 64 -4.34 -9.11 -0.30
C GLY A 64 -4.44 -7.59 -0.18
N VAL A 65 -3.81 -6.97 0.84
CA VAL A 65 -3.76 -5.50 1.03
C VAL A 65 -2.31 -5.03 1.16
N ALA A 66 -2.01 -3.91 0.51
CA ALA A 66 -0.81 -3.11 0.73
C ALA A 66 -1.14 -1.73 1.31
N VAL A 67 -0.18 -1.17 2.05
CA VAL A 67 -0.11 0.27 2.34
C VAL A 67 1.12 0.81 1.61
N VAL A 68 1.00 2.03 1.07
CA VAL A 68 2.11 2.77 0.42
C VAL A 68 2.13 4.18 1.02
N GLU A 69 3.25 4.90 0.97
CA GLU A 69 3.44 6.20 1.61
C GLU A 69 4.40 7.01 0.75
N TYR A 70 4.03 8.25 0.43
CA TYR A 70 4.67 9.04 -0.64
C TYR A 70 5.24 10.39 -0.19
N GLU A 71 6.35 10.77 -0.84
CA GLU A 71 7.07 12.02 -0.52
C GLU A 71 6.25 13.29 -0.80
N ASN A 72 5.43 13.30 -1.87
CA ASN A 72 4.64 14.46 -2.26
C ASN A 72 3.18 14.06 -2.38
N LEU A 73 2.25 14.93 -1.96
CA LEU A 73 0.80 14.67 -2.05
C LEU A 73 0.25 14.66 -3.48
N VAL A 74 0.97 15.25 -4.43
CA VAL A 74 0.75 15.03 -5.88
C VAL A 74 1.03 13.58 -6.32
N ASP A 75 2.00 12.88 -5.71
CA ASP A 75 2.32 11.49 -6.08
C ASP A 75 1.33 10.53 -5.42
N ALA A 76 0.98 10.78 -4.15
CA ALA A 76 -0.06 10.02 -3.46
C ALA A 76 -1.41 10.10 -4.19
N ASP A 77 -1.83 11.32 -4.58
CA ASP A 77 -3.03 11.48 -5.43
C ASP A 77 -2.93 10.70 -6.75
N PHE A 78 -1.80 10.79 -7.45
CA PHE A 78 -1.62 10.16 -8.77
C PHE A 78 -1.76 8.63 -8.77
N CYS A 79 -1.42 7.93 -7.67
CA CYS A 79 -1.71 6.49 -7.56
C CYS A 79 -3.20 6.20 -7.63
N ILE A 80 -3.99 6.95 -6.87
CA ILE A 80 -5.44 6.76 -6.76
C ILE A 80 -6.15 7.22 -8.05
N GLN A 81 -5.52 8.06 -8.88
CA GLN A 81 -5.95 8.33 -10.25
C GLN A 81 -5.66 7.16 -11.20
N LYS A 82 -4.46 6.55 -11.14
CA LYS A 82 -3.98 5.61 -12.16
C LYS A 82 -4.26 4.12 -11.90
N LEU A 83 -4.23 3.68 -10.63
CA LEU A 83 -4.21 2.27 -10.24
C LEU A 83 -5.60 1.72 -9.89
N ASN A 84 -6.63 2.56 -9.72
CA ASN A 84 -7.94 2.17 -9.18
C ASN A 84 -8.85 1.49 -10.23
N ASN A 85 -8.30 0.43 -10.84
CA ASN A 85 -8.66 -0.23 -12.10
C ASN A 85 -7.56 -1.23 -12.60
N TYR A 86 -6.33 -1.17 -12.06
CA TYR A 86 -5.18 -1.93 -12.49
C TYR A 86 -5.36 -3.46 -12.28
N ASN A 87 -5.22 -4.24 -13.35
CA ASN A 87 -5.33 -5.71 -13.32
C ASN A 87 -3.96 -6.37 -13.12
N TYR A 88 -3.83 -7.25 -12.13
CA TYR A 88 -2.55 -7.81 -11.67
C TYR A 88 -2.71 -9.23 -11.11
N GLY A 89 -2.04 -10.21 -11.72
CA GLY A 89 -2.17 -11.63 -11.35
C GLY A 89 -3.49 -12.29 -11.76
N GLY A 90 -4.39 -11.54 -12.43
CA GLY A 90 -5.80 -11.88 -12.67
C GLY A 90 -6.77 -11.16 -11.72
N CYS A 91 -6.27 -10.32 -10.81
CA CYS A 91 -7.04 -9.58 -9.80
C CYS A 91 -7.03 -8.07 -10.11
N SER A 92 -8.20 -7.45 -10.24
CA SER A 92 -8.31 -5.98 -10.36
C SER A 92 -8.16 -5.32 -8.98
N LEU A 93 -7.25 -4.34 -8.85
CA LEU A 93 -6.95 -3.68 -7.58
C LEU A 93 -7.93 -2.53 -7.30
N GLN A 94 -8.32 -2.39 -6.04
CA GLN A 94 -9.07 -1.25 -5.52
C GLN A 94 -8.14 -0.41 -4.63
N ILE A 95 -8.10 0.89 -4.87
CA ILE A 95 -7.09 1.82 -4.31
C ILE A 95 -7.82 3.04 -3.71
N SER A 96 -7.32 3.53 -2.58
CA SER A 96 -7.83 4.74 -1.91
C SER A 96 -6.76 5.38 -1.01
N TYR A 97 -7.11 6.40 -0.24
CA TYR A 97 -6.24 6.94 0.81
C TYR A 97 -6.30 6.05 2.06
N ALA A 98 -5.15 5.70 2.62
CA ALA A 98 -5.04 4.98 3.89
C ALA A 98 -5.35 5.97 5.02
N ARG A 99 -6.47 5.74 5.70
CA ARG A 99 -7.16 6.71 6.56
C ARG A 99 -6.36 7.02 7.84
N ARG A 100 -6.04 5.96 8.59
CA ARG A 100 -5.18 5.98 9.77
C ARG A 100 -3.87 5.23 9.55
N ASP A 101 -2.91 5.99 9.07
CA ASP A 101 -1.45 5.72 9.06
C ASP A 101 -1.02 4.64 8.05
N GLY A 1 9.65 9.23 17.25
CA GLY A 1 9.97 8.28 18.36
C GLY A 1 10.96 7.20 17.91
N SER A 2 11.64 6.56 18.87
CA SER A 2 12.63 5.50 18.62
C SER A 2 11.95 4.13 18.35
N HIS A 3 12.49 3.36 17.40
CA HIS A 3 12.01 2.03 16.99
C HIS A 3 13.07 1.23 16.19
N ILE A 4 12.69 0.05 15.71
CA ILE A 4 13.42 -0.87 14.83
C ILE A 4 12.45 -1.46 13.78
N ASP A 5 12.92 -2.44 13.02
CA ASP A 5 12.24 -3.25 11.99
C ASP A 5 10.72 -3.42 12.13
N GLU A 6 10.25 -3.77 13.34
CA GLU A 6 8.84 -4.03 13.65
C GLU A 6 7.93 -2.80 13.43
N THR A 7 8.50 -1.61 13.22
CA THR A 7 7.79 -0.43 12.73
C THR A 7 7.14 -0.63 11.36
N ALA A 8 7.63 -1.61 10.59
CA ALA A 8 6.96 -2.05 9.35
C ALA A 8 5.56 -2.67 9.59
N ALA A 9 5.31 -3.21 10.78
CA ALA A 9 3.97 -3.59 11.22
C ALA A 9 3.17 -2.34 11.58
N LYS A 10 3.75 -1.39 12.32
CA LYS A 10 3.07 -0.13 12.67
C LYS A 10 2.70 0.71 11.42
N PHE A 11 3.47 0.58 10.32
CA PHE A 11 3.19 1.17 9.01
C PHE A 11 1.90 0.60 8.34
N THR A 12 1.42 -0.59 8.74
CA THR A 12 0.22 -1.24 8.14
C THR A 12 -0.89 -1.53 9.16
N GLU A 13 -0.57 -1.68 10.43
CA GLU A 13 -1.48 -1.98 11.53
C GLU A 13 -2.21 -0.71 11.96
N GLY A 14 -3.54 -0.74 11.99
CA GLY A 14 -4.35 0.40 12.38
C GLY A 14 -4.79 1.23 11.18
N VAL A 15 -4.19 0.97 10.01
CA VAL A 15 -4.57 1.61 8.75
C VAL A 15 -5.86 1.04 8.16
N ASN A 16 -6.66 1.91 7.53
CA ASN A 16 -8.01 1.64 7.02
C ASN A 16 -8.21 2.37 5.67
N PRO A 17 -9.20 2.05 4.83
CA PRO A 17 -9.50 2.80 3.61
C PRO A 17 -10.25 4.11 3.91
N GLY A 18 -10.37 4.98 2.88
CA GLY A 18 -11.25 6.15 2.91
C GLY A 18 -10.68 7.36 3.66
N GLY A 19 -9.38 7.63 3.50
CA GLY A 19 -8.60 8.55 4.35
C GLY A 19 -8.69 10.03 4.03
N ASP A 20 -9.26 10.38 2.88
CA ASP A 20 -9.62 11.75 2.48
C ASP A 20 -8.40 12.70 2.39
N ARG A 21 -7.45 12.28 1.55
CA ARG A 21 -6.30 13.08 1.07
C ARG A 21 -5.22 13.32 2.14
N ASN A 22 -4.54 12.22 2.51
CA ASN A 22 -3.34 12.20 3.38
C ASN A 22 -2.05 12.06 2.51
N CYS A 23 -0.99 11.43 3.02
CA CYS A 23 0.22 11.00 2.30
C CYS A 23 0.34 9.47 2.09
N PHE A 24 -0.56 8.66 2.68
CA PHE A 24 -0.56 7.21 2.56
C PHE A 24 -1.64 6.71 1.59
N ILE A 25 -1.31 5.70 0.80
CA ILE A 25 -2.19 5.02 -0.14
C ILE A 25 -2.59 3.69 0.48
N TYR A 26 -3.89 3.39 0.47
CA TYR A 26 -4.43 2.08 0.79
C TYR A 26 -4.75 1.33 -0.51
N CYS A 27 -4.28 0.10 -0.65
CA CYS A 27 -4.39 -0.69 -1.88
C CYS A 27 -4.87 -2.10 -1.52
N SER A 28 -5.86 -2.63 -2.22
CA SER A 28 -6.59 -3.83 -1.82
C SER A 28 -6.95 -4.70 -3.04
N ASN A 29 -7.19 -5.99 -2.77
CA ASN A 29 -7.39 -7.07 -3.75
C ASN A 29 -6.11 -7.40 -4.54
N LEU A 30 -4.92 -7.24 -3.92
CA LEU A 30 -3.67 -7.74 -4.51
C LEU A 30 -3.69 -9.29 -4.53
N PRO A 31 -3.05 -9.94 -5.52
CA PRO A 31 -2.89 -11.40 -5.56
C PRO A 31 -1.94 -11.86 -4.44
N PHE A 32 -2.13 -13.08 -3.94
CA PHE A 32 -1.41 -13.59 -2.76
C PHE A 32 0.07 -13.92 -3.01
N SER A 33 0.54 -13.84 -4.26
CA SER A 33 1.96 -13.95 -4.63
C SER A 33 2.76 -12.64 -4.44
N THR A 34 2.11 -11.55 -3.98
CA THR A 34 2.74 -10.23 -3.75
C THR A 34 3.72 -10.29 -2.57
N ALA A 35 4.79 -9.50 -2.65
CA ALA A 35 5.79 -9.27 -1.60
C ALA A 35 6.09 -7.76 -1.46
N ARG A 36 6.91 -7.35 -0.48
CA ARG A 36 7.24 -5.93 -0.25
C ARG A 36 7.82 -5.25 -1.50
N SER A 37 8.72 -5.93 -2.22
CA SER A 37 9.32 -5.36 -3.44
C SER A 37 8.33 -5.32 -4.62
N ASP A 38 7.29 -6.17 -4.58
CA ASP A 38 6.22 -6.29 -5.57
C ASP A 38 5.25 -5.09 -5.61
N LEU A 39 5.37 -4.16 -4.66
CA LEU A 39 4.65 -2.89 -4.63
C LEU A 39 5.28 -1.86 -5.59
N PHE A 40 6.61 -1.76 -5.54
CA PHE A 40 7.44 -0.87 -6.36
C PHE A 40 7.44 -1.28 -7.86
N ASP A 41 6.82 -2.41 -8.18
CA ASP A 41 6.55 -2.92 -9.53
C ASP A 41 5.49 -2.09 -10.29
N LEU A 42 4.45 -1.65 -9.56
CA LEU A 42 3.28 -0.94 -10.09
C LEU A 42 3.15 0.49 -9.57
N PHE A 43 3.67 0.77 -8.36
CA PHE A 43 3.75 2.11 -7.79
C PHE A 43 5.02 2.87 -8.23
N GLY A 44 6.13 2.17 -8.49
CA GLY A 44 7.42 2.77 -8.87
C GLY A 44 7.41 3.72 -10.08
N PRO A 45 6.64 3.48 -11.18
CA PRO A 45 6.58 4.41 -12.30
C PRO A 45 5.67 5.64 -12.05
N ILE A 46 4.96 5.72 -10.91
CA ILE A 46 4.05 6.85 -10.61
C ILE A 46 4.84 8.03 -10.00
N GLY A 47 5.83 7.74 -9.17
CA GLY A 47 6.66 8.70 -8.44
C GLY A 47 7.52 8.05 -7.35
N LYS A 48 7.96 8.85 -6.37
CA LYS A 48 8.87 8.41 -5.32
C LYS A 48 8.13 7.92 -4.05
N ILE A 49 8.04 6.60 -3.87
CA ILE A 49 7.57 5.96 -2.63
C ILE A 49 8.59 6.25 -1.51
N ASN A 50 8.14 6.87 -0.43
CA ASN A 50 8.92 7.09 0.78
C ASN A 50 8.98 5.85 1.71
N ASN A 51 7.96 4.97 1.65
CA ASN A 51 7.86 3.65 2.30
C ASN A 51 6.65 2.86 1.80
N ALA A 52 6.62 1.53 1.97
CA ALA A 52 5.52 0.66 1.55
C ALA A 52 5.61 -0.76 2.12
N GLU A 53 4.47 -1.40 2.41
CA GLU A 53 4.36 -2.65 3.17
C GLU A 53 3.03 -3.35 2.86
N LEU A 54 2.96 -4.65 3.11
CA LEU A 54 1.72 -5.44 3.05
C LEU A 54 1.07 -5.60 4.43
N LYS A 55 -0.27 -5.54 4.52
CA LYS A 55 -0.96 -5.64 5.80
C LYS A 55 -0.83 -7.05 6.45
N PRO A 56 -0.32 -7.19 7.69
CA PRO A 56 -0.15 -8.46 8.39
C PRO A 56 -1.49 -9.03 8.90
N GLN A 57 -1.46 -10.30 9.34
CA GLN A 57 -2.60 -11.07 9.80
C GLN A 57 -2.08 -12.19 10.73
N GLU A 58 -2.69 -12.36 11.91
CA GLU A 58 -2.19 -13.20 13.01
C GLU A 58 -2.14 -14.70 12.68
N ASN A 59 -2.95 -15.17 11.72
CA ASN A 59 -2.94 -16.56 11.25
C ASN A 59 -1.75 -16.89 10.31
N GLY A 60 -0.95 -15.88 9.91
CA GLY A 60 0.25 -16.04 9.09
C GLY A 60 0.01 -16.04 7.57
N GLN A 61 -1.24 -15.89 7.11
CA GLN A 61 -1.60 -15.89 5.68
C GLN A 61 -1.76 -14.45 5.17
N PRO A 62 -1.42 -14.16 3.89
CA PRO A 62 -1.48 -12.81 3.33
C PRO A 62 -2.92 -12.27 3.22
N THR A 63 -3.07 -10.96 3.39
CA THR A 63 -4.36 -10.25 3.42
C THR A 63 -4.89 -9.84 2.05
N GLY A 64 -3.99 -9.69 1.06
CA GLY A 64 -4.30 -9.04 -0.22
C GLY A 64 -4.40 -7.52 -0.12
N VAL A 65 -3.82 -6.89 0.92
CA VAL A 65 -3.78 -5.42 1.09
C VAL A 65 -2.32 -4.94 1.20
N ALA A 66 -2.04 -3.82 0.54
CA ALA A 66 -0.82 -3.04 0.71
C ALA A 66 -1.13 -1.63 1.28
N VAL A 67 -0.15 -1.07 1.99
CA VAL A 67 -0.06 0.38 2.24
C VAL A 67 1.17 0.90 1.49
N VAL A 68 1.06 2.11 0.95
CA VAL A 68 2.17 2.82 0.27
C VAL A 68 2.21 4.24 0.84
N GLU A 69 3.36 4.91 0.85
CA GLU A 69 3.55 6.23 1.47
C GLU A 69 4.47 7.05 0.56
N TYR A 70 4.09 8.30 0.27
CA TYR A 70 4.67 9.12 -0.79
C TYR A 70 5.17 10.49 -0.31
N GLU A 71 6.30 10.93 -0.87
CA GLU A 71 6.97 12.17 -0.44
C GLU A 71 6.13 13.44 -0.66
N ASN A 72 5.30 13.50 -1.73
CA ASN A 72 4.44 14.65 -2.01
C ASN A 72 2.99 14.17 -2.21
N LEU A 73 2.02 15.00 -1.79
CA LEU A 73 0.59 14.69 -1.92
C LEU A 73 0.11 14.60 -3.38
N VAL A 74 0.81 15.24 -4.32
CA VAL A 74 0.60 15.04 -5.77
C VAL A 74 0.97 13.64 -6.26
N ASP A 75 2.03 13.02 -5.73
CA ASP A 75 2.46 11.68 -6.15
C ASP A 75 1.54 10.61 -5.56
N ALA A 76 1.14 10.82 -4.29
CA ALA A 76 0.11 10.03 -3.64
C ALA A 76 -1.23 10.03 -4.40
N ASP A 77 -1.79 11.21 -4.71
CA ASP A 77 -3.05 11.32 -5.43
C ASP A 77 -2.98 10.67 -6.82
N PHE A 78 -1.85 10.79 -7.53
CA PHE A 78 -1.66 10.20 -8.85
C PHE A 78 -1.78 8.66 -8.89
N CYS A 79 -1.45 7.95 -7.81
CA CYS A 79 -1.73 6.50 -7.70
C CYS A 79 -3.22 6.21 -7.75
N ILE A 80 -4.00 6.97 -6.99
CA ILE A 80 -5.46 6.77 -6.86
C ILE A 80 -6.19 7.20 -8.15
N GLN A 81 -5.57 8.05 -8.98
CA GLN A 81 -6.03 8.33 -10.34
C GLN A 81 -5.74 7.15 -11.30
N LYS A 82 -4.55 6.55 -11.24
CA LYS A 82 -4.07 5.59 -12.26
C LYS A 82 -4.36 4.11 -11.97
N LEU A 83 -4.25 3.69 -10.70
CA LEU A 83 -4.22 2.28 -10.29
C LEU A 83 -5.61 1.72 -9.95
N ASN A 84 -6.66 2.55 -9.81
CA ASN A 84 -7.97 2.15 -9.27
C ASN A 84 -8.86 1.38 -10.29
N ASN A 85 -8.20 0.58 -11.11
CA ASN A 85 -8.66 -0.21 -12.26
C ASN A 85 -7.56 -1.18 -12.77
N TYR A 86 -6.45 -1.34 -12.04
CA TYR A 86 -5.24 -2.01 -12.50
C TYR A 86 -5.34 -3.54 -12.31
N ASN A 87 -5.23 -4.32 -13.39
CA ASN A 87 -5.26 -5.78 -13.33
C ASN A 87 -3.86 -6.35 -13.08
N TYR A 88 -3.75 -7.24 -12.09
CA TYR A 88 -2.48 -7.79 -11.61
C TYR A 88 -2.64 -9.20 -11.02
N GLY A 89 -1.98 -10.20 -11.62
CA GLY A 89 -2.13 -11.62 -11.22
C GLY A 89 -3.47 -12.27 -11.64
N GLY A 90 -4.34 -11.51 -12.31
CA GLY A 90 -5.76 -11.84 -12.55
C GLY A 90 -6.74 -11.07 -11.65
N CYS A 91 -6.25 -10.23 -10.73
CA CYS A 91 -7.05 -9.46 -9.75
C CYS A 91 -7.08 -7.97 -10.12
N SER A 92 -8.26 -7.34 -10.12
CA SER A 92 -8.39 -5.87 -10.30
C SER A 92 -8.19 -5.15 -8.96
N LEU A 93 -7.21 -4.25 -8.86
CA LEU A 93 -6.86 -3.58 -7.60
C LEU A 93 -7.83 -2.44 -7.28
N GLN A 94 -8.19 -2.35 -6.01
CA GLN A 94 -8.97 -1.28 -5.41
C GLN A 94 -8.01 -0.36 -4.66
N ILE A 95 -8.09 0.96 -4.87
CA ILE A 95 -7.10 1.92 -4.36
C ILE A 95 -7.82 3.15 -3.79
N SER A 96 -7.35 3.62 -2.64
CA SER A 96 -7.86 4.83 -1.97
C SER A 96 -6.79 5.45 -1.05
N TYR A 97 -7.13 6.48 -0.28
CA TYR A 97 -6.25 7.03 0.75
C TYR A 97 -6.30 6.17 2.03
N ALA A 98 -5.14 5.88 2.62
CA ALA A 98 -5.00 5.18 3.91
C ALA A 98 -5.30 6.15 5.05
N ARG A 99 -6.36 5.85 5.79
CA ARG A 99 -7.09 6.73 6.74
C ARG A 99 -6.30 7.04 8.00
N ARG A 100 -5.52 6.07 8.49
CA ARG A 100 -4.71 6.17 9.68
C ARG A 100 -3.39 5.39 9.59
N ASP A 101 -2.43 6.09 9.00
CA ASP A 101 -0.97 5.91 9.13
C ASP A 101 -0.40 4.77 8.23
N GLY A 1 6.53 -10.99 21.49
CA GLY A 1 7.75 -10.78 20.66
C GLY A 1 7.57 -9.71 19.59
N SER A 2 8.56 -9.56 18.70
CA SER A 2 8.61 -8.52 17.66
C SER A 2 9.60 -8.90 16.53
N HIS A 3 10.02 -7.92 15.71
CA HIS A 3 11.00 -8.09 14.61
C HIS A 3 11.90 -6.84 14.39
N ILE A 4 12.98 -7.03 13.61
CA ILE A 4 13.90 -5.96 13.20
C ILE A 4 13.17 -4.92 12.34
N ASP A 5 13.22 -3.64 12.76
CA ASP A 5 12.49 -2.50 12.16
C ASP A 5 10.97 -2.68 12.22
N GLU A 6 10.48 -2.99 13.44
CA GLU A 6 9.07 -3.20 13.79
C GLU A 6 8.09 -2.08 13.38
N THR A 7 8.60 -0.89 13.05
CA THR A 7 7.83 0.23 12.47
C THR A 7 7.04 -0.15 11.22
N ALA A 8 7.51 -1.13 10.46
CA ALA A 8 6.81 -1.68 9.30
C ALA A 8 5.44 -2.32 9.65
N ALA A 9 5.24 -2.75 10.90
CA ALA A 9 3.93 -3.17 11.41
C ALA A 9 3.04 -1.96 11.64
N LYS A 10 3.53 -0.95 12.36
CA LYS A 10 2.81 0.30 12.61
C LYS A 10 2.42 1.03 11.30
N PHE A 11 3.22 0.89 10.24
CA PHE A 11 2.96 1.39 8.89
C PHE A 11 1.72 0.75 8.21
N THR A 12 1.25 -0.43 8.67
CA THR A 12 0.10 -1.14 8.07
C THR A 12 -1.03 -1.45 9.06
N GLU A 13 -0.73 -1.58 10.35
CA GLU A 13 -1.67 -1.94 11.41
C GLU A 13 -2.49 -0.71 11.80
N GLY A 14 -3.81 -0.86 11.82
CA GLY A 14 -4.72 0.24 12.12
C GLY A 14 -5.14 0.98 10.86
N VAL A 15 -4.52 0.67 9.71
CA VAL A 15 -4.80 1.35 8.43
C VAL A 15 -5.99 0.72 7.69
N ASN A 16 -6.82 1.58 7.12
CA ASN A 16 -8.12 1.26 6.51
C ASN A 16 -8.31 2.11 5.22
N PRO A 17 -9.26 1.81 4.33
CA PRO A 17 -9.56 2.68 3.18
C PRO A 17 -10.32 3.96 3.60
N GLY A 18 -10.44 4.91 2.67
CA GLY A 18 -11.34 6.05 2.77
C GLY A 18 -10.84 7.18 3.68
N GLY A 19 -9.56 7.55 3.59
CA GLY A 19 -8.97 8.68 4.32
C GLY A 19 -9.14 10.00 3.57
N ASP A 20 -9.13 11.11 4.31
CA ASP A 20 -9.42 12.46 3.80
C ASP A 20 -8.13 13.18 3.34
N ARG A 21 -7.55 12.73 2.22
CA ARG A 21 -6.45 13.37 1.50
C ARG A 21 -5.22 13.61 2.42
N ASN A 22 -4.65 12.50 2.89
CA ASN A 22 -3.36 12.43 3.60
C ASN A 22 -2.23 12.15 2.58
N CYS A 23 -1.19 11.34 2.89
CA CYS A 23 -0.14 10.94 1.95
C CYS A 23 0.08 9.41 1.84
N PHE A 24 -0.68 8.61 2.59
CA PHE A 24 -0.68 7.16 2.50
C PHE A 24 -1.72 6.67 1.49
N ILE A 25 -1.34 5.67 0.71
CA ILE A 25 -2.19 4.97 -0.26
C ILE A 25 -2.54 3.63 0.34
N TYR A 26 -3.83 3.32 0.36
CA TYR A 26 -4.35 1.99 0.69
C TYR A 26 -4.64 1.22 -0.61
N CYS A 27 -4.19 -0.03 -0.71
CA CYS A 27 -4.26 -0.85 -1.91
C CYS A 27 -4.76 -2.23 -1.50
N SER A 28 -5.80 -2.75 -2.15
CA SER A 28 -6.49 -3.96 -1.73
C SER A 28 -6.82 -4.89 -2.91
N ASN A 29 -7.00 -6.18 -2.63
CA ASN A 29 -7.18 -7.26 -3.60
C ASN A 29 -5.91 -7.57 -4.42
N LEU A 30 -4.71 -7.32 -3.86
CA LEU A 30 -3.46 -7.82 -4.45
C LEU A 30 -3.44 -9.37 -4.45
N PRO A 31 -2.78 -10.03 -5.43
CA PRO A 31 -2.60 -11.47 -5.45
C PRO A 31 -1.68 -11.91 -4.30
N PHE A 32 -1.92 -13.09 -3.73
CA PHE A 32 -1.24 -13.55 -2.51
C PHE A 32 0.25 -13.89 -2.69
N SER A 33 0.77 -13.85 -3.92
CA SER A 33 2.19 -13.99 -4.24
C SER A 33 2.99 -12.66 -4.09
N THR A 34 2.31 -11.55 -3.71
CA THR A 34 2.93 -10.22 -3.55
C THR A 34 3.94 -10.23 -2.39
N ALA A 35 5.03 -9.50 -2.56
CA ALA A 35 6.08 -9.23 -1.56
C ALA A 35 6.35 -7.72 -1.45
N ARG A 36 7.17 -7.27 -0.49
CA ARG A 36 7.46 -5.84 -0.28
C ARG A 36 8.00 -5.14 -1.55
N SER A 37 8.89 -5.81 -2.29
CA SER A 37 9.47 -5.25 -3.53
C SER A 37 8.45 -5.24 -4.69
N ASP A 38 7.43 -6.10 -4.62
CA ASP A 38 6.34 -6.25 -5.59
C ASP A 38 5.34 -5.07 -5.62
N LEU A 39 5.48 -4.11 -4.69
CA LEU A 39 4.76 -2.84 -4.65
C LEU A 39 5.37 -1.82 -5.63
N PHE A 40 6.69 -1.67 -5.58
CA PHE A 40 7.50 -0.78 -6.42
C PHE A 40 7.48 -1.20 -7.91
N ASP A 41 6.87 -2.34 -8.21
CA ASP A 41 6.58 -2.88 -9.55
C ASP A 41 5.50 -2.07 -10.29
N LEU A 42 4.47 -1.63 -9.57
CA LEU A 42 3.30 -0.91 -10.09
C LEU A 42 3.19 0.53 -9.57
N PHE A 43 3.71 0.79 -8.37
CA PHE A 43 3.78 2.13 -7.80
C PHE A 43 5.05 2.90 -8.23
N GLY A 44 6.16 2.20 -8.49
CA GLY A 44 7.45 2.80 -8.89
C GLY A 44 7.41 3.70 -10.13
N PRO A 45 6.69 3.36 -11.23
CA PRO A 45 6.56 4.23 -12.40
C PRO A 45 5.63 5.45 -12.20
N ILE A 46 4.94 5.55 -11.06
CA ILE A 46 4.13 6.75 -10.70
C ILE A 46 5.04 7.85 -10.14
N GLY A 47 6.04 7.48 -9.32
CA GLY A 47 7.01 8.41 -8.74
C GLY A 47 7.70 7.91 -7.45
N LYS A 48 7.82 8.81 -6.49
CA LYS A 48 8.70 8.70 -5.31
C LYS A 48 7.98 8.29 -4.02
N ILE A 49 7.70 7.00 -3.92
CA ILE A 49 7.37 6.28 -2.66
C ILE A 49 8.44 6.64 -1.60
N ASN A 50 8.02 7.12 -0.44
CA ASN A 50 8.85 7.35 0.74
C ASN A 50 8.82 6.16 1.74
N ASN A 51 7.82 5.26 1.64
CA ASN A 51 7.75 3.94 2.30
C ASN A 51 6.57 3.10 1.77
N ALA A 52 6.60 1.77 1.98
CA ALA A 52 5.56 0.83 1.53
C ALA A 52 5.70 -0.56 2.17
N GLU A 53 4.58 -1.23 2.49
CA GLU A 53 4.52 -2.51 3.23
C GLU A 53 3.19 -3.22 2.94
N LEU A 54 3.12 -4.51 3.26
CA LEU A 54 1.91 -5.36 3.15
C LEU A 54 1.22 -5.54 4.51
N LYS A 55 -0.12 -5.50 4.54
CA LYS A 55 -0.84 -5.62 5.81
C LYS A 55 -0.74 -7.04 6.44
N PRO A 56 -0.30 -7.18 7.72
CA PRO A 56 -0.22 -8.44 8.44
C PRO A 56 -1.59 -8.92 8.93
N GLN A 57 -1.65 -10.16 9.43
CA GLN A 57 -2.83 -10.86 9.89
C GLN A 57 -2.41 -11.98 10.86
N GLU A 58 -3.09 -12.11 12.00
CA GLU A 58 -2.68 -12.97 13.12
C GLU A 58 -2.67 -14.48 12.79
N ASN A 59 -3.40 -14.91 11.76
CA ASN A 59 -3.42 -16.29 11.28
C ASN A 59 -2.13 -16.68 10.51
N GLY A 60 -1.24 -15.72 10.20
CA GLY A 60 -0.01 -15.94 9.43
C GLY A 60 -0.22 -16.01 7.91
N GLN A 61 -1.46 -15.85 7.45
CA GLN A 61 -1.85 -15.90 6.03
C GLN A 61 -1.92 -14.47 5.46
N PRO A 62 -1.57 -14.23 4.18
CA PRO A 62 -1.55 -12.90 3.58
C PRO A 62 -2.96 -12.31 3.44
N THR A 63 -3.05 -10.99 3.59
CA THR A 63 -4.31 -10.22 3.53
C THR A 63 -4.76 -9.89 2.11
N GLY A 64 -3.82 -9.81 1.17
CA GLY A 64 -4.05 -9.18 -0.14
C GLY A 64 -4.15 -7.66 -0.08
N VAL A 65 -3.61 -7.02 0.98
CA VAL A 65 -3.59 -5.54 1.13
C VAL A 65 -2.16 -5.04 1.23
N ALA A 66 -1.88 -3.91 0.58
CA ALA A 66 -0.70 -3.09 0.80
C ALA A 66 -1.04 -1.69 1.30
N VAL A 67 -0.07 -1.05 1.95
CA VAL A 67 -0.04 0.41 2.17
C VAL A 67 1.19 0.95 1.44
N VAL A 68 1.07 2.15 0.89
CA VAL A 68 2.16 2.90 0.25
C VAL A 68 2.16 4.32 0.84
N GLU A 69 3.27 5.06 0.80
CA GLU A 69 3.44 6.37 1.41
C GLU A 69 4.42 7.17 0.55
N TYR A 70 4.13 8.44 0.27
CA TYR A 70 4.77 9.20 -0.80
C TYR A 70 5.44 10.52 -0.34
N GLU A 71 6.43 10.97 -1.13
CA GLU A 71 7.10 12.25 -0.91
C GLU A 71 6.13 13.44 -0.89
N ASN A 72 5.21 13.54 -1.85
CA ASN A 72 4.28 14.67 -2.00
C ASN A 72 2.84 14.20 -2.23
N LEU A 73 1.86 15.03 -1.84
CA LEU A 73 0.43 14.70 -1.97
C LEU A 73 -0.06 14.66 -3.43
N VAL A 74 0.66 15.31 -4.35
CA VAL A 74 0.44 15.16 -5.80
C VAL A 74 0.80 13.76 -6.32
N ASP A 75 1.90 13.15 -5.83
CA ASP A 75 2.31 11.81 -6.26
C ASP A 75 1.42 10.73 -5.65
N ALA A 76 1.04 10.94 -4.38
CA ALA A 76 0.05 10.11 -3.69
C ALA A 76 -1.31 10.10 -4.41
N ASP A 77 -1.88 11.29 -4.69
CA ASP A 77 -3.12 11.40 -5.45
C ASP A 77 -3.02 10.74 -6.85
N PHE A 78 -1.86 10.86 -7.52
CA PHE A 78 -1.65 10.27 -8.85
C PHE A 78 -1.77 8.74 -8.88
N CYS A 79 -1.43 8.03 -7.79
CA CYS A 79 -1.72 6.58 -7.66
C CYS A 79 -3.22 6.30 -7.71
N ILE A 80 -3.99 7.08 -6.96
CA ILE A 80 -5.44 6.92 -6.84
C ILE A 80 -6.17 7.36 -8.13
N GLN A 81 -5.53 8.20 -8.97
CA GLN A 81 -5.97 8.45 -10.34
C GLN A 81 -5.69 7.27 -11.29
N LYS A 82 -4.51 6.65 -11.22
CA LYS A 82 -4.03 5.69 -12.24
C LYS A 82 -4.34 4.22 -11.94
N LEU A 83 -4.24 3.79 -10.67
CA LEU A 83 -4.25 2.37 -10.28
C LEU A 83 -5.65 1.83 -9.95
N ASN A 84 -6.68 2.68 -9.87
CA ASN A 84 -8.01 2.36 -9.29
C ASN A 84 -8.81 1.26 -10.02
N ASN A 85 -8.28 0.73 -11.13
CA ASN A 85 -8.83 -0.36 -11.95
C ASN A 85 -7.74 -1.34 -12.44
N TYR A 86 -6.51 -1.23 -11.92
CA TYR A 86 -5.32 -1.93 -12.38
C TYR A 86 -5.40 -3.44 -12.10
N ASN A 87 -5.37 -4.27 -13.15
CA ASN A 87 -5.38 -5.73 -13.00
C ASN A 87 -3.97 -6.31 -12.92
N TYR A 88 -3.73 -7.16 -11.92
CA TYR A 88 -2.40 -7.63 -11.50
C TYR A 88 -2.46 -9.07 -10.97
N GLY A 89 -1.77 -10.00 -11.63
CA GLY A 89 -1.86 -11.45 -11.32
C GLY A 89 -3.17 -12.11 -11.77
N GLY A 90 -4.07 -11.35 -12.40
CA GLY A 90 -5.48 -11.68 -12.65
C GLY A 90 -6.45 -10.93 -11.74
N CYS A 91 -5.97 -10.29 -10.66
CA CYS A 91 -6.78 -9.61 -9.65
C CYS A 91 -6.84 -8.10 -9.89
N SER A 92 -8.04 -7.52 -9.94
CA SER A 92 -8.21 -6.06 -10.09
C SER A 92 -8.04 -5.35 -8.74
N LEU A 93 -7.04 -4.46 -8.64
CA LEU A 93 -6.72 -3.78 -7.39
C LEU A 93 -7.72 -2.67 -7.10
N GLN A 94 -8.10 -2.56 -5.83
CA GLN A 94 -8.92 -1.49 -5.28
C GLN A 94 -7.98 -0.51 -4.57
N ILE A 95 -8.09 0.80 -4.84
CA ILE A 95 -7.09 1.79 -4.38
C ILE A 95 -7.82 3.00 -3.76
N SER A 96 -7.29 3.50 -2.66
CA SER A 96 -7.89 4.59 -1.86
C SER A 96 -6.81 5.36 -1.08
N TYR A 97 -7.16 6.46 -0.42
CA TYR A 97 -6.33 7.07 0.62
C TYR A 97 -6.42 6.24 1.92
N ALA A 98 -5.28 5.88 2.50
CA ALA A 98 -5.19 5.16 3.78
C ALA A 98 -5.62 6.06 4.96
N ARG A 99 -6.71 5.69 5.63
CA ARG A 99 -7.39 6.50 6.65
C ARG A 99 -6.51 6.80 7.87
N ARG A 100 -6.09 5.75 8.58
CA ARG A 100 -5.26 5.84 9.77
C ARG A 100 -3.94 5.04 9.68
N ASP A 101 -2.98 5.75 9.11
CA ASP A 101 -1.50 5.65 9.24
C ASP A 101 -0.82 4.76 8.17
N GLY A 1 15.56 -1.05 -0.91
CA GLY A 1 14.64 -2.18 -0.61
C GLY A 1 14.00 -2.06 0.77
N SER A 2 13.74 -3.19 1.44
CA SER A 2 13.16 -3.21 2.80
C SER A 2 14.22 -2.84 3.87
N HIS A 3 13.80 -2.09 4.89
CA HIS A 3 14.54 -1.96 6.16
C HIS A 3 14.26 -3.16 7.11
N ILE A 4 14.72 -3.08 8.37
CA ILE A 4 14.85 -4.22 9.30
C ILE A 4 14.15 -4.01 10.66
N ASP A 5 13.26 -3.02 10.74
CA ASP A 5 12.68 -2.47 11.96
C ASP A 5 11.18 -2.72 12.00
N GLU A 6 10.71 -3.20 13.16
CA GLU A 6 9.32 -3.59 13.41
C GLU A 6 8.29 -2.44 13.27
N THR A 7 8.74 -1.20 13.11
CA THR A 7 7.90 -0.08 12.63
C THR A 7 7.26 -0.38 11.28
N ALA A 8 7.81 -1.30 10.47
CA ALA A 8 7.13 -1.81 9.28
C ALA A 8 5.79 -2.51 9.56
N ALA A 9 5.57 -3.05 10.77
CA ALA A 9 4.26 -3.53 11.21
C ALA A 9 3.32 -2.36 11.52
N LYS A 10 3.80 -1.40 12.32
CA LYS A 10 3.07 -0.18 12.68
C LYS A 10 2.59 0.60 11.44
N PHE A 11 3.42 0.67 10.40
CA PHE A 11 3.14 1.27 9.09
C PHE A 11 1.85 0.72 8.41
N THR A 12 1.43 -0.50 8.78
CA THR A 12 0.21 -1.16 8.29
C THR A 12 -0.87 -1.34 9.36
N GLU A 13 -0.59 -1.04 10.62
CA GLU A 13 -1.47 -1.31 11.76
C GLU A 13 -2.56 -0.24 11.86
N GLY A 14 -3.83 -0.67 11.85
CA GLY A 14 -4.97 0.21 12.09
C GLY A 14 -5.42 0.92 10.82
N VAL A 15 -4.72 0.70 9.71
CA VAL A 15 -4.99 1.37 8.43
C VAL A 15 -6.25 0.82 7.75
N ASN A 16 -7.04 1.73 7.16
CA ASN A 16 -8.34 1.46 6.54
C ASN A 16 -8.40 2.17 5.17
N PRO A 17 -9.30 1.78 4.24
CA PRO A 17 -9.54 2.50 3.00
C PRO A 17 -10.30 3.82 3.24
N GLY A 18 -10.37 4.66 2.21
CA GLY A 18 -11.32 5.77 2.14
C GLY A 18 -11.00 6.97 3.04
N GLY A 19 -9.77 7.49 2.99
CA GLY A 19 -9.42 8.82 3.52
C GLY A 19 -9.63 9.93 2.47
N ASP A 20 -9.09 11.12 2.74
CA ASP A 20 -9.21 12.29 1.87
C ASP A 20 -7.91 13.13 1.91
N ARG A 21 -7.09 12.99 0.86
CA ARG A 21 -5.81 13.70 0.67
C ARG A 21 -4.87 13.56 1.87
N ASN A 22 -4.63 12.32 2.30
CA ASN A 22 -3.54 12.00 3.25
C ASN A 22 -2.18 11.87 2.52
N CYS A 23 -1.15 11.35 3.18
CA CYS A 23 0.13 10.94 2.58
C CYS A 23 0.25 9.41 2.32
N PHE A 24 -0.69 8.60 2.85
CA PHE A 24 -0.69 7.14 2.68
C PHE A 24 -1.72 6.67 1.65
N ILE A 25 -1.39 5.62 0.93
CA ILE A 25 -2.21 4.95 -0.08
C ILE A 25 -2.57 3.56 0.44
N TYR A 26 -3.82 3.16 0.27
CA TYR A 26 -4.33 1.83 0.55
C TYR A 26 -4.53 1.04 -0.76
N CYS A 27 -4.11 -0.22 -0.79
CA CYS A 27 -4.22 -1.10 -1.96
C CYS A 27 -4.76 -2.46 -1.49
N SER A 28 -5.75 -3.01 -2.18
CA SER A 28 -6.47 -4.21 -1.73
C SER A 28 -6.87 -5.12 -2.90
N ASN A 29 -7.20 -6.37 -2.57
CA ASN A 29 -7.45 -7.47 -3.50
C ASN A 29 -6.15 -7.94 -4.23
N LEU A 30 -4.97 -7.69 -3.64
CA LEU A 30 -3.74 -8.28 -4.16
C LEU A 30 -3.80 -9.82 -4.00
N PRO A 31 -3.35 -10.61 -4.99
CA PRO A 31 -3.26 -12.06 -4.87
C PRO A 31 -2.14 -12.44 -3.90
N PHE A 32 -2.24 -13.63 -3.29
CA PHE A 32 -1.35 -14.06 -2.22
C PHE A 32 0.06 -14.45 -2.67
N SER A 33 0.34 -14.42 -3.99
CA SER A 33 1.68 -14.63 -4.57
C SER A 33 2.56 -13.35 -4.51
N THR A 34 2.01 -12.21 -4.09
CA THR A 34 2.70 -10.91 -3.99
C THR A 34 3.75 -10.93 -2.86
N ALA A 35 4.84 -10.20 -3.07
CA ALA A 35 5.93 -9.96 -2.11
C ALA A 35 6.28 -8.46 -2.00
N ARG A 36 7.10 -8.07 -1.02
CA ARG A 36 7.37 -6.67 -0.65
C ARG A 36 7.87 -5.81 -1.84
N SER A 37 8.69 -6.39 -2.71
CA SER A 37 9.28 -5.72 -3.87
C SER A 37 8.26 -5.39 -4.98
N ASP A 38 7.07 -6.01 -4.96
CA ASP A 38 6.01 -5.78 -5.94
C ASP A 38 5.36 -4.38 -5.82
N LEU A 39 5.40 -3.77 -4.64
CA LEU A 39 4.86 -2.43 -4.41
C LEU A 39 5.61 -1.42 -5.27
N PHE A 40 6.95 -1.46 -5.22
CA PHE A 40 7.84 -0.56 -5.93
C PHE A 40 7.89 -0.81 -7.45
N ASP A 41 7.25 -1.89 -7.94
CA ASP A 41 7.05 -2.19 -9.36
C ASP A 41 6.05 -1.24 -10.03
N LEU A 42 4.82 -1.20 -9.49
CA LEU A 42 3.68 -0.46 -10.05
C LEU A 42 3.54 0.96 -9.49
N PHE A 43 4.00 1.20 -8.26
CA PHE A 43 4.03 2.53 -7.67
C PHE A 43 5.30 3.31 -8.02
N GLY A 44 6.43 2.63 -8.21
CA GLY A 44 7.74 3.23 -8.50
C GLY A 44 7.77 4.31 -9.60
N PRO A 45 7.08 4.14 -10.75
CA PRO A 45 7.06 5.13 -11.84
C PRO A 45 6.03 6.27 -11.64
N ILE A 46 5.20 6.24 -10.59
CA ILE A 46 4.23 7.31 -10.29
C ILE A 46 4.92 8.52 -9.63
N GLY A 47 5.88 8.24 -8.73
CA GLY A 47 6.64 9.23 -7.95
C GLY A 47 7.50 8.59 -6.87
N LYS A 48 7.96 9.37 -5.88
CA LYS A 48 8.81 8.88 -4.79
C LYS A 48 7.99 8.32 -3.61
N ILE A 49 7.96 7.00 -3.47
CA ILE A 49 7.50 6.31 -2.25
C ILE A 49 8.49 6.60 -1.12
N ASN A 50 8.00 7.16 -0.01
CA ASN A 50 8.75 7.28 1.24
C ASN A 50 8.93 5.91 1.94
N ASN A 51 7.88 5.06 1.92
CA ASN A 51 7.81 3.72 2.50
C ASN A 51 6.58 2.95 1.97
N ALA A 52 6.57 1.62 2.12
CA ALA A 52 5.49 0.74 1.66
C ALA A 52 5.62 -0.70 2.19
N GLU A 53 4.50 -1.31 2.60
CA GLU A 53 4.47 -2.57 3.37
C GLU A 53 3.13 -3.29 3.14
N LEU A 54 3.03 -4.56 3.57
CA LEU A 54 1.85 -5.42 3.40
C LEU A 54 1.13 -5.68 4.72
N LYS A 55 -0.21 -5.66 4.74
CA LYS A 55 -0.95 -5.71 6.01
C LYS A 55 -0.84 -7.09 6.74
N PRO A 56 -0.39 -7.13 8.01
CA PRO A 56 -0.29 -8.35 8.81
C PRO A 56 -1.66 -8.81 9.34
N GLN A 57 -1.70 -10.00 9.92
CA GLN A 57 -2.89 -10.70 10.41
C GLN A 57 -2.44 -11.74 11.46
N GLU A 58 -3.11 -11.81 12.61
CA GLU A 58 -2.64 -12.54 13.80
C GLU A 58 -2.53 -14.06 13.61
N ASN A 59 -3.28 -14.65 12.67
CA ASN A 59 -3.21 -16.08 12.35
C ASN A 59 -2.06 -16.45 11.38
N GLY A 60 -1.31 -15.45 10.88
CA GLY A 60 -0.16 -15.64 9.98
C GLY A 60 -0.53 -15.81 8.49
N GLN A 61 -1.82 -15.78 8.15
CA GLN A 61 -2.32 -15.89 6.77
C GLN A 61 -2.24 -14.53 6.04
N PRO A 62 -1.99 -14.50 4.73
CA PRO A 62 -1.92 -13.27 3.95
C PRO A 62 -3.29 -12.58 3.84
N THR A 63 -3.28 -11.24 3.88
CA THR A 63 -4.48 -10.38 3.86
C THR A 63 -4.94 -9.98 2.47
N GLY A 64 -4.02 -9.92 1.50
CA GLY A 64 -4.26 -9.34 0.17
C GLY A 64 -4.35 -7.80 0.19
N VAL A 65 -3.72 -7.13 1.16
CA VAL A 65 -3.68 -5.65 1.28
C VAL A 65 -2.24 -5.16 1.39
N ALA A 66 -1.96 -4.04 0.71
CA ALA A 66 -0.76 -3.24 0.89
C ALA A 66 -1.07 -1.80 1.34
N VAL A 67 -0.07 -1.15 1.96
CA VAL A 67 -0.07 0.31 2.22
C VAL A 67 1.17 0.90 1.54
N VAL A 68 1.05 2.13 1.04
CA VAL A 68 2.15 2.90 0.43
C VAL A 68 2.15 4.30 1.06
N GLU A 69 3.28 5.02 1.08
CA GLU A 69 3.44 6.32 1.71
C GLU A 69 4.37 7.17 0.83
N TYR A 70 4.04 8.44 0.62
CA TYR A 70 4.58 9.26 -0.48
C TYR A 70 5.18 10.61 -0.07
N GLU A 71 6.25 11.00 -0.77
CA GLU A 71 6.98 12.26 -0.55
C GLU A 71 6.05 13.49 -0.58
N ASN A 72 5.16 13.57 -1.57
CA ASN A 72 4.27 14.72 -1.76
C ASN A 72 2.83 14.25 -1.93
N LEU A 73 1.87 15.03 -1.40
CA LEU A 73 0.44 14.75 -1.52
C LEU A 73 -0.07 14.73 -2.97
N VAL A 74 0.62 15.38 -3.91
CA VAL A 74 0.36 15.27 -5.36
C VAL A 74 0.71 13.90 -5.93
N ASP A 75 1.76 13.23 -5.45
CA ASP A 75 2.15 11.89 -5.91
C ASP A 75 1.23 10.83 -5.32
N ALA A 76 0.83 11.02 -4.04
CA ALA A 76 -0.16 10.19 -3.38
C ALA A 76 -1.52 10.21 -4.10
N ASP A 77 -2.04 11.40 -4.43
CA ASP A 77 -3.23 11.55 -5.25
C ASP A 77 -3.09 10.86 -6.62
N PHE A 78 -1.94 11.02 -7.29
CA PHE A 78 -1.67 10.45 -8.61
C PHE A 78 -1.76 8.91 -8.67
N CYS A 79 -1.40 8.19 -7.59
CA CYS A 79 -1.64 6.74 -7.48
C CYS A 79 -3.14 6.42 -7.58
N ILE A 80 -3.94 7.14 -6.82
CA ILE A 80 -5.39 6.95 -6.70
C ILE A 80 -6.11 7.42 -7.98
N GLN A 81 -5.48 8.28 -8.80
CA GLN A 81 -5.92 8.55 -10.18
C GLN A 81 -5.63 7.37 -11.11
N LYS A 82 -4.39 6.85 -11.14
CA LYS A 82 -3.92 5.91 -12.17
C LYS A 82 -4.16 4.42 -11.89
N LEU A 83 -4.04 3.96 -10.64
CA LEU A 83 -4.02 2.54 -10.27
C LEU A 83 -5.41 1.96 -9.98
N ASN A 84 -6.44 2.79 -9.81
CA ASN A 84 -7.79 2.39 -9.35
C ASN A 84 -8.54 1.38 -10.26
N ASN A 85 -7.96 1.00 -11.41
CA ASN A 85 -8.44 -0.02 -12.34
C ASN A 85 -7.34 -1.02 -12.78
N TYR A 86 -6.19 -1.03 -12.09
CA TYR A 86 -4.99 -1.77 -12.43
C TYR A 86 -5.19 -3.30 -12.36
N ASN A 87 -4.98 -3.96 -13.50
CA ASN A 87 -5.01 -5.41 -13.66
C ASN A 87 -3.71 -6.07 -13.20
N TYR A 88 -3.81 -7.11 -12.36
CA TYR A 88 -2.68 -7.78 -11.72
C TYR A 88 -3.02 -9.24 -11.34
N GLY A 89 -2.22 -10.21 -11.83
CA GLY A 89 -2.38 -11.63 -11.49
C GLY A 89 -3.56 -12.34 -12.18
N GLY A 90 -4.32 -11.63 -13.03
CA GLY A 90 -5.63 -12.06 -13.56
C GLY A 90 -6.82 -11.44 -12.81
N CYS A 91 -6.56 -10.64 -11.77
CA CYS A 91 -7.53 -9.89 -10.98
C CYS A 91 -7.41 -8.38 -11.23
N SER A 92 -8.30 -7.58 -10.64
CA SER A 92 -8.18 -6.11 -10.59
C SER A 92 -7.98 -5.65 -9.14
N LEU A 93 -7.11 -4.65 -8.90
CA LEU A 93 -6.82 -4.15 -7.56
C LEU A 93 -7.74 -2.99 -7.18
N GLN A 94 -8.10 -2.92 -5.90
CA GLN A 94 -8.78 -1.79 -5.29
C GLN A 94 -7.72 -0.82 -4.72
N ILE A 95 -7.89 0.49 -4.94
CA ILE A 95 -6.92 1.53 -4.55
C ILE A 95 -7.69 2.72 -3.99
N SER A 96 -7.24 3.27 -2.86
CA SER A 96 -7.84 4.44 -2.20
C SER A 96 -6.85 5.13 -1.24
N TYR A 97 -7.31 6.18 -0.54
CA TYR A 97 -6.52 6.83 0.49
C TYR A 97 -6.51 6.01 1.79
N ALA A 98 -5.33 5.66 2.32
CA ALA A 98 -5.19 4.96 3.60
C ALA A 98 -5.53 5.95 4.72
N ARG A 99 -6.67 5.72 5.38
CA ARG A 99 -7.38 6.68 6.24
C ARG A 99 -6.63 6.97 7.55
N ARG A 100 -6.11 5.91 8.18
CA ARG A 100 -5.34 5.95 9.41
C ARG A 100 -4.00 5.21 9.30
N ASP A 101 -3.03 5.97 8.83
CA ASP A 101 -1.56 5.78 8.97
C ASP A 101 -0.98 4.68 8.07
N GLY A 1 20.61 -6.10 19.30
CA GLY A 1 19.84 -4.83 19.22
C GLY A 1 20.19 -4.00 17.99
N SER A 2 20.04 -2.68 18.07
CA SER A 2 20.41 -1.70 17.01
C SER A 2 19.46 -1.71 15.78
N HIS A 3 18.23 -2.26 15.93
CA HIS A 3 17.22 -2.31 14.87
C HIS A 3 16.55 -0.94 14.59
N ILE A 4 15.79 -0.85 13.49
CA ILE A 4 14.98 0.33 13.08
C ILE A 4 13.68 -0.10 12.36
N ASP A 5 13.20 -1.32 12.66
CA ASP A 5 12.42 -2.14 11.71
C ASP A 5 11.01 -2.52 12.18
N GLU A 6 10.72 -2.56 13.49
CA GLU A 6 9.39 -2.93 14.00
C GLU A 6 8.28 -1.95 13.56
N THR A 7 8.67 -0.72 13.19
CA THR A 7 7.80 0.33 12.64
C THR A 7 7.14 -0.07 11.32
N ALA A 8 7.74 -1.01 10.58
CA ALA A 8 7.13 -1.59 9.38
C ALA A 8 5.83 -2.36 9.66
N ALA A 9 5.62 -2.83 10.89
CA ALA A 9 4.33 -3.36 11.36
C ALA A 9 3.34 -2.22 11.60
N LYS A 10 3.74 -1.19 12.35
CA LYS A 10 2.88 -0.04 12.63
C LYS A 10 2.46 0.72 11.35
N PHE A 11 3.30 0.68 10.31
CA PHE A 11 3.04 1.20 8.97
C PHE A 11 1.84 0.54 8.26
N THR A 12 1.42 -0.67 8.68
CA THR A 12 0.26 -1.39 8.12
C THR A 12 -0.83 -1.67 9.15
N GLU A 13 -0.51 -1.72 10.44
CA GLU A 13 -1.42 -2.03 11.55
C GLU A 13 -2.27 -0.81 11.89
N GLY A 14 -3.58 -0.97 11.95
CA GLY A 14 -4.51 0.09 12.34
C GLY A 14 -4.95 0.91 11.14
N VAL A 15 -4.31 0.71 9.98
CA VAL A 15 -4.67 1.35 8.72
C VAL A 15 -5.96 0.79 8.12
N ASN A 16 -6.76 1.67 7.51
CA ASN A 16 -8.08 1.40 6.93
C ASN A 16 -8.21 2.14 5.58
N PRO A 17 -9.14 1.78 4.68
CA PRO A 17 -9.42 2.56 3.47
C PRO A 17 -10.18 3.84 3.80
N GLY A 18 -10.30 4.75 2.82
CA GLY A 18 -11.25 5.87 2.84
C GLY A 18 -10.79 7.08 3.64
N GLY A 19 -9.54 7.53 3.48
CA GLY A 19 -9.04 8.79 4.03
C GLY A 19 -9.46 10.00 3.18
N ASP A 20 -8.91 11.17 3.53
CA ASP A 20 -9.31 12.46 2.96
C ASP A 20 -8.06 13.27 2.57
N ARG A 21 -7.38 12.81 1.50
CA ARG A 21 -6.21 13.43 0.91
C ARG A 21 -5.04 13.49 1.91
N ASN A 22 -4.60 12.30 2.35
CA ASN A 22 -3.47 12.10 3.27
C ASN A 22 -2.14 11.98 2.48
N CYS A 23 -1.10 11.35 3.05
CA CYS A 23 0.12 10.91 2.36
C CYS A 23 0.22 9.38 2.11
N PHE A 24 -0.67 8.58 2.73
CA PHE A 24 -0.66 7.13 2.63
C PHE A 24 -1.71 6.63 1.63
N ILE A 25 -1.36 5.61 0.86
CA ILE A 25 -2.22 4.90 -0.09
C ILE A 25 -2.58 3.55 0.52
N TYR A 26 -3.86 3.22 0.50
CA TYR A 26 -4.37 1.89 0.78
C TYR A 26 -4.63 1.15 -0.55
N CYS A 27 -4.20 -0.10 -0.66
CA CYS A 27 -4.30 -0.88 -1.90
C CYS A 27 -4.84 -2.27 -1.55
N SER A 28 -5.86 -2.77 -2.23
CA SER A 28 -6.55 -3.99 -1.83
C SER A 28 -7.01 -4.85 -3.02
N ASN A 29 -7.33 -6.12 -2.73
CA ASN A 29 -7.59 -7.21 -3.68
C ASN A 29 -6.32 -7.62 -4.46
N LEU A 30 -5.12 -7.47 -3.86
CA LEU A 30 -3.90 -8.05 -4.41
C LEU A 30 -3.99 -9.60 -4.35
N PRO A 31 -3.42 -10.34 -5.33
CA PRO A 31 -3.42 -11.80 -5.32
C PRO A 31 -2.49 -12.35 -4.22
N PHE A 32 -2.71 -13.59 -3.78
CA PHE A 32 -2.02 -14.17 -2.62
C PHE A 32 -0.59 -14.67 -2.91
N SER A 33 -0.14 -14.60 -4.16
CA SER A 33 1.24 -14.89 -4.56
C SER A 33 2.19 -13.66 -4.46
N THR A 34 1.66 -12.50 -4.04
CA THR A 34 2.37 -11.21 -3.96
C THR A 34 3.46 -11.23 -2.87
N ALA A 35 4.56 -10.52 -3.15
CA ALA A 35 5.67 -10.23 -2.22
C ALA A 35 5.96 -8.73 -2.14
N ARG A 36 6.75 -8.30 -1.15
CA ARG A 36 7.06 -6.88 -0.85
C ARG A 36 7.55 -6.08 -2.08
N SER A 37 8.28 -6.74 -2.98
CA SER A 37 8.84 -6.15 -4.20
C SER A 37 7.77 -5.79 -5.26
N ASP A 38 6.52 -6.28 -5.14
CA ASP A 38 5.43 -5.90 -6.06
C ASP A 38 5.11 -4.40 -6.00
N LEU A 39 5.33 -3.78 -4.84
CA LEU A 39 4.91 -2.39 -4.62
C LEU A 39 5.72 -1.44 -5.49
N PHE A 40 7.04 -1.45 -5.33
CA PHE A 40 7.97 -0.60 -6.07
C PHE A 40 8.05 -0.94 -7.57
N ASP A 41 7.41 -2.03 -8.01
CA ASP A 41 7.20 -2.42 -9.41
C ASP A 41 6.21 -1.51 -10.16
N LEU A 42 5.07 -1.21 -9.51
CA LEU A 42 3.91 -0.52 -10.11
C LEU A 42 3.59 0.84 -9.47
N PHE A 43 4.06 1.06 -8.25
CA PHE A 43 4.09 2.37 -7.59
C PHE A 43 5.34 3.17 -7.99
N GLY A 44 6.48 2.49 -8.24
CA GLY A 44 7.77 3.11 -8.59
C GLY A 44 7.74 4.15 -9.72
N PRO A 45 7.05 3.94 -10.87
CA PRO A 45 6.99 4.91 -11.97
C PRO A 45 6.00 6.07 -11.74
N ILE A 46 5.26 6.08 -10.63
CA ILE A 46 4.25 7.12 -10.32
C ILE A 46 4.90 8.39 -9.72
N GLY A 47 5.86 8.21 -8.81
CA GLY A 47 6.50 9.27 -8.04
C GLY A 47 7.34 8.75 -6.87
N LYS A 48 7.59 9.59 -5.87
CA LYS A 48 8.50 9.27 -4.76
C LYS A 48 7.78 8.57 -3.58
N ILE A 49 7.77 7.23 -3.56
CA ILE A 49 7.38 6.46 -2.37
C ILE A 49 8.45 6.64 -1.29
N ASN A 50 8.05 7.13 -0.12
CA ASN A 50 8.91 7.27 1.06
C ASN A 50 8.95 5.99 1.94
N ASN A 51 7.93 5.13 1.84
CA ASN A 51 7.82 3.79 2.48
C ASN A 51 6.61 3.01 1.94
N ALA A 52 6.59 1.68 2.13
CA ALA A 52 5.52 0.79 1.65
C ALA A 52 5.67 -0.65 2.18
N GLU A 53 4.56 -1.28 2.58
CA GLU A 53 4.52 -2.59 3.25
C GLU A 53 3.17 -3.29 3.02
N LEU A 54 3.10 -4.59 3.29
CA LEU A 54 1.90 -5.43 3.11
C LEU A 54 1.19 -5.71 4.44
N LYS A 55 -0.15 -5.70 4.47
CA LYS A 55 -0.88 -5.80 5.74
C LYS A 55 -0.80 -7.22 6.37
N PRO A 56 -0.33 -7.36 7.63
CA PRO A 56 -0.25 -8.65 8.35
C PRO A 56 -1.63 -9.07 8.89
N GLN A 57 -1.70 -10.31 9.40
CA GLN A 57 -2.90 -10.97 9.88
C GLN A 57 -2.47 -12.09 10.87
N GLU A 58 -3.22 -12.26 11.98
CA GLU A 58 -2.82 -13.09 13.13
C GLU A 58 -2.70 -14.60 12.81
N ASN A 59 -3.36 -15.09 11.76
CA ASN A 59 -3.27 -16.49 11.30
C ASN A 59 -2.05 -16.79 10.39
N GLY A 60 -1.23 -15.77 10.06
CA GLY A 60 -0.04 -15.89 9.22
C GLY A 60 -0.31 -15.92 7.71
N GLN A 61 -1.57 -15.85 7.28
CA GLN A 61 -1.98 -15.98 5.86
C GLN A 61 -2.16 -14.58 5.24
N PRO A 62 -1.90 -14.39 3.93
CA PRO A 62 -1.89 -13.07 3.29
C PRO A 62 -3.29 -12.45 3.24
N THR A 63 -3.34 -11.12 3.45
CA THR A 63 -4.56 -10.31 3.48
C THR A 63 -5.09 -9.93 2.09
N GLY A 64 -4.19 -9.84 1.11
CA GLY A 64 -4.48 -9.19 -0.18
C GLY A 64 -4.52 -7.66 -0.07
N VAL A 65 -3.86 -7.05 0.94
CA VAL A 65 -3.77 -5.59 1.13
C VAL A 65 -2.31 -5.13 1.20
N ALA A 66 -2.01 -4.00 0.56
CA ALA A 66 -0.81 -3.21 0.79
C ALA A 66 -1.11 -1.80 1.33
N VAL A 67 -0.12 -1.20 2.00
CA VAL A 67 -0.07 0.26 2.27
C VAL A 67 1.16 0.83 1.57
N VAL A 68 1.05 2.06 1.06
CA VAL A 68 2.14 2.82 0.44
C VAL A 68 2.14 4.23 1.06
N GLU A 69 3.26 4.94 1.05
CA GLU A 69 3.39 6.27 1.66
C GLU A 69 4.30 7.12 0.78
N TYR A 70 3.81 8.26 0.31
CA TYR A 70 4.47 9.11 -0.68
C TYR A 70 4.99 10.43 -0.08
N GLU A 71 6.14 10.86 -0.61
CA GLU A 71 6.84 12.09 -0.17
C GLU A 71 6.03 13.36 -0.49
N ASN A 72 5.31 13.38 -1.61
CA ASN A 72 4.52 14.52 -2.07
C ASN A 72 3.05 14.08 -2.23
N LEU A 73 2.11 14.91 -1.78
CA LEU A 73 0.67 14.63 -1.89
C LEU A 73 0.16 14.59 -3.34
N VAL A 74 0.87 15.25 -4.26
CA VAL A 74 0.68 15.10 -5.72
C VAL A 74 0.96 13.67 -6.21
N ASP A 75 1.97 12.97 -5.64
CA ASP A 75 2.36 11.63 -6.09
C ASP A 75 1.43 10.57 -5.50
N ALA A 76 1.04 10.76 -4.23
CA ALA A 76 -0.03 9.99 -3.60
C ALA A 76 -1.33 10.00 -4.42
N ASP A 77 -1.84 11.20 -4.76
CA ASP A 77 -3.07 11.34 -5.54
C ASP A 77 -2.94 10.72 -6.94
N PHE A 78 -1.80 10.91 -7.63
CA PHE A 78 -1.54 10.35 -8.95
C PHE A 78 -1.64 8.82 -8.98
N CYS A 79 -1.26 8.14 -7.90
CA CYS A 79 -1.41 6.69 -7.77
C CYS A 79 -2.87 6.26 -7.71
N ILE A 80 -3.70 6.97 -6.95
CA ILE A 80 -5.14 6.74 -6.85
C ILE A 80 -5.86 7.10 -8.17
N GLN A 81 -5.28 7.96 -9.02
CA GLN A 81 -5.76 8.20 -10.39
C GLN A 81 -5.43 7.01 -11.34
N LYS A 82 -4.20 6.48 -11.31
CA LYS A 82 -3.77 5.45 -12.29
C LYS A 82 -4.16 4.01 -11.92
N LEU A 83 -4.00 3.62 -10.64
CA LEU A 83 -4.03 2.20 -10.24
C LEU A 83 -5.43 1.67 -9.89
N ASN A 84 -6.45 2.52 -9.75
CA ASN A 84 -7.78 2.15 -9.21
C ASN A 84 -8.68 1.37 -10.19
N ASN A 85 -8.04 0.51 -10.99
CA ASN A 85 -8.53 -0.25 -12.14
C ASN A 85 -7.46 -1.24 -12.68
N TYR A 86 -6.37 -1.48 -11.95
CA TYR A 86 -5.16 -2.15 -12.41
C TYR A 86 -5.24 -3.67 -12.21
N ASN A 87 -5.13 -4.46 -13.28
CA ASN A 87 -5.14 -5.93 -13.21
C ASN A 87 -3.74 -6.49 -12.91
N TYR A 88 -3.67 -7.41 -11.94
CA TYR A 88 -2.42 -8.01 -11.44
C TYR A 88 -2.68 -9.43 -10.91
N GLY A 89 -2.09 -10.44 -11.57
CA GLY A 89 -2.46 -11.85 -11.37
C GLY A 89 -3.79 -12.25 -12.02
N GLY A 90 -4.46 -11.29 -12.70
CA GLY A 90 -5.86 -11.35 -13.16
C GLY A 90 -6.78 -10.48 -12.30
N CYS A 91 -6.52 -10.41 -10.99
CA CYS A 91 -7.28 -9.64 -10.00
C CYS A 91 -7.15 -8.12 -10.24
N SER A 92 -8.27 -7.39 -10.30
CA SER A 92 -8.24 -5.92 -10.38
C SER A 92 -8.07 -5.32 -8.98
N LEU A 93 -7.09 -4.41 -8.81
CA LEU A 93 -6.81 -3.78 -7.51
C LEU A 93 -7.76 -2.61 -7.26
N GLN A 94 -8.21 -2.48 -6.01
CA GLN A 94 -8.90 -1.29 -5.51
C GLN A 94 -7.89 -0.44 -4.73
N ILE A 95 -7.94 0.88 -4.91
CA ILE A 95 -6.92 1.81 -4.39
C ILE A 95 -7.66 3.02 -3.76
N SER A 96 -7.17 3.46 -2.61
CA SER A 96 -7.79 4.51 -1.79
C SER A 96 -6.74 5.26 -0.97
N TYR A 97 -7.13 6.31 -0.24
CA TYR A 97 -6.30 6.91 0.79
C TYR A 97 -6.34 6.05 2.07
N ALA A 98 -5.16 5.68 2.62
CA ALA A 98 -5.01 4.97 3.88
C ALA A 98 -5.32 5.93 5.04
N ARG A 99 -6.45 5.69 5.71
CA ARG A 99 -7.12 6.67 6.59
C ARG A 99 -6.33 6.97 7.87
N ARG A 100 -5.77 5.92 8.48
CA ARG A 100 -4.95 5.97 9.68
C ARG A 100 -3.63 5.21 9.55
N ASP A 101 -2.67 5.93 9.01
CA ASP A 101 -1.20 5.73 9.16
C ASP A 101 -0.62 4.59 8.28
N GLY A 1 19.98 -8.95 5.61
CA GLY A 1 18.66 -9.16 6.26
C GLY A 1 18.79 -9.35 7.76
N SER A 2 17.89 -10.14 8.36
CA SER A 2 17.90 -10.56 9.79
C SER A 2 17.62 -9.41 10.78
N HIS A 3 16.98 -8.32 10.35
CA HIS A 3 16.66 -7.15 11.17
C HIS A 3 15.56 -7.40 12.23
N ILE A 4 15.36 -6.42 13.14
CA ILE A 4 14.40 -6.47 14.25
C ILE A 4 13.59 -5.17 14.39
N ASP A 5 13.54 -4.36 13.34
CA ASP A 5 12.83 -3.07 13.29
C ASP A 5 11.32 -3.28 13.09
N GLU A 6 10.56 -3.19 14.19
CA GLU A 6 9.12 -3.43 14.24
C GLU A 6 8.26 -2.34 13.56
N THR A 7 8.86 -1.23 13.12
CA THR A 7 8.14 -0.08 12.54
C THR A 7 7.41 -0.37 11.23
N ALA A 8 7.86 -1.38 10.49
CA ALA A 8 7.17 -1.86 9.30
C ALA A 8 5.79 -2.49 9.59
N ALA A 9 5.58 -2.99 10.82
CA ALA A 9 4.25 -3.38 11.31
C ALA A 9 3.42 -2.13 11.64
N LYS A 10 4.01 -1.17 12.34
CA LYS A 10 3.38 0.12 12.69
C LYS A 10 2.92 0.90 11.44
N PHE A 11 3.63 0.73 10.32
CA PHE A 11 3.30 1.28 9.00
C PHE A 11 2.01 0.68 8.37
N THR A 12 1.58 -0.53 8.76
CA THR A 12 0.41 -1.22 8.19
C THR A 12 -0.71 -1.51 9.21
N GLU A 13 -0.40 -1.59 10.50
CA GLU A 13 -1.32 -1.90 11.60
C GLU A 13 -2.12 -0.65 11.96
N GLY A 14 -3.45 -0.79 12.04
CA GLY A 14 -4.34 0.31 12.41
C GLY A 14 -4.82 1.10 11.20
N VAL A 15 -4.18 0.88 10.04
CA VAL A 15 -4.57 1.53 8.78
C VAL A 15 -5.87 0.99 8.20
N ASN A 16 -6.67 1.88 7.61
CA ASN A 16 -8.00 1.61 7.04
C ASN A 16 -8.13 2.31 5.66
N PRO A 17 -9.08 1.93 4.78
CA PRO A 17 -9.31 2.59 3.50
C PRO A 17 -10.01 3.94 3.66
N GLY A 18 -10.09 4.70 2.55
CA GLY A 18 -11.01 5.84 2.42
C GLY A 18 -10.63 7.06 3.25
N GLY A 19 -9.34 7.41 3.30
CA GLY A 19 -8.83 8.59 4.00
C GLY A 19 -9.08 9.89 3.24
N ASP A 20 -8.96 11.02 3.94
CA ASP A 20 -9.31 12.35 3.42
C ASP A 20 -8.05 13.12 2.97
N ARG A 21 -7.41 12.57 1.93
CA ARG A 21 -6.34 13.21 1.16
C ARG A 21 -5.09 13.46 2.05
N ASN A 22 -4.49 12.37 2.54
CA ASN A 22 -3.51 12.42 3.64
C ASN A 22 -2.03 12.49 3.23
N CYS A 23 -1.52 11.43 2.55
CA CYS A 23 -0.13 11.08 2.18
C CYS A 23 0.11 9.57 1.97
N PHE A 24 -0.68 8.72 2.65
CA PHE A 24 -0.63 7.27 2.50
C PHE A 24 -1.65 6.77 1.47
N ILE A 25 -1.29 5.73 0.72
CA ILE A 25 -2.15 5.00 -0.22
C ILE A 25 -2.50 3.65 0.40
N TYR A 26 -3.77 3.26 0.29
CA TYR A 26 -4.28 1.94 0.61
C TYR A 26 -4.55 1.19 -0.71
N CYS A 27 -4.12 -0.06 -0.82
CA CYS A 27 -4.22 -0.87 -2.04
C CYS A 27 -4.74 -2.24 -1.63
N SER A 28 -5.73 -2.77 -2.34
CA SER A 28 -6.50 -3.94 -1.90
C SER A 28 -6.87 -4.86 -3.07
N ASN A 29 -7.10 -6.14 -2.75
CA ASN A 29 -7.31 -7.25 -3.68
C ASN A 29 -6.04 -7.60 -4.49
N LEU A 30 -4.84 -7.39 -3.92
CA LEU A 30 -3.60 -7.92 -4.49
C LEU A 30 -3.62 -9.47 -4.40
N PRO A 31 -3.01 -10.18 -5.37
CA PRO A 31 -2.89 -11.64 -5.32
C PRO A 31 -1.92 -12.05 -4.20
N PHE A 32 -2.14 -13.24 -3.61
CA PHE A 32 -1.39 -13.71 -2.44
C PHE A 32 0.07 -14.10 -2.73
N SER A 33 0.49 -14.05 -3.99
CA SER A 33 1.88 -14.22 -4.44
C SER A 33 2.74 -12.94 -4.32
N THR A 34 2.14 -11.81 -3.89
CA THR A 34 2.83 -10.50 -3.80
C THR A 34 3.81 -10.45 -2.63
N ALA A 35 4.90 -9.70 -2.80
CA ALA A 35 5.94 -9.42 -1.78
C ALA A 35 6.29 -7.92 -1.76
N ARG A 36 7.01 -7.46 -0.73
CA ARG A 36 7.35 -6.03 -0.52
C ARG A 36 7.95 -5.33 -1.75
N SER A 37 8.82 -6.01 -2.49
CA SER A 37 9.48 -5.47 -3.69
C SER A 37 8.51 -5.23 -4.87
N ASP A 38 7.36 -5.89 -4.90
CA ASP A 38 6.33 -5.72 -5.93
C ASP A 38 5.59 -4.37 -5.86
N LEU A 39 5.60 -3.70 -4.70
CA LEU A 39 4.93 -2.41 -4.54
C LEU A 39 5.61 -1.36 -5.45
N PHE A 40 6.93 -1.33 -5.45
CA PHE A 40 7.76 -0.42 -6.24
C PHE A 40 7.79 -0.77 -7.75
N ASP A 41 7.20 -1.89 -8.16
CA ASP A 41 7.00 -2.27 -9.56
C ASP A 41 5.93 -1.40 -10.25
N LEU A 42 4.72 -1.40 -9.67
CA LEU A 42 3.54 -0.75 -10.23
C LEU A 42 3.34 0.69 -9.70
N PHE A 43 3.86 1.01 -8.51
CA PHE A 43 3.85 2.37 -7.96
C PHE A 43 5.10 3.17 -8.33
N GLY A 44 6.26 2.52 -8.52
CA GLY A 44 7.54 3.18 -8.78
C GLY A 44 7.56 4.22 -9.93
N PRO A 45 6.87 4.01 -11.07
CA PRO A 45 6.84 4.99 -12.17
C PRO A 45 5.77 6.10 -11.98
N ILE A 46 4.96 6.09 -10.91
CA ILE A 46 3.99 7.16 -10.63
C ILE A 46 4.68 8.39 -10.00
N GLY A 47 5.62 8.15 -9.08
CA GLY A 47 6.37 9.17 -8.33
C GLY A 47 7.28 8.57 -7.26
N LYS A 48 7.68 9.36 -6.26
CA LYS A 48 8.57 8.89 -5.18
C LYS A 48 7.81 8.33 -3.97
N ILE A 49 7.87 7.00 -3.80
CA ILE A 49 7.42 6.31 -2.58
C ILE A 49 8.43 6.63 -1.47
N ASN A 50 7.94 7.18 -0.37
CA ASN A 50 8.71 7.35 0.87
C ASN A 50 8.94 6.00 1.60
N ASN A 51 7.91 5.14 1.62
CA ASN A 51 7.87 3.81 2.26
C ASN A 51 6.63 3.01 1.77
N ALA A 52 6.65 1.68 1.94
CA ALA A 52 5.57 0.78 1.51
C ALA A 52 5.70 -0.64 2.09
N GLU A 53 4.57 -1.29 2.41
CA GLU A 53 4.49 -2.55 3.16
C GLU A 53 3.16 -3.27 2.87
N LEU A 54 3.11 -4.57 3.14
CA LEU A 54 1.89 -5.40 3.05
C LEU A 54 1.21 -5.56 4.41
N LYS A 55 -0.13 -5.49 4.45
CA LYS A 55 -0.85 -5.54 5.73
C LYS A 55 -0.84 -6.96 6.38
N PRO A 56 -0.40 -7.12 7.64
CA PRO A 56 -0.38 -8.41 8.35
C PRO A 56 -1.77 -8.77 8.92
N GLN A 57 -1.90 -9.99 9.46
CA GLN A 57 -3.11 -10.60 9.96
C GLN A 57 -2.73 -11.70 10.99
N GLU A 58 -3.42 -11.75 12.13
CA GLU A 58 -3.02 -12.53 13.32
C GLU A 58 -2.95 -14.05 13.08
N ASN A 59 -3.79 -14.59 12.18
CA ASN A 59 -3.79 -16.03 11.84
C ASN A 59 -2.62 -16.45 10.91
N GLY A 60 -1.79 -15.50 10.44
CA GLY A 60 -0.63 -15.74 9.58
C GLY A 60 -0.96 -15.88 8.08
N GLN A 61 -2.23 -15.75 7.70
CA GLN A 61 -2.70 -15.81 6.31
C GLN A 61 -2.58 -14.41 5.66
N PRO A 62 -2.21 -14.31 4.37
CA PRO A 62 -2.05 -13.02 3.68
C PRO A 62 -3.41 -12.30 3.51
N THR A 63 -3.40 -10.97 3.64
CA THR A 63 -4.59 -10.11 3.57
C THR A 63 -5.01 -9.77 2.14
N GLY A 64 -4.05 -9.76 1.21
CA GLY A 64 -4.24 -9.16 -0.12
C GLY A 64 -4.29 -7.63 -0.10
N VAL A 65 -3.68 -6.98 0.90
CA VAL A 65 -3.63 -5.51 1.04
C VAL A 65 -2.18 -5.01 1.15
N ALA A 66 -1.89 -3.88 0.50
CA ALA A 66 -0.69 -3.07 0.72
C ALA A 66 -1.01 -1.66 1.23
N VAL A 67 -0.07 -1.07 1.97
CA VAL A 67 -0.02 0.38 2.25
C VAL A 67 1.21 0.94 1.52
N VAL A 68 1.08 2.15 0.98
CA VAL A 68 2.17 2.92 0.33
C VAL A 68 2.18 4.32 0.94
N GLU A 69 3.30 5.03 0.93
CA GLU A 69 3.45 6.37 1.54
C GLU A 69 4.33 7.20 0.60
N TYR A 70 3.95 8.45 0.32
CA TYR A 70 4.46 9.21 -0.82
C TYR A 70 5.02 10.60 -0.48
N GLU A 71 6.06 11.01 -1.22
CA GLU A 71 6.75 12.29 -1.02
C GLU A 71 5.79 13.49 -1.07
N ASN A 72 4.83 13.51 -2.00
CA ASN A 72 3.90 14.63 -2.20
C ASN A 72 2.47 14.12 -2.36
N LEU A 73 1.49 14.90 -1.89
CA LEU A 73 0.06 14.58 -2.00
C LEU A 73 -0.45 14.55 -3.46
N VAL A 74 0.23 15.24 -4.38
CA VAL A 74 0.00 15.11 -5.84
C VAL A 74 0.38 13.72 -6.38
N ASP A 75 1.45 13.09 -5.87
CA ASP A 75 1.89 11.77 -6.31
C ASP A 75 1.00 10.68 -5.69
N ALA A 76 0.63 10.86 -4.41
CA ALA A 76 -0.34 10.02 -3.73
C ALA A 76 -1.71 10.02 -4.42
N ASP A 77 -2.27 11.20 -4.75
CA ASP A 77 -3.50 11.27 -5.53
C ASP A 77 -3.37 10.61 -6.91
N PHE A 78 -2.23 10.79 -7.59
CA PHE A 78 -1.98 10.21 -8.91
C PHE A 78 -2.05 8.67 -8.94
N CYS A 79 -1.61 7.98 -7.88
CA CYS A 79 -1.82 6.53 -7.74
C CYS A 79 -3.30 6.16 -7.80
N ILE A 80 -4.13 6.90 -7.07
CA ILE A 80 -5.57 6.65 -6.96
C ILE A 80 -6.29 7.05 -8.26
N GLN A 81 -5.70 7.93 -9.08
CA GLN A 81 -6.16 8.20 -10.45
C GLN A 81 -5.81 7.06 -11.43
N LYS A 82 -4.61 6.46 -11.35
CA LYS A 82 -4.13 5.48 -12.34
C LYS A 82 -4.41 4.00 -12.01
N LEU A 83 -4.32 3.62 -10.73
CA LEU A 83 -4.26 2.21 -10.30
C LEU A 83 -5.64 1.64 -9.91
N ASN A 84 -6.68 2.46 -9.72
CA ASN A 84 -7.99 2.03 -9.17
C ASN A 84 -8.88 1.33 -10.22
N ASN A 85 -8.31 0.30 -10.85
CA ASN A 85 -8.67 -0.35 -12.12
C ASN A 85 -7.54 -1.28 -12.65
N TYR A 86 -6.31 -1.19 -12.11
CA TYR A 86 -5.13 -1.90 -12.57
C TYR A 86 -5.24 -3.43 -12.38
N ASN A 87 -4.99 -4.18 -13.45
CA ASN A 87 -5.00 -5.64 -13.44
C ASN A 87 -3.59 -6.22 -13.22
N TYR A 88 -3.49 -7.20 -12.33
CA TYR A 88 -2.23 -7.78 -11.84
C TYR A 88 -2.44 -9.20 -11.26
N GLY A 89 -1.74 -10.19 -11.82
CA GLY A 89 -1.81 -11.60 -11.35
C GLY A 89 -3.08 -12.36 -11.73
N GLY A 90 -4.01 -11.72 -12.44
CA GLY A 90 -5.39 -12.19 -12.68
C GLY A 90 -6.44 -11.55 -11.76
N CYS A 91 -6.00 -10.70 -10.81
CA CYS A 91 -6.85 -9.86 -9.96
C CYS A 91 -6.92 -8.43 -10.53
N SER A 92 -7.93 -7.66 -10.14
CA SER A 92 -7.99 -6.21 -10.37
C SER A 92 -7.93 -5.48 -9.02
N LEU A 93 -7.10 -4.45 -8.89
CA LEU A 93 -6.83 -3.80 -7.61
C LEU A 93 -7.81 -2.66 -7.31
N GLN A 94 -8.18 -2.54 -6.04
CA GLN A 94 -8.93 -1.41 -5.49
C GLN A 94 -7.95 -0.51 -4.74
N ILE A 95 -8.02 0.81 -4.93
CA ILE A 95 -7.03 1.76 -4.39
C ILE A 95 -7.75 2.97 -3.78
N SER A 96 -7.25 3.47 -2.67
CA SER A 96 -7.73 4.70 -2.02
C SER A 96 -6.64 5.36 -1.15
N TYR A 97 -6.98 6.40 -0.37
CA TYR A 97 -6.07 6.93 0.65
C TYR A 97 -6.13 6.04 1.91
N ALA A 98 -4.98 5.71 2.48
CA ALA A 98 -4.88 5.03 3.78
C ALA A 98 -5.18 6.05 4.88
N ARG A 99 -6.26 5.80 5.62
CA ARG A 99 -6.93 6.71 6.56
C ARG A 99 -6.04 7.01 7.77
N ARG A 100 -5.80 6.00 8.59
CA ARG A 100 -4.98 6.08 9.80
C ARG A 100 -3.63 5.35 9.66
N ASP A 101 -2.70 6.12 9.13
CA ASP A 101 -1.23 5.97 9.22
C ASP A 101 -0.65 4.86 8.31
N GLY A 1 18.99 3.99 18.53
CA GLY A 1 17.81 3.10 18.44
C GLY A 1 18.21 1.64 18.27
N SER A 2 17.48 0.72 18.91
CA SER A 2 17.80 -0.72 18.92
C SER A 2 17.29 -1.49 17.68
N HIS A 3 16.44 -0.86 16.86
CA HIS A 3 15.86 -1.41 15.63
C HIS A 3 15.31 -0.30 14.69
N ILE A 4 14.87 -0.69 13.49
CA ILE A 4 14.16 0.16 12.51
C ILE A 4 13.12 -0.68 11.72
N ASP A 5 12.62 -1.74 12.37
CA ASP A 5 12.09 -2.94 11.71
C ASP A 5 10.68 -3.33 12.18
N GLU A 6 10.41 -3.27 13.50
CA GLU A 6 9.05 -3.48 14.03
C GLU A 6 8.08 -2.44 13.46
N THR A 7 8.62 -1.28 13.10
CA THR A 7 7.92 -0.16 12.47
C THR A 7 7.20 -0.55 11.19
N ALA A 8 7.62 -1.60 10.48
CA ALA A 8 6.89 -2.10 9.31
C ALA A 8 5.50 -2.69 9.64
N ALA A 9 5.30 -3.13 10.88
CA ALA A 9 3.99 -3.49 11.42
C ALA A 9 3.17 -2.23 11.70
N LYS A 10 3.75 -1.26 12.41
CA LYS A 10 3.10 0.02 12.72
C LYS A 10 2.69 0.79 11.43
N PHE A 11 3.44 0.60 10.34
CA PHE A 11 3.17 1.14 9.01
C PHE A 11 1.88 0.57 8.35
N THR A 12 1.43 -0.65 8.73
CA THR A 12 0.25 -1.32 8.12
C THR A 12 -0.89 -1.61 9.11
N GLU A 13 -0.59 -1.72 10.40
CA GLU A 13 -1.55 -2.07 11.46
C GLU A 13 -2.37 -0.82 11.83
N GLY A 14 -3.69 -0.98 11.92
CA GLY A 14 -4.59 0.11 12.29
C GLY A 14 -5.06 0.89 11.07
N VAL A 15 -4.42 0.67 9.91
CA VAL A 15 -4.81 1.30 8.65
C VAL A 15 -6.09 0.69 8.05
N ASN A 16 -6.92 1.55 7.46
CA ASN A 16 -8.25 1.24 6.88
C ASN A 16 -8.41 2.01 5.55
N PRO A 17 -9.36 1.66 4.66
CA PRO A 17 -9.56 2.38 3.40
C PRO A 17 -10.30 3.72 3.58
N GLY A 18 -10.11 4.61 2.61
CA GLY A 18 -10.95 5.80 2.34
C GLY A 18 -11.08 6.79 3.50
N GLY A 19 -10.04 7.59 3.77
CA GLY A 19 -10.11 8.69 4.73
C GLY A 19 -10.47 10.00 4.04
N ASP A 20 -9.41 10.72 3.67
CA ASP A 20 -9.35 12.00 2.97
C ASP A 20 -7.91 12.21 2.49
N ARG A 21 -7.65 13.28 1.72
CA ARG A 21 -6.36 13.71 1.20
C ARG A 21 -5.24 13.82 2.27
N ASN A 22 -4.63 12.69 2.62
CA ASN A 22 -3.38 12.60 3.40
C ASN A 22 -2.19 12.21 2.48
N CYS A 23 -1.22 11.40 2.92
CA CYS A 23 -0.05 10.98 2.11
C CYS A 23 0.20 9.45 2.05
N PHE A 24 -0.61 8.65 2.75
CA PHE A 24 -0.60 7.20 2.67
C PHE A 24 -1.66 6.70 1.67
N ILE A 25 -1.31 5.66 0.93
CA ILE A 25 -2.16 4.93 -0.01
C ILE A 25 -2.51 3.60 0.62
N TYR A 26 -3.78 3.22 0.54
CA TYR A 26 -4.28 1.89 0.86
C TYR A 26 -4.64 1.17 -0.45
N CYS A 27 -4.16 -0.05 -0.64
CA CYS A 27 -4.22 -0.79 -1.91
C CYS A 27 -4.68 -2.20 -1.59
N SER A 28 -5.63 -2.76 -2.35
CA SER A 28 -6.41 -3.91 -1.89
C SER A 28 -6.89 -4.80 -3.04
N ASN A 29 -7.21 -6.05 -2.70
CA ASN A 29 -7.52 -7.15 -3.63
C ASN A 29 -6.27 -7.62 -4.43
N LEU A 30 -5.06 -7.44 -3.86
CA LEU A 30 -3.84 -8.04 -4.44
C LEU A 30 -3.93 -9.58 -4.36
N PRO A 31 -3.33 -10.32 -5.32
CA PRO A 31 -3.23 -11.77 -5.25
C PRO A 31 -2.26 -12.18 -4.13
N PHE A 32 -2.45 -13.37 -3.57
CA PHE A 32 -1.72 -13.83 -2.39
C PHE A 32 -0.25 -14.22 -2.66
N SER A 33 0.17 -14.24 -3.92
CA SER A 33 1.57 -14.47 -4.35
C SER A 33 2.45 -13.20 -4.24
N THR A 34 1.89 -12.05 -3.83
CA THR A 34 2.58 -10.75 -3.77
C THR A 34 3.55 -10.68 -2.58
N ALA A 35 4.63 -9.91 -2.74
CA ALA A 35 5.64 -9.59 -1.71
C ALA A 35 6.01 -8.09 -1.76
N ARG A 36 6.73 -7.59 -0.74
CA ARG A 36 7.08 -6.16 -0.58
C ARG A 36 7.72 -5.54 -1.84
N SER A 37 8.57 -6.28 -2.53
CA SER A 37 9.28 -5.81 -3.75
C SER A 37 8.34 -5.56 -4.94
N ASP A 38 7.12 -6.13 -4.96
CA ASP A 38 6.11 -5.91 -5.98
C ASP A 38 5.48 -4.49 -5.96
N LEU A 39 5.57 -3.79 -4.82
CA LEU A 39 4.96 -2.46 -4.68
C LEU A 39 5.67 -1.46 -5.60
N PHE A 40 6.99 -1.36 -5.47
CA PHE A 40 7.85 -0.45 -6.24
C PHE A 40 7.91 -0.78 -7.75
N ASP A 41 7.35 -1.92 -8.17
CA ASP A 41 7.18 -2.32 -9.57
C ASP A 41 6.11 -1.50 -10.31
N LEU A 42 4.99 -1.22 -9.63
CA LEU A 42 3.79 -0.60 -10.19
C LEU A 42 3.44 0.76 -9.54
N PHE A 43 3.99 1.03 -8.36
CA PHE A 43 4.02 2.34 -7.71
C PHE A 43 5.26 3.16 -8.13
N GLY A 44 6.40 2.51 -8.37
CA GLY A 44 7.66 3.18 -8.74
C GLY A 44 7.61 4.12 -9.97
N PRO A 45 6.83 3.85 -11.04
CA PRO A 45 6.73 4.77 -12.18
C PRO A 45 5.73 5.94 -11.95
N ILE A 46 5.03 6.00 -10.81
CA ILE A 46 4.10 7.08 -10.48
C ILE A 46 4.84 8.31 -9.93
N GLY A 47 5.85 8.08 -9.08
CA GLY A 47 6.60 9.11 -8.34
C GLY A 47 7.52 8.49 -7.29
N LYS A 48 7.92 9.28 -6.30
CA LYS A 48 8.85 8.85 -5.24
C LYS A 48 8.11 8.31 -4.01
N ILE A 49 8.16 6.99 -3.79
CA ILE A 49 7.62 6.34 -2.58
C ILE A 49 8.65 6.45 -1.44
N ASN A 50 8.22 7.01 -0.32
CA ASN A 50 9.02 7.14 0.89
C ASN A 50 9.18 5.80 1.65
N ASN A 51 8.11 4.98 1.67
CA ASN A 51 8.02 3.65 2.30
C ASN A 51 6.77 2.88 1.81
N ALA A 52 6.74 1.56 2.00
CA ALA A 52 5.65 0.66 1.58
C ALA A 52 5.76 -0.75 2.16
N GLU A 53 4.61 -1.38 2.46
CA GLU A 53 4.49 -2.65 3.20
C GLU A 53 3.15 -3.34 2.87
N LEU A 54 3.04 -4.63 3.21
CA LEU A 54 1.82 -5.42 3.06
C LEU A 54 1.15 -5.70 4.40
N LYS A 55 -0.19 -5.67 4.46
CA LYS A 55 -0.90 -5.76 5.74
C LYS A 55 -0.79 -7.17 6.39
N PRO A 56 -0.27 -7.30 7.64
CA PRO A 56 -0.20 -8.56 8.37
C PRO A 56 -1.58 -8.99 8.89
N GLN A 57 -1.66 -10.22 9.41
CA GLN A 57 -2.85 -10.87 9.91
C GLN A 57 -2.42 -12.02 10.86
N GLU A 58 -3.10 -12.16 12.01
CA GLU A 58 -2.68 -13.00 13.14
C GLU A 58 -2.52 -14.49 12.81
N ASN A 59 -3.22 -15.00 11.79
CA ASN A 59 -3.13 -16.40 11.34
C ASN A 59 -1.77 -16.76 10.72
N GLY A 60 -1.01 -15.75 10.26
CA GLY A 60 0.11 -15.93 9.30
C GLY A 60 -0.35 -15.98 7.83
N GLN A 61 -1.66 -15.86 7.57
CA GLN A 61 -2.26 -15.95 6.23
C GLN A 61 -2.27 -14.55 5.57
N PRO A 62 -1.96 -14.43 4.26
CA PRO A 62 -1.88 -13.14 3.57
C PRO A 62 -3.27 -12.48 3.43
N THR A 63 -3.28 -11.14 3.48
CA THR A 63 -4.50 -10.31 3.46
C THR A 63 -4.96 -9.91 2.06
N GLY A 64 -4.05 -9.84 1.10
CA GLY A 64 -4.29 -9.20 -0.20
C GLY A 64 -4.38 -7.67 -0.11
N VAL A 65 -3.69 -7.04 0.85
CA VAL A 65 -3.66 -5.57 1.04
C VAL A 65 -2.22 -5.07 1.15
N ALA A 66 -1.95 -3.94 0.51
CA ALA A 66 -0.75 -3.12 0.66
C ALA A 66 -1.05 -1.73 1.26
N VAL A 67 -0.04 -1.13 1.91
CA VAL A 67 -0.01 0.31 2.25
C VAL A 67 1.24 0.91 1.60
N VAL A 68 1.15 2.18 1.19
CA VAL A 68 2.26 2.93 0.56
C VAL A 68 2.29 4.34 1.15
N GLU A 69 3.45 4.99 1.23
CA GLU A 69 3.61 6.32 1.82
C GLU A 69 4.56 7.13 0.93
N TYR A 70 4.09 8.25 0.40
CA TYR A 70 4.75 8.98 -0.69
C TYR A 70 5.54 10.23 -0.23
N GLU A 71 6.51 10.66 -1.06
CA GLU A 71 7.28 11.88 -0.80
C GLU A 71 6.46 13.17 -0.98
N ASN A 72 5.41 13.20 -1.82
CA ASN A 72 4.53 14.36 -2.03
C ASN A 72 3.07 13.95 -2.20
N LEU A 73 2.13 14.82 -1.81
CA LEU A 73 0.69 14.58 -1.98
C LEU A 73 0.24 14.55 -3.44
N VAL A 74 0.97 15.22 -4.33
CA VAL A 74 0.77 15.09 -5.80
C VAL A 74 1.01 13.68 -6.30
N ASP A 75 2.02 12.96 -5.77
CA ASP A 75 2.39 11.62 -6.22
C ASP A 75 1.49 10.55 -5.58
N ALA A 76 1.12 10.77 -4.30
CA ALA A 76 0.10 9.98 -3.61
C ALA A 76 -1.24 10.00 -4.38
N ASP A 77 -1.75 11.20 -4.67
CA ASP A 77 -3.00 11.35 -5.43
C ASP A 77 -2.92 10.73 -6.83
N PHE A 78 -1.81 10.93 -7.56
CA PHE A 78 -1.58 10.35 -8.89
C PHE A 78 -1.69 8.82 -8.90
N CYS A 79 -1.28 8.14 -7.82
CA CYS A 79 -1.43 6.70 -7.68
C CYS A 79 -2.89 6.27 -7.58
N ILE A 80 -3.67 6.98 -6.78
CA ILE A 80 -5.12 6.78 -6.61
C ILE A 80 -5.90 7.14 -7.89
N GLN A 81 -5.34 7.99 -8.77
CA GLN A 81 -5.85 8.21 -10.14
C GLN A 81 -5.55 7.01 -11.05
N LYS A 82 -4.31 6.54 -11.11
CA LYS A 82 -3.85 5.57 -12.12
C LYS A 82 -4.14 4.08 -11.79
N LEU A 83 -4.00 3.66 -10.53
CA LEU A 83 -4.04 2.23 -10.16
C LEU A 83 -5.45 1.72 -9.82
N ASN A 84 -6.46 2.58 -9.66
CA ASN A 84 -7.79 2.20 -9.15
C ASN A 84 -8.70 1.47 -10.17
N ASN A 85 -8.06 0.65 -11.01
CA ASN A 85 -8.56 -0.08 -12.18
C ASN A 85 -7.50 -1.09 -12.72
N TYR A 86 -6.41 -1.32 -11.98
CA TYR A 86 -5.20 -2.03 -12.42
C TYR A 86 -5.35 -3.55 -12.25
N ASN A 87 -5.21 -4.32 -13.34
CA ASN A 87 -5.29 -5.79 -13.30
C ASN A 87 -3.89 -6.43 -13.12
N TYR A 88 -3.77 -7.32 -12.15
CA TYR A 88 -2.51 -7.91 -11.69
C TYR A 88 -2.75 -9.32 -11.10
N GLY A 89 -2.12 -10.35 -11.70
CA GLY A 89 -2.34 -11.76 -11.35
C GLY A 89 -3.67 -12.34 -11.86
N GLY A 90 -4.46 -11.53 -12.58
CA GLY A 90 -5.88 -11.78 -12.93
C GLY A 90 -6.87 -10.97 -12.08
N CYS A 91 -6.41 -10.37 -10.97
CA CYS A 91 -7.23 -9.60 -10.02
C CYS A 91 -7.17 -8.10 -10.33
N SER A 92 -8.32 -7.42 -10.36
CA SER A 92 -8.35 -5.95 -10.41
C SER A 92 -8.16 -5.36 -8.99
N LEU A 93 -7.25 -4.40 -8.83
CA LEU A 93 -6.94 -3.78 -7.53
C LEU A 93 -7.88 -2.61 -7.24
N GLN A 94 -8.19 -2.42 -5.97
CA GLN A 94 -8.91 -1.25 -5.46
C GLN A 94 -7.96 -0.43 -4.58
N ILE A 95 -7.89 0.87 -4.82
CA ILE A 95 -6.88 1.81 -4.30
C ILE A 95 -7.61 3.02 -3.71
N SER A 96 -7.15 3.53 -2.58
CA SER A 96 -7.73 4.69 -1.91
C SER A 96 -6.73 5.42 -0.99
N TYR A 97 -7.18 6.50 -0.37
CA TYR A 97 -6.43 7.16 0.70
C TYR A 97 -6.60 6.38 2.00
N ALA A 98 -5.51 5.79 2.50
CA ALA A 98 -5.42 5.17 3.81
C ALA A 98 -5.96 6.11 4.91
N ARG A 99 -6.94 5.65 5.68
CA ARG A 99 -7.65 6.48 6.65
C ARG A 99 -6.79 6.83 7.87
N ARG A 100 -6.19 5.80 8.46
CA ARG A 100 -5.35 5.89 9.66
C ARG A 100 -3.99 5.21 9.50
N ASP A 101 -3.08 6.02 8.98
CA ASP A 101 -1.60 5.88 9.08
C ASP A 101 -1.02 4.77 8.18
N GLY A 1 14.03 -5.47 25.87
CA GLY A 1 13.31 -5.05 24.65
C GLY A 1 14.26 -4.54 23.57
N SER A 2 13.95 -4.79 22.30
CA SER A 2 14.79 -4.47 21.14
C SER A 2 13.95 -4.09 19.90
N HIS A 3 14.53 -3.29 18.99
CA HIS A 3 13.87 -2.77 17.78
C HIS A 3 14.87 -2.37 16.68
N ILE A 4 14.78 -3.03 15.51
CA ILE A 4 15.44 -2.61 14.26
C ILE A 4 14.49 -2.37 13.07
N ASP A 5 13.26 -2.90 13.12
CA ASP A 5 12.27 -2.83 12.02
C ASP A 5 10.80 -3.00 12.48
N GLU A 6 10.52 -2.90 13.79
CA GLU A 6 9.17 -3.11 14.36
C GLU A 6 8.14 -2.12 13.80
N THR A 7 8.59 -0.91 13.45
CA THR A 7 7.79 0.16 12.82
C THR A 7 7.18 -0.27 11.48
N ALA A 8 7.75 -1.24 10.77
CA ALA A 8 7.14 -1.77 9.55
C ALA A 8 5.83 -2.54 9.79
N ALA A 9 5.55 -2.98 11.03
CA ALA A 9 4.24 -3.48 11.43
C ALA A 9 3.26 -2.31 11.58
N LYS A 10 3.65 -1.28 12.34
CA LYS A 10 2.83 -0.10 12.63
C LYS A 10 2.54 0.76 11.38
N PHE A 11 3.35 0.64 10.32
CA PHE A 11 3.10 1.22 9.00
C PHE A 11 1.85 0.62 8.30
N THR A 12 1.41 -0.59 8.71
CA THR A 12 0.24 -1.30 8.14
C THR A 12 -0.86 -1.61 9.16
N GLU A 13 -0.53 -1.70 10.45
CA GLU A 13 -1.45 -2.04 11.52
C GLU A 13 -2.28 -0.81 11.90
N GLY A 14 -3.60 -0.97 12.00
CA GLY A 14 -4.51 0.11 12.36
C GLY A 14 -5.01 0.85 11.13
N VAL A 15 -4.41 0.60 9.95
CA VAL A 15 -4.80 1.25 8.71
C VAL A 15 -6.10 0.70 8.11
N ASN A 16 -6.92 1.59 7.55
CA ASN A 16 -8.26 1.29 7.01
C ASN A 16 -8.48 2.05 5.68
N PRO A 17 -9.37 1.61 4.77
CA PRO A 17 -9.63 2.28 3.50
C PRO A 17 -10.46 3.57 3.67
N GLY A 18 -10.10 4.61 2.89
CA GLY A 18 -10.93 5.80 2.64
C GLY A 18 -10.65 6.96 3.60
N GLY A 19 -9.52 7.66 3.41
CA GLY A 19 -9.14 8.84 4.20
C GLY A 19 -9.60 10.15 3.56
N ASP A 20 -8.67 11.11 3.48
CA ASP A 20 -8.98 12.55 3.54
C ASP A 20 -7.95 13.45 2.81
N ARG A 21 -7.23 12.87 1.85
CA ARG A 21 -6.03 13.40 1.19
C ARG A 21 -4.92 13.68 2.23
N ASN A 22 -4.31 12.60 2.75
CA ASN A 22 -3.20 12.69 3.73
C ASN A 22 -1.78 12.56 3.12
N CYS A 23 -1.37 11.34 2.74
CA CYS A 23 -0.01 10.94 2.30
C CYS A 23 0.15 9.42 2.08
N PHE A 24 -0.67 8.61 2.73
CA PHE A 24 -0.68 7.14 2.61
C PHE A 24 -1.76 6.67 1.64
N ILE A 25 -1.33 5.82 0.71
CA ILE A 25 -2.16 5.05 -0.22
C ILE A 25 -2.51 3.74 0.45
N TYR A 26 -3.78 3.36 0.36
CA TYR A 26 -4.28 2.03 0.71
C TYR A 26 -4.66 1.27 -0.58
N CYS A 27 -4.21 0.03 -0.72
CA CYS A 27 -4.34 -0.77 -1.95
C CYS A 27 -4.84 -2.17 -1.57
N SER A 28 -5.84 -2.69 -2.27
CA SER A 28 -6.51 -3.93 -1.87
C SER A 28 -6.95 -4.79 -3.05
N ASN A 29 -7.24 -6.07 -2.75
CA ASN A 29 -7.50 -7.14 -3.72
C ASN A 29 -6.22 -7.56 -4.50
N LEU A 30 -5.03 -7.40 -3.91
CA LEU A 30 -3.79 -7.97 -4.47
C LEU A 30 -3.87 -9.52 -4.42
N PRO A 31 -3.29 -10.24 -5.39
CA PRO A 31 -3.22 -11.70 -5.37
C PRO A 31 -2.28 -12.16 -4.25
N PHE A 32 -2.54 -13.36 -3.71
CA PHE A 32 -1.87 -13.87 -2.50
C PHE A 32 -0.43 -14.34 -2.71
N SER A 33 0.06 -14.34 -3.95
CA SER A 33 1.46 -14.62 -4.30
C SER A 33 2.36 -13.36 -4.23
N THR A 34 1.81 -12.19 -3.86
CA THR A 34 2.55 -10.91 -3.83
C THR A 34 3.60 -10.91 -2.71
N ALA A 35 4.76 -10.29 -2.98
CA ALA A 35 5.87 -10.07 -2.05
C ALA A 35 6.28 -8.58 -1.99
N ARG A 36 7.12 -8.18 -1.03
CA ARG A 36 7.40 -6.76 -0.74
C ARG A 36 7.94 -5.97 -1.94
N SER A 37 8.74 -6.60 -2.80
CA SER A 37 9.32 -5.94 -3.99
C SER A 37 8.26 -5.59 -5.06
N ASP A 38 7.05 -6.19 -5.00
CA ASP A 38 5.98 -5.94 -5.97
C ASP A 38 5.35 -4.55 -5.85
N LEU A 39 5.47 -3.90 -4.69
CA LEU A 39 4.91 -2.57 -4.49
C LEU A 39 5.60 -1.55 -5.41
N PHE A 40 6.94 -1.55 -5.39
CA PHE A 40 7.78 -0.67 -6.20
C PHE A 40 7.80 -1.02 -7.69
N ASP A 41 7.17 -2.13 -8.09
CA ASP A 41 6.92 -2.53 -9.48
C ASP A 41 5.86 -1.63 -10.15
N LEU A 42 4.66 -1.59 -9.57
CA LEU A 42 3.48 -0.91 -10.13
C LEU A 42 3.32 0.53 -9.61
N PHE A 43 3.90 0.85 -8.44
CA PHE A 43 3.93 2.21 -7.89
C PHE A 43 5.21 2.98 -8.28
N GLY A 44 6.33 2.30 -8.55
CA GLY A 44 7.62 2.92 -8.86
C GLY A 44 7.63 3.99 -9.97
N PRO A 45 6.89 3.84 -11.10
CA PRO A 45 6.87 4.84 -12.17
C PRO A 45 5.90 6.02 -11.92
N ILE A 46 5.14 6.02 -10.82
CA ILE A 46 4.17 7.09 -10.49
C ILE A 46 4.85 8.30 -9.85
N GLY A 47 5.85 8.05 -8.99
CA GLY A 47 6.62 9.05 -8.23
C GLY A 47 7.47 8.41 -7.13
N LYS A 48 7.89 9.21 -6.14
CA LYS A 48 8.76 8.74 -5.05
C LYS A 48 7.96 8.18 -3.85
N ILE A 49 7.99 6.85 -3.68
CA ILE A 49 7.52 6.17 -2.47
C ILE A 49 8.50 6.50 -1.32
N ASN A 50 8.00 7.07 -0.24
CA ASN A 50 8.74 7.26 1.00
C ASN A 50 8.95 5.92 1.74
N ASN A 51 7.91 5.06 1.76
CA ASN A 51 7.85 3.73 2.40
C ASN A 51 6.62 2.95 1.92
N ALA A 52 6.60 1.63 2.14
CA ALA A 52 5.53 0.72 1.68
C ALA A 52 5.65 -0.69 2.28
N GLU A 53 4.51 -1.33 2.60
CA GLU A 53 4.43 -2.61 3.31
C GLU A 53 3.08 -3.30 3.00
N LEU A 54 3.00 -4.62 3.25
CA LEU A 54 1.77 -5.42 3.11
C LEU A 54 1.09 -5.66 4.47
N LYS A 55 -0.23 -5.61 4.52
CA LYS A 55 -0.95 -5.72 5.80
C LYS A 55 -0.86 -7.15 6.42
N PRO A 56 -0.40 -7.31 7.68
CA PRO A 56 -0.33 -8.60 8.37
C PRO A 56 -1.70 -9.06 8.90
N GLN A 57 -1.76 -10.31 9.37
CA GLN A 57 -2.89 -10.96 9.99
C GLN A 57 -2.33 -11.95 11.04
N GLU A 58 -3.00 -12.10 12.19
CA GLU A 58 -2.45 -12.84 13.35
C GLU A 58 -2.15 -14.34 13.11
N ASN A 59 -2.80 -14.96 12.11
CA ASN A 59 -2.55 -16.35 11.73
C ASN A 59 -1.40 -16.52 10.70
N GLY A 60 -0.79 -15.42 10.24
CA GLY A 60 0.33 -15.42 9.28
C GLY A 60 -0.07 -15.48 7.80
N GLN A 61 -1.37 -15.51 7.49
CA GLN A 61 -1.89 -15.59 6.11
C GLN A 61 -1.81 -14.22 5.40
N PRO A 62 -1.66 -14.20 4.06
CA PRO A 62 -1.68 -12.96 3.27
C PRO A 62 -3.10 -12.37 3.24
N THR A 63 -3.20 -11.04 3.40
CA THR A 63 -4.46 -10.29 3.44
C THR A 63 -4.97 -9.84 2.09
N GLY A 64 -4.07 -9.75 1.09
CA GLY A 64 -4.36 -9.10 -0.20
C GLY A 64 -4.44 -7.58 -0.10
N VAL A 65 -3.78 -6.95 0.89
CA VAL A 65 -3.72 -5.49 1.08
C VAL A 65 -2.27 -5.01 1.16
N ALA A 66 -2.00 -3.88 0.50
CA ALA A 66 -0.80 -3.07 0.66
C ALA A 66 -1.10 -1.67 1.22
N VAL A 67 -0.12 -1.08 1.92
CA VAL A 67 -0.08 0.35 2.22
C VAL A 67 1.17 0.93 1.55
N VAL A 68 1.08 2.16 1.06
CA VAL A 68 2.19 2.89 0.39
C VAL A 68 2.18 4.32 0.93
N GLU A 69 3.32 5.02 0.97
CA GLU A 69 3.47 6.36 1.54
C GLU A 69 4.37 7.17 0.61
N TYR A 70 4.04 8.43 0.35
CA TYR A 70 4.57 9.19 -0.79
C TYR A 70 5.12 10.58 -0.44
N GLU A 71 6.19 10.98 -1.15
CA GLU A 71 6.91 12.25 -0.95
C GLU A 71 5.98 13.49 -1.01
N ASN A 72 5.05 13.55 -1.97
CA ASN A 72 4.19 14.71 -2.20
C ASN A 72 2.73 14.26 -2.38
N LEU A 73 1.77 15.09 -1.96
CA LEU A 73 0.34 14.76 -2.02
C LEU A 73 -0.21 14.70 -3.45
N VAL A 74 0.45 15.39 -4.39
CA VAL A 74 0.23 15.21 -5.84
C VAL A 74 0.60 13.81 -6.33
N ASP A 75 1.64 13.17 -5.78
CA ASP A 75 2.09 11.84 -6.18
C ASP A 75 1.24 10.74 -5.52
N ALA A 76 0.81 10.98 -4.27
CA ALA A 76 -0.16 10.10 -3.62
C ALA A 76 -1.51 10.11 -4.37
N ASP A 77 -2.03 11.29 -4.75
CA ASP A 77 -3.20 11.34 -5.66
C ASP A 77 -2.94 10.62 -7.00
N PHE A 78 -1.76 10.80 -7.61
CA PHE A 78 -1.41 10.21 -8.90
C PHE A 78 -1.47 8.67 -8.93
N CYS A 79 -1.30 8.00 -7.79
CA CYS A 79 -1.56 6.56 -7.67
C CYS A 79 -3.04 6.22 -7.83
N ILE A 80 -3.89 6.84 -7.03
CA ILE A 80 -5.33 6.54 -6.98
C ILE A 80 -6.03 6.98 -8.28
N GLN A 81 -5.45 7.96 -8.96
CA GLN A 81 -5.77 8.45 -10.29
C GLN A 81 -5.46 7.41 -11.40
N LYS A 82 -4.32 6.69 -11.34
CA LYS A 82 -3.94 5.70 -12.35
C LYS A 82 -4.32 4.23 -12.06
N LEU A 83 -4.19 3.78 -10.80
CA LEU A 83 -4.15 2.37 -10.40
C LEU A 83 -5.53 1.77 -10.04
N ASN A 84 -6.58 2.59 -9.86
CA ASN A 84 -7.88 2.14 -9.30
C ASN A 84 -8.78 1.37 -10.29
N ASN A 85 -8.13 0.55 -11.13
CA ASN A 85 -8.62 -0.21 -12.27
C ASN A 85 -7.53 -1.18 -12.83
N TYR A 86 -6.42 -1.37 -12.11
CA TYR A 86 -5.21 -2.03 -12.60
C TYR A 86 -5.30 -3.56 -12.43
N ASN A 87 -5.24 -4.30 -13.53
CA ASN A 87 -5.28 -5.77 -13.53
C ASN A 87 -3.87 -6.35 -13.26
N TYR A 88 -3.76 -7.20 -12.24
CA TYR A 88 -2.51 -7.79 -11.76
C TYR A 88 -2.74 -9.19 -11.18
N GLY A 89 -2.09 -10.22 -11.74
CA GLY A 89 -2.28 -11.63 -11.35
C GLY A 89 -3.60 -12.24 -11.83
N GLY A 90 -4.42 -11.48 -12.57
CA GLY A 90 -5.83 -11.78 -12.87
C GLY A 90 -6.83 -11.08 -11.94
N CYS A 91 -6.34 -10.28 -10.97
CA CYS A 91 -7.14 -9.52 -10.00
C CYS A 91 -7.09 -8.02 -10.33
N SER A 92 -8.24 -7.36 -10.45
CA SER A 92 -8.28 -5.89 -10.54
C SER A 92 -8.09 -5.28 -9.14
N LEU A 93 -7.11 -4.38 -8.97
CA LEU A 93 -6.82 -3.76 -7.69
C LEU A 93 -7.78 -2.60 -7.40
N GLN A 94 -8.20 -2.50 -6.14
CA GLN A 94 -8.89 -1.32 -5.60
C GLN A 94 -7.85 -0.46 -4.87
N ILE A 95 -7.94 0.86 -5.00
CA ILE A 95 -6.94 1.80 -4.48
C ILE A 95 -7.68 3.02 -3.91
N SER A 96 -7.19 3.54 -2.80
CA SER A 96 -7.74 4.71 -2.11
C SER A 96 -6.67 5.39 -1.26
N TYR A 97 -7.03 6.42 -0.49
CA TYR A 97 -6.21 6.80 0.67
C TYR A 97 -6.41 5.77 1.80
N ALA A 98 -5.40 5.61 2.64
CA ALA A 98 -5.56 5.11 4.00
C ALA A 98 -6.27 6.18 4.85
N ARG A 99 -7.09 5.77 5.83
CA ARG A 99 -7.72 6.71 6.78
C ARG A 99 -6.85 6.99 8.02
N ARG A 100 -6.17 5.95 8.51
CA ARG A 100 -5.30 5.99 9.68
C ARG A 100 -3.95 5.26 9.48
N ASP A 101 -2.99 6.06 9.04
CA ASP A 101 -1.54 5.82 9.12
C ASP A 101 -1.00 4.72 8.18
N GLY A 1 16.67 5.37 20.34
CA GLY A 1 15.88 4.21 19.84
C GLY A 1 16.04 2.98 20.73
N SER A 2 15.21 1.96 20.50
CA SER A 2 15.14 0.74 21.34
C SER A 2 14.73 -0.54 20.57
N HIS A 3 14.78 -0.52 19.23
CA HIS A 3 14.39 -1.63 18.33
C HIS A 3 14.98 -1.49 16.91
N ILE A 4 14.64 -2.42 16.01
CA ILE A 4 14.91 -2.36 14.56
C ILE A 4 13.74 -3.02 13.78
N ASP A 5 13.42 -2.47 12.59
CA ASP A 5 12.41 -2.93 11.61
C ASP A 5 10.93 -2.81 12.03
N GLU A 6 10.64 -2.85 13.33
CA GLU A 6 9.30 -3.08 13.87
C GLU A 6 8.26 -2.00 13.47
N THR A 7 8.73 -0.82 13.07
CA THR A 7 7.89 0.28 12.54
C THR A 7 7.10 -0.11 11.29
N ALA A 8 7.57 -1.12 10.55
CA ALA A 8 6.84 -1.70 9.41
C ALA A 8 5.49 -2.35 9.80
N ALA A 9 5.34 -2.77 11.06
CA ALA A 9 4.05 -3.22 11.60
C ALA A 9 3.13 -2.02 11.84
N LYS A 10 3.62 -0.98 12.51
CA LYS A 10 2.89 0.26 12.74
C LYS A 10 2.45 0.94 11.42
N PHE A 11 3.27 0.81 10.36
CA PHE A 11 3.00 1.31 9.01
C PHE A 11 1.76 0.65 8.34
N THR A 12 1.32 -0.55 8.78
CA THR A 12 0.18 -1.27 8.18
C THR A 12 -0.95 -1.57 9.18
N GLU A 13 -0.65 -1.70 10.47
CA GLU A 13 -1.61 -2.04 11.52
C GLU A 13 -2.41 -0.79 11.91
N GLY A 14 -3.73 -0.91 11.96
CA GLY A 14 -4.61 0.19 12.35
C GLY A 14 -5.03 1.04 11.15
N VAL A 15 -4.38 0.82 10.00
CA VAL A 15 -4.71 1.49 8.74
C VAL A 15 -6.01 0.95 8.10
N ASN A 16 -6.77 1.85 7.47
CA ASN A 16 -8.09 1.60 6.90
C ASN A 16 -8.22 2.35 5.54
N PRO A 17 -9.20 2.04 4.67
CA PRO A 17 -9.44 2.80 3.43
C PRO A 17 -10.13 4.14 3.69
N GLY A 18 -10.15 5.01 2.67
CA GLY A 18 -11.00 6.20 2.60
C GLY A 18 -10.60 7.34 3.55
N GLY A 19 -9.35 7.82 3.44
CA GLY A 19 -8.78 8.79 4.39
C GLY A 19 -8.94 10.26 4.04
N ASP A 20 -9.19 10.56 2.77
CA ASP A 20 -8.96 11.86 2.12
C ASP A 20 -7.45 12.17 2.02
N ARG A 21 -7.05 13.38 1.59
CA ARG A 21 -5.68 13.72 1.17
C ARG A 21 -4.68 13.70 2.35
N ASN A 22 -4.13 12.52 2.67
CA ASN A 22 -3.22 12.33 3.81
C ASN A 22 -1.73 12.34 3.45
N CYS A 23 -1.27 11.32 2.69
CA CYS A 23 0.10 10.93 2.27
C CYS A 23 0.27 9.42 2.04
N PHE A 24 -0.54 8.60 2.73
CA PHE A 24 -0.56 7.14 2.58
C PHE A 24 -1.61 6.70 1.57
N ILE A 25 -1.29 5.67 0.80
CA ILE A 25 -2.16 4.97 -0.15
C ILE A 25 -2.56 3.65 0.49
N TYR A 26 -3.85 3.34 0.45
CA TYR A 26 -4.38 2.02 0.76
C TYR A 26 -4.69 1.28 -0.54
N CYS A 27 -4.21 0.04 -0.68
CA CYS A 27 -4.31 -0.74 -1.90
C CYS A 27 -4.80 -2.14 -1.55
N SER A 28 -5.82 -2.64 -2.23
CA SER A 28 -6.55 -3.85 -1.84
C SER A 28 -6.90 -4.73 -3.04
N ASN A 29 -7.12 -6.02 -2.77
CA ASN A 29 -7.33 -7.10 -3.75
C ASN A 29 -6.05 -7.42 -4.55
N LEU A 30 -4.86 -7.26 -3.95
CA LEU A 30 -3.62 -7.78 -4.53
C LEU A 30 -3.64 -9.33 -4.54
N PRO A 31 -2.98 -10.01 -5.50
CA PRO A 31 -2.83 -11.46 -5.51
C PRO A 31 -1.91 -11.91 -4.38
N PHE A 32 -2.09 -13.15 -3.91
CA PHE A 32 -1.40 -13.68 -2.73
C PHE A 32 0.08 -14.05 -2.95
N SER A 33 0.59 -13.89 -4.17
CA SER A 33 2.02 -14.02 -4.51
C SER A 33 2.83 -12.73 -4.31
N THR A 34 2.19 -11.63 -3.87
CA THR A 34 2.83 -10.31 -3.67
C THR A 34 3.83 -10.35 -2.50
N ALA A 35 4.89 -9.54 -2.60
CA ALA A 35 5.90 -9.27 -1.57
C ALA A 35 6.15 -7.76 -1.42
N ARG A 36 6.93 -7.32 -0.42
CA ARG A 36 7.25 -5.89 -0.20
C ARG A 36 7.84 -5.22 -1.46
N SER A 37 8.76 -5.91 -2.14
CA SER A 37 9.39 -5.40 -3.37
C SER A 37 8.42 -5.37 -4.57
N ASP A 38 7.37 -6.20 -4.53
CA ASP A 38 6.31 -6.33 -5.55
C ASP A 38 5.34 -5.13 -5.61
N LEU A 39 5.46 -4.17 -4.67
CA LEU A 39 4.73 -2.91 -4.65
C LEU A 39 5.36 -1.91 -5.62
N PHE A 40 6.67 -1.75 -5.56
CA PHE A 40 7.48 -0.86 -6.40
C PHE A 40 7.49 -1.27 -7.89
N ASP A 41 6.91 -2.42 -8.21
CA ASP A 41 6.67 -2.95 -9.56
C ASP A 41 5.60 -2.16 -10.34
N LEU A 42 4.55 -1.71 -9.63
CA LEU A 42 3.39 -1.01 -10.17
C LEU A 42 3.25 0.42 -9.64
N PHE A 43 3.76 0.69 -8.43
CA PHE A 43 3.81 2.03 -7.85
C PHE A 43 5.07 2.80 -8.28
N GLY A 44 6.19 2.12 -8.57
CA GLY A 44 7.49 2.74 -8.90
C GLY A 44 7.50 3.79 -10.02
N PRO A 45 6.75 3.64 -11.14
CA PRO A 45 6.72 4.63 -12.22
C PRO A 45 5.75 5.80 -11.98
N ILE A 46 4.99 5.83 -10.87
CA ILE A 46 4.05 6.93 -10.57
C ILE A 46 4.77 8.15 -9.97
N GLY A 47 5.81 7.91 -9.17
CA GLY A 47 6.58 8.92 -8.43
C GLY A 47 7.42 8.33 -7.30
N LYS A 48 7.75 9.15 -6.29
CA LYS A 48 8.63 8.75 -5.19
C LYS A 48 7.87 8.18 -3.97
N ILE A 49 7.81 6.84 -3.85
CA ILE A 49 7.45 6.17 -2.59
C ILE A 49 8.47 6.57 -1.52
N ASN A 50 8.01 7.00 -0.35
CA ASN A 50 8.82 7.23 0.84
C ASN A 50 8.82 6.03 1.84
N ASN A 51 7.83 5.12 1.74
CA ASN A 51 7.77 3.79 2.38
C ASN A 51 6.59 2.94 1.86
N ALA A 52 6.60 1.62 2.07
CA ALA A 52 5.56 0.69 1.60
C ALA A 52 5.67 -0.72 2.21
N GLU A 53 4.53 -1.37 2.49
CA GLU A 53 4.40 -2.62 3.24
C GLU A 53 3.08 -3.34 2.92
N LEU A 54 3.02 -4.64 3.17
CA LEU A 54 1.79 -5.45 3.08
C LEU A 54 1.10 -5.60 4.44
N LYS A 55 -0.23 -5.55 4.48
CA LYS A 55 -0.96 -5.66 5.75
C LYS A 55 -0.87 -7.08 6.37
N PRO A 56 -0.42 -7.25 7.64
CA PRO A 56 -0.30 -8.54 8.32
C PRO A 56 -1.66 -9.06 8.81
N GLN A 57 -1.68 -10.32 9.26
CA GLN A 57 -2.85 -11.07 9.69
C GLN A 57 -2.37 -12.22 10.62
N GLU A 58 -3.04 -12.40 11.78
CA GLU A 58 -2.60 -13.28 12.87
C GLU A 58 -2.55 -14.78 12.50
N ASN A 59 -3.32 -15.20 11.48
CA ASN A 59 -3.32 -16.57 10.97
C ASN A 59 -2.05 -16.89 10.13
N GLY A 60 -1.21 -15.89 9.81
CA GLY A 60 0.00 -16.06 9.00
C GLY A 60 -0.26 -16.10 7.48
N GLN A 61 -1.50 -15.98 7.04
CA GLN A 61 -1.91 -16.00 5.62
C GLN A 61 -2.00 -14.55 5.09
N PRO A 62 -1.65 -14.29 3.80
CA PRO A 62 -1.64 -12.95 3.23
C PRO A 62 -3.05 -12.36 3.12
N THR A 63 -3.17 -11.04 3.34
CA THR A 63 -4.43 -10.29 3.35
C THR A 63 -4.93 -9.90 1.96
N GLY A 64 -4.00 -9.75 0.99
CA GLY A 64 -4.28 -9.09 -0.29
C GLY A 64 -4.37 -7.56 -0.17
N VAL A 65 -3.81 -6.95 0.89
CA VAL A 65 -3.74 -5.48 1.07
C VAL A 65 -2.29 -5.02 1.17
N ALA A 66 -1.98 -3.90 0.50
CA ALA A 66 -0.78 -3.10 0.72
C ALA A 66 -1.12 -1.71 1.29
N VAL A 67 -0.17 -1.14 2.04
CA VAL A 67 -0.10 0.31 2.30
C VAL A 67 1.13 0.83 1.55
N VAL A 68 1.02 2.02 0.99
CA VAL A 68 2.13 2.75 0.34
C VAL A 68 2.15 4.17 0.93
N GLU A 69 3.27 4.89 0.88
CA GLU A 69 3.45 6.20 1.50
C GLU A 69 4.35 7.02 0.58
N TYR A 70 3.94 8.24 0.24
CA TYR A 70 4.53 9.02 -0.85
C TYR A 70 5.09 10.38 -0.42
N GLU A 71 6.19 10.77 -1.08
CA GLU A 71 6.91 12.02 -0.79
C GLU A 71 6.06 13.30 -0.89
N ASN A 72 5.07 13.35 -1.80
CA ASN A 72 4.15 14.48 -1.94
C ASN A 72 2.71 13.98 -2.11
N LEU A 73 1.73 14.77 -1.65
CA LEU A 73 0.30 14.43 -1.80
C LEU A 73 -0.17 14.43 -3.26
N VAL A 74 0.52 15.13 -4.16
CA VAL A 74 0.27 15.01 -5.62
C VAL A 74 0.62 13.63 -6.18
N ASP A 75 1.69 12.98 -5.68
CA ASP A 75 2.12 11.66 -6.16
C ASP A 75 1.23 10.57 -5.56
N ALA A 76 0.82 10.75 -4.30
CA ALA A 76 -0.15 9.91 -3.62
C ALA A 76 -1.52 9.91 -4.34
N ASP A 77 -2.07 11.10 -4.63
CA ASP A 77 -3.30 11.22 -5.41
C ASP A 77 -3.16 10.57 -6.80
N PHE A 78 -2.02 10.74 -7.48
CA PHE A 78 -1.77 10.16 -8.80
C PHE A 78 -1.85 8.62 -8.83
N CYS A 79 -1.47 7.92 -7.76
CA CYS A 79 -1.71 6.47 -7.63
C CYS A 79 -3.20 6.13 -7.68
N ILE A 80 -4.00 6.89 -6.95
CA ILE A 80 -5.45 6.70 -6.83
C ILE A 80 -6.17 7.10 -8.14
N GLN A 81 -5.57 7.97 -8.96
CA GLN A 81 -6.02 8.23 -10.34
C GLN A 81 -5.70 7.05 -11.28
N LYS A 82 -4.48 6.51 -11.24
CA LYS A 82 -3.98 5.54 -12.24
C LYS A 82 -4.28 4.07 -11.93
N LEU A 83 -4.14 3.63 -10.66
CA LEU A 83 -4.15 2.21 -10.27
C LEU A 83 -5.54 1.67 -9.94
N ASN A 84 -6.56 2.53 -9.76
CA ASN A 84 -7.89 2.13 -9.26
C ASN A 84 -8.79 1.50 -10.35
N ASN A 85 -8.31 0.37 -10.87
CA ASN A 85 -8.75 -0.41 -12.06
C ASN A 85 -7.65 -1.39 -12.56
N TYR A 86 -6.41 -1.28 -12.08
CA TYR A 86 -5.24 -2.03 -12.52
C TYR A 86 -5.38 -3.54 -12.28
N ASN A 87 -5.27 -4.35 -13.34
CA ASN A 87 -5.29 -5.81 -13.25
C ASN A 87 -3.89 -6.38 -13.00
N TYR A 88 -3.76 -7.25 -12.00
CA TYR A 88 -2.48 -7.81 -11.54
C TYR A 88 -2.66 -9.23 -10.96
N GLY A 89 -2.02 -10.22 -11.59
CA GLY A 89 -2.21 -11.65 -11.25
C GLY A 89 -3.56 -12.23 -11.72
N GLY A 90 -4.39 -11.42 -12.39
CA GLY A 90 -5.82 -11.70 -12.67
C GLY A 90 -6.79 -10.97 -11.73
N CYS A 91 -6.28 -10.26 -10.72
CA CYS A 91 -7.07 -9.52 -9.72
C CYS A 91 -7.11 -8.02 -10.04
N SER A 92 -8.28 -7.39 -10.04
CA SER A 92 -8.42 -5.94 -10.20
C SER A 92 -8.16 -5.21 -8.88
N LEU A 93 -7.14 -4.35 -8.81
CA LEU A 93 -6.78 -3.63 -7.58
C LEU A 93 -7.74 -2.49 -7.30
N GLN A 94 -8.12 -2.37 -6.03
CA GLN A 94 -8.91 -1.29 -5.47
C GLN A 94 -7.96 -0.37 -4.69
N ILE A 95 -8.05 0.95 -4.89
CA ILE A 95 -7.06 1.90 -4.35
C ILE A 95 -7.77 3.13 -3.77
N SER A 96 -7.27 3.62 -2.64
CA SER A 96 -7.73 4.86 -1.99
C SER A 96 -6.62 5.48 -1.10
N TYR A 97 -6.94 6.52 -0.32
CA TYR A 97 -6.03 7.02 0.72
C TYR A 97 -6.15 6.17 1.99
N ALA A 98 -5.01 5.80 2.59
CA ALA A 98 -4.93 5.09 3.86
C ALA A 98 -5.22 6.06 5.00
N ARG A 99 -6.34 5.80 5.69
CA ARG A 99 -7.04 6.72 6.59
C ARG A 99 -6.24 7.04 7.86
N ARG A 100 -5.83 5.98 8.56
CA ARG A 100 -5.02 6.04 9.76
C ARG A 100 -3.68 5.30 9.65
N ASP A 101 -2.73 6.06 9.12
CA ASP A 101 -1.26 5.85 9.22
C ASP A 101 -0.70 4.75 8.28
N GLY A 1 16.77 7.05 20.79
CA GLY A 1 16.56 5.73 20.16
C GLY A 1 16.91 5.73 18.67
N SER A 2 16.46 4.73 17.93
CA SER A 2 16.64 4.54 16.47
C SER A 2 15.77 3.37 15.94
N HIS A 3 15.43 3.39 14.66
CA HIS A 3 14.67 2.33 13.99
C HIS A 3 15.50 1.03 13.77
N ILE A 4 14.80 -0.11 13.64
CA ILE A 4 15.34 -1.43 13.24
C ILE A 4 14.43 -2.12 12.23
N ASP A 5 13.18 -2.38 12.62
CA ASP A 5 12.24 -3.22 11.85
C ASP A 5 10.79 -3.20 12.35
N GLU A 6 10.55 -3.14 13.66
CA GLU A 6 9.20 -3.19 14.24
C GLU A 6 8.24 -2.09 13.73
N THR A 7 8.76 -0.96 13.24
CA THR A 7 7.95 0.11 12.63
C THR A 7 7.34 -0.32 11.29
N ALA A 8 7.89 -1.30 10.59
CA ALA A 8 7.28 -1.81 9.36
C ALA A 8 5.98 -2.60 9.60
N ALA A 9 5.73 -3.05 10.84
CA ALA A 9 4.41 -3.53 11.26
C ALA A 9 3.47 -2.33 11.48
N LYS A 10 3.90 -1.34 12.25
CA LYS A 10 3.16 -0.12 12.58
C LYS A 10 2.71 0.68 11.33
N PHE A 11 3.51 0.63 10.26
CA PHE A 11 3.21 1.22 8.94
C PHE A 11 1.93 0.64 8.30
N THR A 12 1.54 -0.60 8.64
CA THR A 12 0.33 -1.27 8.12
C THR A 12 -0.74 -1.53 9.20
N GLU A 13 -0.36 -1.61 10.47
CA GLU A 13 -1.22 -2.01 11.58
C GLU A 13 -2.09 -0.82 11.98
N GLY A 14 -3.41 -1.03 11.99
CA GLY A 14 -4.36 -0.01 12.38
C GLY A 14 -4.82 0.83 11.19
N VAL A 15 -4.22 0.64 10.01
CA VAL A 15 -4.66 1.33 8.79
C VAL A 15 -6.00 0.84 8.27
N ASN A 16 -6.82 1.78 7.79
CA ASN A 16 -8.16 1.55 7.23
C ASN A 16 -8.29 2.31 5.89
N PRO A 17 -9.29 2.04 5.03
CA PRO A 17 -9.49 2.77 3.78
C PRO A 17 -10.15 4.15 3.99
N GLY A 18 -9.92 5.07 3.05
CA GLY A 18 -10.80 6.22 2.80
C GLY A 18 -10.60 7.42 3.73
N GLY A 19 -9.35 7.83 3.97
CA GLY A 19 -9.03 8.98 4.84
C GLY A 19 -9.11 10.34 4.13
N ASP A 20 -8.94 10.34 2.80
CA ASP A 20 -9.03 11.49 1.87
C ASP A 20 -7.92 12.55 2.04
N ARG A 21 -6.96 12.54 1.11
CA ARG A 21 -5.86 13.52 0.98
C ARG A 21 -5.05 13.69 2.28
N ASN A 22 -4.52 12.57 2.78
CA ASN A 22 -3.61 12.57 3.96
C ASN A 22 -2.12 12.47 3.59
N CYS A 23 -1.66 11.35 3.01
CA CYS A 23 -0.30 11.04 2.46
C CYS A 23 -0.06 9.54 2.18
N PHE A 24 -0.83 8.65 2.81
CA PHE A 24 -0.72 7.20 2.64
C PHE A 24 -1.76 6.67 1.64
N ILE A 25 -1.33 5.75 0.79
CA ILE A 25 -2.15 5.03 -0.20
C ILE A 25 -2.51 3.67 0.38
N TYR A 26 -3.75 3.23 0.15
CA TYR A 26 -4.27 1.93 0.54
C TYR A 26 -4.66 1.16 -0.74
N CYS A 27 -4.23 -0.09 -0.86
CA CYS A 27 -4.34 -0.90 -2.08
C CYS A 27 -4.85 -2.29 -1.66
N SER A 28 -5.90 -2.79 -2.29
CA SER A 28 -6.60 -4.00 -1.85
C SER A 28 -7.05 -4.88 -3.03
N ASN A 29 -7.39 -6.14 -2.71
CA ASN A 29 -7.66 -7.23 -3.64
C ASN A 29 -6.39 -7.71 -4.39
N LEU A 30 -5.19 -7.53 -3.79
CA LEU A 30 -3.97 -8.17 -4.32
C LEU A 30 -4.08 -9.70 -4.17
N PRO A 31 -3.53 -10.49 -5.11
CA PRO A 31 -3.46 -11.93 -5.00
C PRO A 31 -2.41 -12.33 -3.94
N PHE A 32 -2.57 -13.52 -3.37
CA PHE A 32 -1.77 -14.00 -2.23
C PHE A 32 -0.34 -14.42 -2.59
N SER A 33 0.04 -14.34 -3.87
CA SER A 33 1.41 -14.56 -4.37
C SER A 33 2.29 -13.30 -4.29
N THR A 34 1.74 -12.13 -3.90
CA THR A 34 2.45 -10.85 -3.84
C THR A 34 3.42 -10.80 -2.65
N ALA A 35 4.54 -10.09 -2.82
CA ALA A 35 5.56 -9.81 -1.81
C ALA A 35 5.96 -8.33 -1.83
N ARG A 36 6.70 -7.85 -0.82
CA ARG A 36 7.03 -6.42 -0.62
C ARG A 36 7.68 -5.73 -1.83
N SER A 37 8.51 -6.46 -2.58
CA SER A 37 9.19 -5.94 -3.77
C SER A 37 8.22 -5.57 -4.92
N ASP A 38 7.00 -6.15 -4.93
CA ASP A 38 5.97 -5.89 -5.94
C ASP A 38 5.36 -4.48 -5.88
N LEU A 39 5.46 -3.80 -4.73
CA LEU A 39 4.89 -2.46 -4.56
C LEU A 39 5.60 -1.46 -5.47
N PHE A 40 6.93 -1.47 -5.45
CA PHE A 40 7.80 -0.59 -6.22
C PHE A 40 7.82 -0.91 -7.73
N ASP A 41 7.19 -2.00 -8.16
CA ASP A 41 6.99 -2.38 -9.56
C ASP A 41 5.98 -1.46 -10.29
N LEU A 42 4.81 -1.26 -9.67
CA LEU A 42 3.69 -0.49 -10.24
C LEU A 42 3.58 0.92 -9.66
N PHE A 43 4.01 1.13 -8.40
CA PHE A 43 4.04 2.46 -7.80
C PHE A 43 5.33 3.22 -8.14
N GLY A 44 6.46 2.54 -8.32
CA GLY A 44 7.76 3.14 -8.65
C GLY A 44 7.78 4.10 -9.86
N PRO A 45 7.08 3.80 -10.99
CA PRO A 45 7.02 4.72 -12.13
C PRO A 45 6.02 5.87 -11.96
N ILE A 46 5.22 5.93 -10.88
CA ILE A 46 4.32 7.06 -10.59
C ILE A 46 5.09 8.25 -9.99
N GLY A 47 6.02 7.96 -9.07
CA GLY A 47 6.82 8.94 -8.32
C GLY A 47 7.65 8.31 -7.20
N LYS A 48 8.11 9.13 -6.25
CA LYS A 48 8.99 8.69 -5.16
C LYS A 48 8.19 8.18 -3.94
N ILE A 49 8.06 6.86 -3.80
CA ILE A 49 7.56 6.21 -2.56
C ILE A 49 8.54 6.56 -1.43
N ASN A 50 7.99 7.07 -0.32
CA ASN A 50 8.73 7.35 0.91
C ASN A 50 8.75 6.14 1.88
N ASN A 51 7.79 5.21 1.76
CA ASN A 51 7.76 3.87 2.37
C ASN A 51 6.58 3.03 1.83
N ALA A 52 6.59 1.70 2.05
CA ALA A 52 5.54 0.78 1.57
C ALA A 52 5.68 -0.64 2.17
N GLU A 53 4.55 -1.29 2.49
CA GLU A 53 4.49 -2.58 3.21
C GLU A 53 3.13 -3.26 2.93
N LEU A 54 3.05 -4.57 3.21
CA LEU A 54 1.83 -5.39 3.07
C LEU A 54 1.16 -5.63 4.43
N LYS A 55 -0.19 -5.59 4.48
CA LYS A 55 -0.90 -5.67 5.75
C LYS A 55 -0.86 -7.10 6.37
N PRO A 56 -0.38 -7.28 7.62
CA PRO A 56 -0.32 -8.58 8.30
C PRO A 56 -1.70 -9.00 8.85
N GLN A 57 -1.80 -10.25 9.30
CA GLN A 57 -3.00 -10.90 9.82
C GLN A 57 -2.56 -12.08 10.71
N GLU A 58 -3.18 -12.22 11.88
CA GLU A 58 -2.72 -13.11 12.98
C GLU A 58 -2.73 -14.61 12.63
N ASN A 59 -3.42 -15.03 11.56
CA ASN A 59 -3.41 -16.42 11.08
C ASN A 59 -2.02 -16.87 10.57
N GLY A 60 -1.16 -15.93 10.15
CA GLY A 60 -0.03 -16.19 9.24
C GLY A 60 -0.41 -16.21 7.75
N GLN A 61 -1.69 -15.98 7.43
CA GLN A 61 -2.23 -15.95 6.06
C GLN A 61 -2.27 -14.50 5.55
N PRO A 62 -1.88 -14.21 4.30
CA PRO A 62 -1.85 -12.86 3.75
C PRO A 62 -3.26 -12.27 3.59
N THR A 63 -3.35 -10.93 3.72
CA THR A 63 -4.60 -10.16 3.67
C THR A 63 -5.08 -9.85 2.25
N GLY A 64 -4.16 -9.79 1.29
CA GLY A 64 -4.41 -9.19 -0.02
C GLY A 64 -4.48 -7.66 0.01
N VAL A 65 -3.79 -7.01 0.97
CA VAL A 65 -3.73 -5.53 1.10
C VAL A 65 -2.27 -5.05 1.17
N ALA A 66 -2.00 -3.93 0.49
CA ALA A 66 -0.80 -3.12 0.62
C ALA A 66 -1.10 -1.71 1.17
N VAL A 67 -0.12 -1.11 1.86
CA VAL A 67 -0.07 0.33 2.15
C VAL A 67 1.16 0.92 1.46
N VAL A 68 1.05 2.15 0.98
CA VAL A 68 2.15 2.91 0.34
C VAL A 68 2.16 4.32 0.93
N GLU A 69 3.29 5.04 0.88
CA GLU A 69 3.48 6.36 1.51
C GLU A 69 4.37 7.19 0.60
N TYR A 70 4.07 8.49 0.44
CA TYR A 70 4.63 9.36 -0.61
C TYR A 70 5.03 10.74 -0.11
N GLU A 71 6.11 11.30 -0.68
CA GLU A 71 6.66 12.61 -0.27
C GLU A 71 5.67 13.79 -0.39
N ASN A 72 4.79 13.80 -1.39
CA ASN A 72 3.79 14.87 -1.56
C ASN A 72 2.39 14.29 -1.78
N LEU A 73 1.36 15.04 -1.40
CA LEU A 73 -0.04 14.64 -1.59
C LEU A 73 -0.46 14.65 -3.06
N VAL A 74 0.25 15.38 -3.93
CA VAL A 74 0.08 15.27 -5.40
C VAL A 74 0.57 13.92 -5.95
N ASP A 75 1.66 13.34 -5.41
CA ASP A 75 2.18 12.04 -5.87
C ASP A 75 1.33 10.89 -5.32
N ALA A 76 0.84 11.04 -4.08
CA ALA A 76 -0.11 10.12 -3.47
C ALA A 76 -1.45 10.09 -4.23
N ASP A 77 -2.04 11.26 -4.52
CA ASP A 77 -3.22 11.35 -5.37
C ASP A 77 -3.02 10.71 -6.75
N PHE A 78 -1.85 10.91 -7.38
CA PHE A 78 -1.52 10.39 -8.71
C PHE A 78 -1.60 8.85 -8.83
N CYS A 79 -1.29 8.11 -7.76
CA CYS A 79 -1.48 6.66 -7.69
C CYS A 79 -2.94 6.25 -7.86
N ILE A 80 -3.83 6.93 -7.15
CA ILE A 80 -5.26 6.66 -7.12
C ILE A 80 -5.92 7.05 -8.47
N GLN A 81 -5.30 7.95 -9.23
CA GLN A 81 -5.66 8.21 -10.63
C GLN A 81 -5.24 7.09 -11.59
N LYS A 82 -4.08 6.44 -11.37
CA LYS A 82 -3.52 5.44 -12.30
C LYS A 82 -3.90 3.99 -11.97
N LEU A 83 -3.72 3.54 -10.72
CA LEU A 83 -3.80 2.13 -10.35
C LEU A 83 -5.23 1.64 -10.03
N ASN A 84 -6.23 2.54 -9.86
CA ASN A 84 -7.58 2.15 -9.41
C ASN A 84 -8.45 1.54 -10.53
N ASN A 85 -8.03 0.35 -10.99
CA ASN A 85 -8.47 -0.43 -12.16
C ASN A 85 -7.40 -1.47 -12.61
N TYR A 86 -6.16 -1.36 -12.10
CA TYR A 86 -4.99 -2.13 -12.49
C TYR A 86 -5.20 -3.65 -12.34
N ASN A 87 -5.12 -4.38 -13.46
CA ASN A 87 -5.25 -5.84 -13.48
C ASN A 87 -3.89 -6.50 -13.21
N TYR A 88 -3.86 -7.42 -12.23
CA TYR A 88 -2.65 -7.98 -11.65
C TYR A 88 -2.88 -9.43 -11.17
N GLY A 89 -2.22 -10.41 -11.79
CA GLY A 89 -2.40 -11.84 -11.46
C GLY A 89 -3.74 -12.43 -11.93
N GLY A 90 -4.59 -11.64 -12.59
CA GLY A 90 -6.01 -11.94 -12.86
C GLY A 90 -6.99 -11.23 -11.92
N CYS A 91 -6.48 -10.48 -10.94
CA CYS A 91 -7.26 -9.69 -9.97
C CYS A 91 -7.18 -8.19 -10.30
N SER A 92 -8.32 -7.51 -10.42
CA SER A 92 -8.35 -6.04 -10.50
C SER A 92 -8.13 -5.45 -9.09
N LEU A 93 -7.13 -4.59 -8.91
CA LEU A 93 -6.84 -3.95 -7.62
C LEU A 93 -7.75 -2.74 -7.39
N GLN A 94 -8.23 -2.60 -6.16
CA GLN A 94 -8.91 -1.40 -5.69
C GLN A 94 -7.90 -0.52 -4.93
N ILE A 95 -7.91 0.78 -5.17
CA ILE A 95 -6.90 1.72 -4.66
C ILE A 95 -7.60 2.98 -4.13
N SER A 96 -7.10 3.53 -3.03
CA SER A 96 -7.64 4.72 -2.37
C SER A 96 -6.55 5.39 -1.51
N TYR A 97 -6.89 6.47 -0.82
CA TYR A 97 -6.13 6.85 0.37
C TYR A 97 -6.36 5.80 1.47
N ALA A 98 -5.34 5.56 2.29
CA ALA A 98 -5.47 5.03 3.65
C ALA A 98 -6.19 6.05 4.56
N ARG A 99 -6.38 5.72 5.83
CA ARG A 99 -7.02 6.57 6.84
C ARG A 99 -6.07 6.81 8.01
N ARG A 100 -6.04 5.89 8.98
CA ARG A 100 -5.11 5.95 10.10
C ARG A 100 -3.76 5.28 9.76
N ASP A 101 -2.89 6.11 9.24
CA ASP A 101 -1.43 5.90 9.10
C ASP A 101 -1.05 4.88 7.99
N GLY A 1 17.11 -1.69 25.43
CA GLY A 1 16.41 -2.71 24.61
C GLY A 1 17.14 -2.95 23.28
N SER A 2 16.38 -3.15 22.20
CA SER A 2 16.91 -3.44 20.84
C SER A 2 15.88 -3.14 19.75
N HIS A 3 16.33 -3.04 18.49
CA HIS A 3 15.51 -2.73 17.30
C HIS A 3 16.17 -3.25 15.99
N ILE A 4 15.34 -3.70 15.04
CA ILE A 4 15.75 -4.13 13.68
C ILE A 4 14.76 -3.70 12.58
N ASP A 5 13.45 -3.94 12.76
CA ASP A 5 12.45 -3.80 11.67
C ASP A 5 10.99 -3.61 12.11
N GLU A 6 10.68 -3.58 13.41
CA GLU A 6 9.29 -3.59 13.90
C GLU A 6 8.45 -2.38 13.45
N THR A 7 9.10 -1.28 13.05
CA THR A 7 8.42 -0.12 12.46
C THR A 7 7.83 -0.40 11.07
N ALA A 8 8.35 -1.38 10.32
CA ALA A 8 7.72 -1.80 9.06
C ALA A 8 6.37 -2.52 9.27
N ALA A 9 6.15 -3.11 10.46
CA ALA A 9 4.84 -3.56 10.90
C ALA A 9 3.95 -2.36 11.27
N LYS A 10 4.50 -1.43 12.07
CA LYS A 10 3.80 -0.22 12.52
C LYS A 10 3.29 0.65 11.34
N PHE A 11 4.04 0.68 10.23
CA PHE A 11 3.67 1.32 8.96
C PHE A 11 2.35 0.79 8.35
N THR A 12 1.98 -0.47 8.63
CA THR A 12 0.73 -1.13 8.18
C THR A 12 -0.29 -1.35 9.30
N GLU A 13 0.14 -1.32 10.56
CA GLU A 13 -0.66 -1.66 11.74
C GLU A 13 -1.60 -0.50 12.06
N GLY A 14 -2.89 -0.81 12.17
CA GLY A 14 -3.91 0.18 12.50
C GLY A 14 -4.48 0.83 11.25
N VAL A 15 -3.91 0.56 10.06
CA VAL A 15 -4.40 1.13 8.80
C VAL A 15 -5.68 0.46 8.30
N ASN A 16 -6.54 1.28 7.69
CA ASN A 16 -7.89 0.94 7.21
C ASN A 16 -8.16 1.72 5.89
N PRO A 17 -9.11 1.32 5.03
CA PRO A 17 -9.46 2.06 3.81
C PRO A 17 -10.25 3.35 4.12
N GLY A 18 -10.24 4.29 3.18
CA GLY A 18 -11.22 5.38 3.07
C GLY A 18 -10.87 6.66 3.85
N GLY A 19 -9.64 7.17 3.72
CA GLY A 19 -9.22 8.43 4.34
C GLY A 19 -9.57 9.65 3.50
N ASP A 20 -9.60 10.82 4.13
CA ASP A 20 -9.90 12.10 3.49
C ASP A 20 -8.63 12.87 3.13
N ARG A 21 -8.05 12.48 1.99
CA ARG A 21 -6.95 13.15 1.29
C ARG A 21 -5.75 13.50 2.21
N ASN A 22 -5.09 12.44 2.71
CA ASN A 22 -3.81 12.54 3.45
C ASN A 22 -2.63 12.20 2.50
N CYS A 23 -1.62 11.41 2.91
CA CYS A 23 -0.46 11.05 2.08
C CYS A 23 -0.11 9.54 2.02
N PHE A 24 -0.85 8.68 2.73
CA PHE A 24 -0.72 7.22 2.63
C PHE A 24 -1.77 6.64 1.67
N ILE A 25 -1.32 5.72 0.83
CA ILE A 25 -2.13 4.97 -0.14
C ILE A 25 -2.46 3.62 0.46
N TYR A 26 -3.72 3.20 0.34
CA TYR A 26 -4.20 1.88 0.69
C TYR A 26 -4.57 1.12 -0.61
N CYS A 27 -4.11 -0.12 -0.74
CA CYS A 27 -4.17 -0.91 -1.97
C CYS A 27 -4.67 -2.31 -1.59
N SER A 28 -5.65 -2.84 -2.32
CA SER A 28 -6.40 -4.02 -1.89
C SER A 28 -6.77 -4.94 -3.08
N ASN A 29 -7.06 -6.20 -2.78
CA ASN A 29 -7.27 -7.30 -3.73
C ASN A 29 -5.98 -7.69 -4.50
N LEU A 30 -4.80 -7.50 -3.89
CA LEU A 30 -3.55 -8.05 -4.42
C LEU A 30 -3.59 -9.60 -4.34
N PRO A 31 -2.99 -10.33 -5.30
CA PRO A 31 -2.94 -11.79 -5.27
C PRO A 31 -2.02 -12.27 -4.14
N PHE A 32 -2.28 -13.45 -3.58
CA PHE A 32 -1.59 -13.94 -2.38
C PHE A 32 -0.14 -14.39 -2.61
N SER A 33 0.33 -14.45 -3.87
CA SER A 33 1.73 -14.74 -4.23
C SER A 33 2.64 -13.49 -4.20
N THR A 34 2.10 -12.31 -3.85
CA THR A 34 2.78 -11.01 -3.80
C THR A 34 3.84 -10.96 -2.69
N ALA A 35 4.93 -10.23 -2.95
CA ALA A 35 5.97 -9.83 -1.99
C ALA A 35 6.24 -8.31 -2.08
N ARG A 36 6.94 -7.73 -1.11
CA ARG A 36 7.24 -6.27 -1.04
C ARG A 36 7.79 -5.67 -2.34
N SER A 37 8.54 -6.46 -3.12
CA SER A 37 9.08 -6.06 -4.43
C SER A 37 8.01 -5.70 -5.48
N ASP A 38 6.74 -6.08 -5.30
CA ASP A 38 5.63 -5.69 -6.18
C ASP A 38 5.34 -4.18 -6.12
N LEU A 39 5.60 -3.56 -4.97
CA LEU A 39 5.15 -2.19 -4.70
C LEU A 39 5.86 -1.21 -5.63
N PHE A 40 7.19 -1.16 -5.55
CA PHE A 40 8.03 -0.28 -6.37
C PHE A 40 8.03 -0.64 -7.87
N ASP A 41 7.43 -1.77 -8.25
CA ASP A 41 7.20 -2.21 -9.63
C ASP A 41 6.13 -1.38 -10.37
N LEU A 42 5.01 -1.09 -9.68
CA LEU A 42 3.83 -0.44 -10.24
C LEU A 42 3.55 0.95 -9.64
N PHE A 43 4.05 1.22 -8.43
CA PHE A 43 4.04 2.55 -7.84
C PHE A 43 5.28 3.37 -8.24
N GLY A 44 6.43 2.73 -8.45
CA GLY A 44 7.70 3.38 -8.81
C GLY A 44 7.64 4.34 -10.01
N PRO A 45 6.92 4.06 -11.12
CA PRO A 45 6.78 4.98 -12.25
C PRO A 45 5.75 6.11 -12.04
N ILE A 46 5.02 6.15 -10.90
CA ILE A 46 4.07 7.24 -10.58
C ILE A 46 4.80 8.45 -9.98
N GLY A 47 5.76 8.21 -9.08
CA GLY A 47 6.56 9.23 -8.37
C GLY A 47 7.47 8.61 -7.31
N LYS A 48 7.95 9.43 -6.37
CA LYS A 48 8.86 8.97 -5.31
C LYS A 48 8.11 8.48 -4.06
N ILE A 49 8.08 7.15 -3.88
CA ILE A 49 7.60 6.49 -2.65
C ILE A 49 8.57 6.84 -1.50
N ASN A 50 8.04 7.28 -0.37
CA ASN A 50 8.78 7.45 0.87
C ASN A 50 9.06 6.09 1.56
N ASN A 51 8.05 5.22 1.59
CA ASN A 51 8.03 3.86 2.17
C ASN A 51 6.80 3.08 1.68
N ALA A 52 6.80 1.75 1.85
CA ALA A 52 5.73 0.85 1.38
C ALA A 52 5.86 -0.58 1.96
N GLU A 53 4.74 -1.19 2.38
CA GLU A 53 4.69 -2.45 3.12
C GLU A 53 3.33 -3.15 2.91
N LEU A 54 3.25 -4.42 3.31
CA LEU A 54 2.07 -5.28 3.13
C LEU A 54 1.36 -5.57 4.46
N LYS A 55 0.02 -5.52 4.47
CA LYS A 55 -0.77 -5.47 5.72
C LYS A 55 -0.86 -6.85 6.42
N PRO A 56 -0.38 -7.00 7.68
CA PRO A 56 -0.48 -8.26 8.45
C PRO A 56 -1.86 -8.42 9.09
N GLN A 57 -2.05 -9.49 9.87
CA GLN A 57 -3.35 -9.94 10.38
C GLN A 57 -3.22 -10.78 11.68
N GLU A 58 -4.35 -11.02 12.35
CA GLU A 58 -4.46 -11.89 13.52
C GLU A 58 -4.15 -13.37 13.22
N ASN A 59 -4.76 -13.93 12.16
CA ASN A 59 -4.90 -15.39 11.94
C ASN A 59 -3.82 -16.01 11.02
N GLY A 60 -2.87 -15.21 10.51
CA GLY A 60 -1.78 -15.66 9.62
C GLY A 60 -2.15 -15.87 8.14
N GLN A 61 -3.41 -15.63 7.74
CA GLN A 61 -3.92 -15.87 6.37
C GLN A 61 -3.76 -14.60 5.52
N PRO A 62 -3.23 -14.68 4.27
CA PRO A 62 -2.81 -13.51 3.50
C PRO A 62 -3.96 -12.53 3.24
N THR A 63 -3.72 -11.24 3.53
CA THR A 63 -4.73 -10.19 3.50
C THR A 63 -5.11 -9.73 2.09
N GLY A 64 -4.14 -9.79 1.16
CA GLY A 64 -4.26 -9.19 -0.17
C GLY A 64 -4.23 -7.66 -0.13
N VAL A 65 -3.54 -7.05 0.82
CA VAL A 65 -3.49 -5.58 1.02
C VAL A 65 -2.05 -5.07 1.11
N ALA A 66 -1.80 -3.92 0.48
CA ALA A 66 -0.60 -3.10 0.69
C ALA A 66 -0.91 -1.67 1.20
N VAL A 67 0.08 -1.04 1.83
CA VAL A 67 0.12 0.39 2.16
C VAL A 67 1.33 1.02 1.45
N VAL A 68 1.21 2.27 0.99
CA VAL A 68 2.30 3.04 0.35
C VAL A 68 2.29 4.46 0.94
N GLU A 69 3.42 5.17 0.95
CA GLU A 69 3.56 6.52 1.51
C GLU A 69 4.43 7.35 0.54
N TYR A 70 4.11 8.62 0.32
CA TYR A 70 4.66 9.47 -0.74
C TYR A 70 5.09 10.85 -0.26
N GLU A 71 6.11 11.45 -0.89
CA GLU A 71 6.61 12.78 -0.46
C GLU A 71 5.68 13.97 -0.74
N ASN A 72 4.76 13.91 -1.73
CA ASN A 72 3.83 15.00 -2.02
C ASN A 72 2.42 14.45 -2.25
N LEU A 73 1.38 15.22 -1.88
CA LEU A 73 -0.01 14.79 -2.01
C LEU A 73 -0.48 14.68 -3.47
N VAL A 74 0.18 15.38 -4.40
CA VAL A 74 0.03 15.16 -5.85
C VAL A 74 0.45 13.76 -6.29
N ASP A 75 1.55 13.20 -5.76
CA ASP A 75 2.05 11.88 -6.16
C ASP A 75 1.21 10.76 -5.54
N ALA A 76 0.81 10.95 -4.28
CA ALA A 76 -0.14 10.08 -3.60
C ALA A 76 -1.50 10.01 -4.33
N ASP A 77 -2.13 11.14 -4.61
CA ASP A 77 -3.39 11.18 -5.36
C ASP A 77 -3.26 10.59 -6.76
N PHE A 78 -2.12 10.77 -7.45
CA PHE A 78 -1.88 10.19 -8.77
C PHE A 78 -1.90 8.67 -8.81
N CYS A 79 -1.52 7.97 -7.73
CA CYS A 79 -1.73 6.52 -7.62
C CYS A 79 -3.21 6.16 -7.64
N ILE A 80 -4.01 6.91 -6.89
CA ILE A 80 -5.45 6.68 -6.73
C ILE A 80 -6.21 7.06 -8.01
N GLN A 81 -5.63 7.92 -8.86
CA GLN A 81 -6.08 8.14 -10.24
C GLN A 81 -5.73 6.95 -11.16
N LYS A 82 -4.45 6.55 -11.21
CA LYS A 82 -3.95 5.64 -12.24
C LYS A 82 -4.16 4.14 -11.97
N LEU A 83 -4.00 3.69 -10.71
CA LEU A 83 -3.95 2.26 -10.35
C LEU A 83 -5.33 1.65 -10.08
N ASN A 84 -6.41 2.45 -9.91
CA ASN A 84 -7.70 1.98 -9.41
C ASN A 84 -8.56 1.29 -10.49
N ASN A 85 -8.02 0.20 -11.03
CA ASN A 85 -8.41 -0.59 -12.21
C ASN A 85 -7.27 -1.53 -12.69
N TYR A 86 -6.04 -1.37 -12.20
CA TYR A 86 -4.83 -2.09 -12.59
C TYR A 86 -4.94 -3.60 -12.30
N ASN A 87 -4.72 -4.43 -13.32
CA ASN A 87 -4.68 -5.90 -13.18
C ASN A 87 -3.28 -6.40 -12.81
N TYR A 88 -3.21 -7.34 -11.86
CA TYR A 88 -1.98 -7.93 -11.35
C TYR A 88 -2.23 -9.39 -10.89
N GLY A 89 -1.58 -10.36 -11.55
CA GLY A 89 -1.81 -11.80 -11.33
C GLY A 89 -3.14 -12.35 -11.88
N GLY A 90 -3.95 -11.49 -12.54
CA GLY A 90 -5.35 -11.75 -12.91
C GLY A 90 -6.37 -11.09 -11.98
N CYS A 91 -5.91 -10.45 -10.90
CA CYS A 91 -6.74 -9.71 -9.93
C CYS A 91 -6.70 -8.19 -10.22
N SER A 92 -7.86 -7.53 -10.30
CA SER A 92 -7.91 -6.07 -10.38
C SER A 92 -7.69 -5.45 -8.98
N LEU A 93 -6.74 -4.54 -8.84
CA LEU A 93 -6.45 -3.88 -7.56
C LEU A 93 -7.46 -2.75 -7.30
N GLN A 94 -7.96 -2.69 -6.08
CA GLN A 94 -8.73 -1.56 -5.56
C GLN A 94 -7.75 -0.63 -4.83
N ILE A 95 -7.82 0.68 -5.07
CA ILE A 95 -6.85 1.66 -4.56
C ILE A 95 -7.61 2.85 -3.99
N SER A 96 -7.16 3.35 -2.85
CA SER A 96 -7.77 4.49 -2.14
C SER A 96 -6.77 5.18 -1.20
N TYR A 97 -7.20 6.24 -0.51
CA TYR A 97 -6.45 6.80 0.61
C TYR A 97 -6.61 5.91 1.87
N ALA A 98 -5.50 5.57 2.53
CA ALA A 98 -5.49 5.01 3.88
C ALA A 98 -6.17 5.98 4.87
N ARG A 99 -6.96 5.49 5.83
CA ARG A 99 -7.70 6.34 6.77
C ARG A 99 -6.88 6.70 8.02
N ARG A 100 -6.14 5.73 8.55
CA ARG A 100 -5.25 5.89 9.69
C ARG A 100 -3.86 5.27 9.46
N ASP A 101 -2.97 6.12 9.00
CA ASP A 101 -1.50 5.97 9.02
C ASP A 101 -0.96 4.89 8.04
N GLY A 1 15.88 -9.11 15.80
CA GLY A 1 14.91 -8.46 14.88
C GLY A 1 14.31 -9.46 13.89
N SER A 2 13.12 -9.15 13.36
CA SER A 2 12.39 -10.05 12.44
C SER A 2 12.89 -9.97 10.98
N HIS A 3 13.43 -8.81 10.56
CA HIS A 3 13.95 -8.54 9.21
C HIS A 3 14.86 -7.29 9.16
N ILE A 4 14.30 -6.12 9.47
CA ILE A 4 14.96 -4.79 9.38
C ILE A 4 14.59 -3.95 10.62
N ASP A 5 13.30 -3.63 10.81
CA ASP A 5 12.77 -2.82 11.92
C ASP A 5 11.28 -3.13 12.16
N GLU A 6 10.87 -3.18 13.43
CA GLU A 6 9.49 -3.46 13.84
C GLU A 6 8.49 -2.34 13.47
N THR A 7 8.97 -1.13 13.11
CA THR A 7 8.13 0.00 12.68
C THR A 7 7.37 -0.27 11.38
N ALA A 8 7.84 -1.22 10.59
CA ALA A 8 7.14 -1.74 9.42
C ALA A 8 5.80 -2.42 9.76
N ALA A 9 5.63 -2.93 10.99
CA ALA A 9 4.33 -3.42 11.47
C ALA A 9 3.41 -2.24 11.74
N LYS A 10 3.89 -1.23 12.49
CA LYS A 10 3.16 0.01 12.79
C LYS A 10 2.72 0.75 11.51
N PHE A 11 3.53 0.70 10.44
CA PHE A 11 3.22 1.27 9.12
C PHE A 11 1.95 0.66 8.48
N THR A 12 1.56 -0.57 8.84
CA THR A 12 0.36 -1.26 8.33
C THR A 12 -0.72 -1.51 9.39
N GLU A 13 -0.37 -1.55 10.67
CA GLU A 13 -1.24 -1.88 11.79
C GLU A 13 -2.08 -0.66 12.16
N GLY A 14 -3.39 -0.85 12.27
CA GLY A 14 -4.31 0.22 12.65
C GLY A 14 -4.85 0.96 11.42
N VAL A 15 -4.27 0.71 10.23
CA VAL A 15 -4.71 1.34 8.99
C VAL A 15 -6.02 0.76 8.46
N ASN A 16 -6.89 1.64 7.93
CA ASN A 16 -8.24 1.33 7.45
C ASN A 16 -8.50 2.03 6.09
N PRO A 17 -9.43 1.54 5.24
CA PRO A 17 -9.71 2.14 3.94
C PRO A 17 -10.54 3.43 4.03
N GLY A 18 -10.17 4.45 3.25
CA GLY A 18 -10.94 5.68 3.02
C GLY A 18 -10.59 6.83 3.98
N GLY A 19 -9.41 7.45 3.84
CA GLY A 19 -9.10 8.75 4.44
C GLY A 19 -9.48 9.88 3.48
N ASP A 20 -8.64 10.91 3.40
CA ASP A 20 -8.78 12.03 2.46
C ASP A 20 -7.50 12.87 2.44
N ARG A 21 -6.75 12.79 1.33
CA ARG A 21 -5.59 13.62 1.01
C ARG A 21 -4.53 13.67 2.13
N ASN A 22 -4.29 12.54 2.81
CA ASN A 22 -3.47 12.49 4.04
C ASN A 22 -1.99 12.06 3.87
N CYS A 23 -1.74 11.35 2.77
CA CYS A 23 -0.45 10.96 2.11
C CYS A 23 -0.11 9.45 2.19
N PHE A 24 -0.92 8.65 2.87
CA PHE A 24 -0.85 7.18 2.79
C PHE A 24 -1.90 6.64 1.83
N ILE A 25 -1.46 5.79 0.90
CA ILE A 25 -2.27 5.02 -0.04
C ILE A 25 -2.60 3.68 0.59
N TYR A 26 -3.85 3.25 0.44
CA TYR A 26 -4.35 1.91 0.77
C TYR A 26 -4.71 1.21 -0.55
N CYS A 27 -4.20 0.00 -0.75
CA CYS A 27 -4.25 -0.74 -2.02
C CYS A 27 -4.69 -2.17 -1.70
N SER A 28 -5.62 -2.72 -2.48
CA SER A 28 -6.37 -3.90 -2.05
C SER A 28 -6.75 -4.81 -3.22
N ASN A 29 -6.95 -6.10 -2.90
CA ASN A 29 -7.12 -7.21 -3.83
C ASN A 29 -5.83 -7.55 -4.63
N LEU A 30 -4.64 -7.32 -4.04
CA LEU A 30 -3.38 -7.81 -4.60
C LEU A 30 -3.35 -9.36 -4.56
N PRO A 31 -2.66 -10.04 -5.51
CA PRO A 31 -2.51 -11.49 -5.52
C PRO A 31 -1.62 -11.94 -4.35
N PHE A 32 -1.81 -13.17 -3.88
CA PHE A 32 -1.14 -13.68 -2.66
C PHE A 32 0.34 -14.03 -2.84
N SER A 33 0.89 -13.88 -4.05
CA SER A 33 2.34 -13.98 -4.34
C SER A 33 3.09 -12.64 -4.16
N THR A 34 2.40 -11.56 -3.76
CA THR A 34 2.98 -10.22 -3.56
C THR A 34 3.94 -10.22 -2.36
N ALA A 35 5.00 -9.42 -2.47
CA ALA A 35 6.01 -9.15 -1.43
C ALA A 35 6.25 -7.64 -1.27
N ARG A 36 7.04 -7.22 -0.28
CA ARG A 36 7.35 -5.78 -0.04
C ARG A 36 7.93 -5.09 -1.30
N SER A 37 8.85 -5.75 -2.00
CA SER A 37 9.47 -5.22 -3.22
C SER A 37 8.49 -5.19 -4.42
N ASP A 38 7.47 -6.05 -4.38
CA ASP A 38 6.41 -6.20 -5.40
C ASP A 38 5.43 -5.02 -5.47
N LEU A 39 5.52 -4.07 -4.54
CA LEU A 39 4.78 -2.80 -4.54
C LEU A 39 5.41 -1.80 -5.50
N PHE A 40 6.75 -1.69 -5.47
CA PHE A 40 7.56 -0.80 -6.30
C PHE A 40 7.57 -1.21 -7.78
N ASP A 41 6.92 -2.33 -8.11
CA ASP A 41 6.63 -2.81 -9.47
C ASP A 41 5.58 -1.96 -10.21
N LEU A 42 4.53 -1.57 -9.48
CA LEU A 42 3.34 -0.88 -10.01
C LEU A 42 3.19 0.54 -9.47
N PHE A 43 3.70 0.81 -8.27
CA PHE A 43 3.79 2.15 -7.71
C PHE A 43 5.08 2.89 -8.12
N GLY A 44 6.18 2.17 -8.38
CA GLY A 44 7.46 2.75 -8.83
C GLY A 44 7.40 3.62 -10.11
N PRO A 45 6.64 3.25 -11.16
CA PRO A 45 6.47 4.12 -12.34
C PRO A 45 5.57 5.34 -12.10
N ILE A 46 4.90 5.46 -10.94
CA ILE A 46 4.20 6.70 -10.53
C ILE A 46 5.20 7.72 -9.94
N GLY A 47 6.23 7.21 -9.24
CA GLY A 47 7.37 8.01 -8.76
C GLY A 47 7.84 7.64 -7.35
N LYS A 48 7.78 8.63 -6.46
CA LYS A 48 8.59 8.72 -5.22
C LYS A 48 7.82 8.31 -3.94
N ILE A 49 7.58 7.01 -3.83
CA ILE A 49 7.26 6.31 -2.56
C ILE A 49 8.33 6.69 -1.51
N ASN A 50 7.88 7.14 -0.34
CA ASN A 50 8.71 7.38 0.84
C ASN A 50 8.78 6.15 1.79
N ASN A 51 7.79 5.24 1.75
CA ASN A 51 7.77 3.89 2.38
C ASN A 51 6.56 3.06 1.89
N ALA A 52 6.59 1.74 2.10
CA ALA A 52 5.53 0.81 1.65
C ALA A 52 5.66 -0.60 2.27
N GLU A 53 4.53 -1.25 2.56
CA GLU A 53 4.43 -2.52 3.29
C GLU A 53 3.10 -3.23 2.99
N LEU A 54 3.04 -4.54 3.24
CA LEU A 54 1.83 -5.35 3.13
C LEU A 54 1.09 -5.52 4.47
N LYS A 55 -0.25 -5.42 4.46
CA LYS A 55 -1.06 -5.41 5.69
C LYS A 55 -1.21 -6.83 6.29
N PRO A 56 -0.80 -7.10 7.54
CA PRO A 56 -0.86 -8.43 8.15
C PRO A 56 -2.26 -8.78 8.67
N GLN A 57 -2.56 -10.08 8.74
CA GLN A 57 -3.74 -10.66 9.35
C GLN A 57 -3.31 -11.44 10.61
N GLU A 58 -4.14 -11.42 11.67
CA GLU A 58 -3.81 -12.08 12.96
C GLU A 58 -3.69 -13.62 12.86
N ASN A 59 -4.25 -14.23 11.79
CA ASN A 59 -4.10 -15.67 11.50
C ASN A 59 -2.77 -16.03 10.81
N GLY A 60 -1.94 -15.05 10.44
CA GLY A 60 -0.63 -15.24 9.80
C GLY A 60 -0.67 -15.35 8.27
N GLN A 61 -1.87 -15.26 7.66
CA GLN A 61 -2.09 -15.39 6.21
C GLN A 61 -2.04 -14.01 5.50
N PRO A 62 -1.76 -13.96 4.18
CA PRO A 62 -1.77 -12.72 3.41
C PRO A 62 -3.19 -12.19 3.23
N THR A 63 -3.35 -10.87 3.40
CA THR A 63 -4.63 -10.15 3.26
C THR A 63 -5.00 -9.82 1.82
N GLY A 64 -4.00 -9.71 0.93
CA GLY A 64 -4.14 -9.06 -0.37
C GLY A 64 -4.22 -7.54 -0.28
N VAL A 65 -3.68 -6.91 0.77
CA VAL A 65 -3.65 -5.43 0.94
C VAL A 65 -2.21 -4.93 1.10
N ALA A 66 -1.91 -3.80 0.46
CA ALA A 66 -0.73 -2.97 0.69
C ALA A 66 -1.08 -1.60 1.30
N VAL A 67 -0.16 -1.04 2.08
CA VAL A 67 -0.10 0.40 2.38
C VAL A 67 1.11 0.99 1.67
N VAL A 68 0.99 2.21 1.16
CA VAL A 68 2.10 2.96 0.50
C VAL A 68 2.09 4.38 1.06
N GLU A 69 3.23 5.07 1.12
CA GLU A 69 3.41 6.39 1.71
C GLU A 69 4.32 7.18 0.79
N TYR A 70 4.00 8.45 0.50
CA TYR A 70 4.59 9.20 -0.62
C TYR A 70 5.28 10.52 -0.22
N GLU A 71 6.20 10.98 -1.08
CA GLU A 71 6.87 12.28 -0.92
C GLU A 71 5.90 13.47 -0.88
N ASN A 72 4.86 13.49 -1.74
CA ASN A 72 3.93 14.62 -1.87
C ASN A 72 2.49 14.13 -2.07
N LEU A 73 1.51 14.97 -1.72
CA LEU A 73 0.08 14.67 -1.90
C LEU A 73 -0.33 14.55 -3.37
N VAL A 74 0.32 15.28 -4.27
CA VAL A 74 0.12 15.13 -5.73
C VAL A 74 0.49 13.74 -6.27
N ASP A 75 1.53 13.10 -5.71
CA ASP A 75 1.93 11.74 -6.13
C ASP A 75 1.04 10.67 -5.48
N ALA A 76 0.54 10.98 -4.27
CA ALA A 76 -0.35 10.09 -3.55
C ALA A 76 -1.75 10.06 -4.20
N ASP A 77 -2.29 11.24 -4.53
CA ASP A 77 -3.44 11.36 -5.42
C ASP A 77 -3.23 10.61 -6.75
N PHE A 78 -2.07 10.78 -7.41
CA PHE A 78 -1.79 10.17 -8.71
C PHE A 78 -1.88 8.63 -8.72
N CYS A 79 -1.53 7.95 -7.63
CA CYS A 79 -1.76 6.50 -7.51
C CYS A 79 -3.25 6.16 -7.56
N ILE A 80 -4.06 6.90 -6.82
CA ILE A 80 -5.51 6.70 -6.72
C ILE A 80 -6.24 7.11 -8.02
N GLN A 81 -5.62 7.99 -8.83
CA GLN A 81 -6.04 8.29 -10.20
C GLN A 81 -5.70 7.14 -11.17
N LYS A 82 -4.46 6.63 -11.15
CA LYS A 82 -3.96 5.68 -12.17
C LYS A 82 -4.21 4.19 -11.89
N LEU A 83 -4.11 3.73 -10.64
CA LEU A 83 -4.08 2.30 -10.28
C LEU A 83 -5.48 1.71 -10.02
N ASN A 84 -6.55 2.51 -9.90
CA ASN A 84 -7.87 2.06 -9.41
C ASN A 84 -8.71 1.25 -10.42
N ASN A 85 -8.01 0.56 -11.33
CA ASN A 85 -8.51 -0.33 -12.40
C ASN A 85 -7.42 -1.33 -12.87
N TYR A 86 -6.28 -1.42 -12.16
CA TYR A 86 -5.06 -2.07 -12.58
C TYR A 86 -5.10 -3.60 -12.40
N ASN A 87 -4.88 -4.36 -13.47
CA ASN A 87 -4.81 -5.83 -13.42
C ASN A 87 -3.39 -6.30 -13.07
N TYR A 88 -3.28 -7.22 -12.11
CA TYR A 88 -2.02 -7.72 -11.57
C TYR A 88 -2.15 -9.16 -11.06
N GLY A 89 -1.45 -10.12 -11.68
CA GLY A 89 -1.60 -11.56 -11.37
C GLY A 89 -2.89 -12.19 -11.92
N GLY A 90 -3.73 -11.40 -12.61
CA GLY A 90 -5.12 -11.73 -12.97
C GLY A 90 -6.16 -11.06 -12.04
N CYS A 91 -5.72 -10.41 -10.96
CA CYS A 91 -6.56 -9.70 -9.99
C CYS A 91 -6.63 -8.19 -10.31
N SER A 92 -7.83 -7.62 -10.38
CA SER A 92 -7.99 -6.15 -10.50
C SER A 92 -7.85 -5.50 -9.12
N LEU A 93 -6.98 -4.50 -8.98
CA LEU A 93 -6.73 -3.81 -7.70
C LEU A 93 -7.77 -2.70 -7.46
N GLN A 94 -8.12 -2.50 -6.18
CA GLN A 94 -8.91 -1.37 -5.71
C GLN A 94 -8.03 -0.51 -4.79
N ILE A 95 -8.05 0.80 -4.97
CA ILE A 95 -7.07 1.75 -4.40
C ILE A 95 -7.80 2.95 -3.81
N SER A 96 -7.31 3.47 -2.69
CA SER A 96 -7.85 4.64 -2.01
C SER A 96 -6.81 5.28 -1.08
N TYR A 97 -7.19 6.31 -0.31
CA TYR A 97 -6.41 6.80 0.83
C TYR A 97 -6.61 5.88 2.05
N ALA A 98 -5.53 5.53 2.74
CA ALA A 98 -5.57 5.02 4.11
C ALA A 98 -6.16 6.09 5.05
N ARG A 99 -6.98 5.72 6.03
CA ARG A 99 -7.56 6.69 7.00
C ARG A 99 -6.62 7.01 8.17
N ARG A 100 -6.04 5.96 8.78
CA ARG A 100 -5.16 6.03 9.93
C ARG A 100 -3.82 5.31 9.73
N ASP A 101 -2.89 6.08 9.21
CA ASP A 101 -1.42 5.89 9.24
C ASP A 101 -0.90 4.79 8.27
N GLY A 1 17.92 7.12 18.76
CA GLY A 1 18.52 5.89 18.19
C GLY A 1 17.64 4.66 18.43
N SER A 2 17.87 3.60 17.66
CA SER A 2 17.17 2.28 17.71
C SER A 2 15.73 2.32 17.15
N HIS A 3 15.16 1.13 16.88
CA HIS A 3 13.81 0.87 16.35
C HIS A 3 13.59 1.33 14.89
N ILE A 4 13.51 0.37 13.95
CA ILE A 4 13.36 0.62 12.50
C ILE A 4 12.79 -0.58 11.72
N ASP A 5 13.06 -1.82 12.14
CA ASP A 5 12.51 -3.02 11.49
C ASP A 5 11.06 -3.30 11.89
N GLU A 6 10.80 -3.36 13.20
CA GLU A 6 9.47 -3.58 13.75
C GLU A 6 8.51 -2.41 13.44
N THR A 7 9.06 -1.27 13.02
CA THR A 7 8.31 -0.13 12.48
C THR A 7 7.52 -0.52 11.22
N ALA A 8 7.95 -1.54 10.48
CA ALA A 8 7.20 -2.02 9.32
C ALA A 8 5.85 -2.67 9.68
N ALA A 9 5.68 -3.12 10.93
CA ALA A 9 4.39 -3.53 11.48
C ALA A 9 3.52 -2.29 11.71
N LYS A 10 4.07 -1.29 12.42
CA LYS A 10 3.36 -0.04 12.71
C LYS A 10 2.98 0.75 11.45
N PHE A 11 3.72 0.58 10.35
CA PHE A 11 3.42 1.14 9.02
C PHE A 11 2.12 0.54 8.40
N THR A 12 1.69 -0.68 8.78
CA THR A 12 0.48 -1.35 8.26
C THR A 12 -0.61 -1.59 9.32
N GLU A 13 -0.25 -1.65 10.59
CA GLU A 13 -1.12 -1.90 11.74
C GLU A 13 -1.86 -0.61 12.09
N GLY A 14 -3.17 -0.71 12.28
CA GLY A 14 -4.00 0.43 12.66
C GLY A 14 -4.54 1.17 11.43
N VAL A 15 -3.98 0.87 10.25
CA VAL A 15 -4.44 1.45 8.98
C VAL A 15 -5.76 0.86 8.50
N ASN A 16 -6.61 1.74 7.96
CA ASN A 16 -7.96 1.45 7.47
C ASN A 16 -8.17 2.16 6.10
N PRO A 17 -9.08 1.69 5.23
CA PRO A 17 -9.41 2.36 3.97
C PRO A 17 -10.20 3.65 4.22
N GLY A 18 -10.06 4.63 3.32
CA GLY A 18 -10.95 5.80 3.24
C GLY A 18 -10.48 7.00 4.05
N GLY A 19 -9.22 7.43 3.84
CA GLY A 19 -8.72 8.73 4.28
C GLY A 19 -9.03 9.84 3.26
N ASP A 20 -8.52 11.04 3.52
CA ASP A 20 -8.70 12.23 2.69
C ASP A 20 -7.40 13.02 2.60
N ARG A 21 -6.62 12.75 1.53
CA ARG A 21 -5.37 13.46 1.19
C ARG A 21 -4.34 13.40 2.34
N ASN A 22 -4.17 12.21 2.95
CA ASN A 22 -3.39 12.04 4.18
C ASN A 22 -1.90 11.64 3.97
N CYS A 23 -1.58 11.23 2.73
CA CYS A 23 -0.27 10.93 2.11
C CYS A 23 0.10 9.43 2.09
N PHE A 24 -0.68 8.60 2.78
CA PHE A 24 -0.62 7.13 2.69
C PHE A 24 -1.68 6.61 1.72
N ILE A 25 -1.29 5.66 0.87
CA ILE A 25 -2.15 4.93 -0.07
C ILE A 25 -2.51 3.58 0.56
N TYR A 26 -3.77 3.21 0.42
CA TYR A 26 -4.31 1.89 0.75
C TYR A 26 -4.66 1.16 -0.55
N CYS A 27 -4.17 -0.07 -0.72
CA CYS A 27 -4.25 -0.83 -1.96
C CYS A 27 -4.73 -2.24 -1.62
N SER A 28 -5.70 -2.78 -2.34
CA SER A 28 -6.41 -4.00 -1.94
C SER A 28 -6.76 -4.89 -3.15
N ASN A 29 -6.94 -6.19 -2.87
CA ASN A 29 -7.13 -7.27 -3.83
C ASN A 29 -5.85 -7.60 -4.64
N LEU A 30 -4.66 -7.39 -4.05
CA LEU A 30 -3.40 -7.88 -4.65
C LEU A 30 -3.39 -9.42 -4.66
N PRO A 31 -2.73 -10.06 -5.67
CA PRO A 31 -2.54 -11.51 -5.70
C PRO A 31 -1.60 -11.95 -4.57
N PHE A 32 -1.81 -13.16 -4.04
CA PHE A 32 -1.15 -13.62 -2.82
C PHE A 32 0.34 -14.01 -3.00
N SER A 33 0.86 -13.91 -4.22
CA SER A 33 2.29 -14.04 -4.55
C SER A 33 3.08 -12.71 -4.38
N THR A 34 2.40 -11.61 -4.00
CA THR A 34 3.02 -10.28 -3.81
C THR A 34 4.00 -10.30 -2.63
N ALA A 35 5.10 -9.55 -2.78
CA ALA A 35 6.12 -9.30 -1.76
C ALA A 35 6.35 -7.79 -1.58
N ARG A 36 7.14 -7.36 -0.59
CA ARG A 36 7.42 -5.94 -0.32
C ARG A 36 7.96 -5.19 -1.55
N SER A 37 8.91 -5.79 -2.28
CA SER A 37 9.50 -5.19 -3.48
C SER A 37 8.54 -5.20 -4.69
N ASP A 38 7.51 -6.06 -4.66
CA ASP A 38 6.47 -6.20 -5.68
C ASP A 38 5.46 -5.01 -5.73
N LEU A 39 5.55 -4.11 -4.75
CA LEU A 39 4.81 -2.84 -4.71
C LEU A 39 5.44 -1.82 -5.64
N PHE A 40 6.76 -1.62 -5.53
CA PHE A 40 7.56 -0.69 -6.33
C PHE A 40 7.62 -1.07 -7.82
N ASP A 41 7.06 -2.24 -8.19
CA ASP A 41 6.85 -2.74 -9.54
C ASP A 41 5.76 -1.97 -10.32
N LEU A 42 4.71 -1.56 -9.61
CA LEU A 42 3.53 -0.87 -10.15
C LEU A 42 3.30 0.52 -9.56
N PHE A 43 3.85 0.79 -8.37
CA PHE A 43 3.88 2.11 -7.74
C PHE A 43 5.11 2.93 -8.19
N GLY A 44 6.24 2.29 -8.50
CA GLY A 44 7.50 2.96 -8.87
C GLY A 44 7.41 4.01 -10.00
N PRO A 45 6.67 3.78 -11.11
CA PRO A 45 6.57 4.75 -12.21
C PRO A 45 5.57 5.90 -11.94
N ILE A 46 4.87 5.91 -10.79
CA ILE A 46 3.91 6.98 -10.44
C ILE A 46 4.61 8.22 -9.89
N GLY A 47 5.64 8.02 -9.06
CA GLY A 47 6.37 9.06 -8.32
C GLY A 47 7.25 8.45 -7.21
N LYS A 48 7.74 9.26 -6.28
CA LYS A 48 8.62 8.80 -5.20
C LYS A 48 7.83 8.25 -4.00
N ILE A 49 7.83 6.92 -3.84
CA ILE A 49 7.39 6.23 -2.62
C ILE A 49 8.44 6.45 -1.52
N ASN A 50 8.00 6.97 -0.37
CA ASN A 50 8.82 7.09 0.83
C ASN A 50 9.05 5.72 1.51
N ASN A 51 8.00 4.87 1.54
CA ASN A 51 7.93 3.54 2.17
C ASN A 51 6.68 2.79 1.72
N ALA A 52 6.66 1.46 1.92
CA ALA A 52 5.56 0.57 1.51
C ALA A 52 5.69 -0.85 2.10
N GLU A 53 4.55 -1.48 2.41
CA GLU A 53 4.45 -2.72 3.18
C GLU A 53 3.12 -3.43 2.89
N LEU A 54 3.04 -4.72 3.20
CA LEU A 54 1.83 -5.55 3.09
C LEU A 54 1.11 -5.72 4.45
N LYS A 55 -0.22 -5.61 4.46
CA LYS A 55 -1.02 -5.56 5.70
C LYS A 55 -1.15 -6.97 6.35
N PRO A 56 -0.68 -7.17 7.61
CA PRO A 56 -0.68 -8.48 8.28
C PRO A 56 -2.06 -8.87 8.83
N GLN A 57 -2.21 -10.14 9.24
CA GLN A 57 -3.44 -10.75 9.69
C GLN A 57 -3.13 -11.91 10.65
N GLU A 58 -3.78 -11.92 11.81
CA GLU A 58 -3.51 -12.86 12.93
C GLU A 58 -3.80 -14.34 12.60
N ASN A 59 -4.61 -14.61 11.58
CA ASN A 59 -4.93 -15.97 11.11
C ASN A 59 -3.76 -16.68 10.41
N GLY A 60 -2.65 -15.96 10.12
CA GLY A 60 -1.45 -16.51 9.49
C GLY A 60 -1.49 -16.51 7.96
N GLN A 61 -2.57 -16.00 7.34
CA GLN A 61 -2.79 -16.00 5.89
C GLN A 61 -2.85 -14.55 5.38
N PRO A 62 -2.37 -14.27 4.15
CA PRO A 62 -2.26 -12.90 3.63
C PRO A 62 -3.62 -12.24 3.40
N THR A 63 -3.65 -10.91 3.56
CA THR A 63 -4.85 -10.06 3.38
C THR A 63 -5.16 -9.74 1.93
N GLY A 64 -4.14 -9.75 1.06
CA GLY A 64 -4.22 -9.14 -0.27
C GLY A 64 -4.26 -7.60 -0.22
N VAL A 65 -3.75 -6.97 0.85
CA VAL A 65 -3.70 -5.49 1.00
C VAL A 65 -2.25 -5.03 1.14
N ALA A 66 -1.93 -3.91 0.48
CA ALA A 66 -0.74 -3.12 0.72
C ALA A 66 -1.05 -1.73 1.29
N VAL A 67 -0.09 -1.16 2.03
CA VAL A 67 -0.03 0.27 2.36
C VAL A 67 1.20 0.85 1.64
N VAL A 68 1.09 2.09 1.18
CA VAL A 68 2.20 2.85 0.53
C VAL A 68 2.21 4.27 1.14
N GLU A 69 3.35 4.95 1.14
CA GLU A 69 3.53 6.30 1.70
C GLU A 69 4.41 7.10 0.72
N TYR A 70 4.07 8.35 0.42
CA TYR A 70 4.64 9.10 -0.72
C TYR A 70 5.30 10.43 -0.33
N GLU A 71 6.26 10.87 -1.14
CA GLU A 71 6.95 12.16 -0.95
C GLU A 71 5.98 13.36 -0.90
N ASN A 72 4.96 13.41 -1.78
CA ASN A 72 4.03 14.54 -1.87
C ASN A 72 2.58 14.06 -2.07
N LEU A 73 1.61 14.86 -1.63
CA LEU A 73 0.17 14.62 -1.81
C LEU A 73 -0.25 14.51 -3.28
N VAL A 74 0.43 15.21 -4.18
CA VAL A 74 0.19 15.10 -5.64
C VAL A 74 0.53 13.72 -6.20
N ASP A 75 1.62 13.08 -5.72
CA ASP A 75 2.05 11.76 -6.19
C ASP A 75 1.21 10.64 -5.57
N ALA A 76 0.78 10.86 -4.32
CA ALA A 76 -0.17 10.00 -3.63
C ALA A 76 -1.52 9.95 -4.37
N ASP A 77 -2.11 11.12 -4.66
CA ASP A 77 -3.35 11.20 -5.44
C ASP A 77 -3.19 10.59 -6.85
N PHE A 78 -2.04 10.78 -7.50
CA PHE A 78 -1.75 10.23 -8.83
C PHE A 78 -1.81 8.70 -8.89
N CYS A 79 -1.43 7.99 -7.83
CA CYS A 79 -1.65 6.55 -7.70
C CYS A 79 -3.14 6.22 -7.82
N ILE A 80 -3.96 6.89 -7.02
CA ILE A 80 -5.40 6.62 -6.90
C ILE A 80 -6.15 7.00 -8.20
N GLN A 81 -5.58 7.88 -9.04
CA GLN A 81 -6.04 8.13 -10.40
C GLN A 81 -5.70 7.00 -11.39
N LYS A 82 -4.51 6.38 -11.29
CA LYS A 82 -4.04 5.37 -12.27
C LYS A 82 -4.40 3.92 -11.91
N LEU A 83 -4.21 3.51 -10.65
CA LEU A 83 -4.20 2.11 -10.24
C LEU A 83 -5.58 1.55 -9.88
N ASN A 84 -6.63 2.39 -9.73
CA ASN A 84 -7.94 2.00 -9.18
C ASN A 84 -8.84 1.23 -10.18
N ASN A 85 -8.19 0.41 -11.01
CA ASN A 85 -8.68 -0.32 -12.18
C ASN A 85 -7.59 -1.26 -12.76
N TYR A 86 -6.49 -1.51 -12.04
CA TYR A 86 -5.27 -2.13 -12.53
C TYR A 86 -5.31 -3.66 -12.38
N ASN A 87 -5.16 -4.40 -13.48
CA ASN A 87 -5.15 -5.87 -13.47
C ASN A 87 -3.74 -6.41 -13.19
N TYR A 88 -3.60 -7.26 -12.17
CA TYR A 88 -2.31 -7.76 -11.68
C TYR A 88 -2.43 -9.21 -11.19
N GLY A 89 -1.76 -10.15 -11.87
CA GLY A 89 -1.87 -11.59 -11.59
C GLY A 89 -3.20 -12.22 -12.03
N GLY A 90 -4.12 -11.42 -12.61
CA GLY A 90 -5.53 -11.76 -12.86
C GLY A 90 -6.49 -11.12 -11.86
N CYS A 91 -6.00 -10.37 -10.86
CA CYS A 91 -6.78 -9.68 -9.83
C CYS A 91 -6.85 -8.16 -10.12
N SER A 92 -8.04 -7.56 -10.12
CA SER A 92 -8.19 -6.10 -10.31
C SER A 92 -8.03 -5.35 -8.97
N LEU A 93 -7.09 -4.40 -8.90
CA LEU A 93 -6.74 -3.72 -7.64
C LEU A 93 -7.72 -2.59 -7.32
N GLN A 94 -8.08 -2.50 -6.05
CA GLN A 94 -8.87 -1.42 -5.47
C GLN A 94 -7.91 -0.50 -4.70
N ILE A 95 -7.99 0.82 -4.87
CA ILE A 95 -6.98 1.77 -4.36
C ILE A 95 -7.69 3.00 -3.76
N SER A 96 -7.17 3.50 -2.65
CA SER A 96 -7.70 4.67 -1.93
C SER A 96 -6.61 5.35 -1.09
N TYR A 97 -6.95 6.38 -0.33
CA TYR A 97 -6.10 6.85 0.78
C TYR A 97 -6.30 5.95 2.01
N ALA A 98 -5.21 5.58 2.67
CA ALA A 98 -5.20 5.05 4.04
C ALA A 98 -5.67 6.17 4.99
N ARG A 99 -6.52 5.82 5.97
CA ARG A 99 -7.13 6.80 6.90
C ARG A 99 -6.23 7.13 8.09
N ARG A 100 -5.62 6.09 8.68
CA ARG A 100 -4.75 6.18 9.84
C ARG A 100 -3.44 5.42 9.65
N ASP A 101 -2.49 6.16 9.12
CA ASP A 101 -1.03 5.92 9.16
C ASP A 101 -0.56 4.75 8.25
N GLY A 1 19.02 -12.01 4.97
CA GLY A 1 18.28 -11.18 5.95
C GLY A 1 17.04 -10.55 5.32
N SER A 2 15.92 -10.57 6.03
CA SER A 2 14.59 -10.16 5.51
C SER A 2 13.82 -9.22 6.47
N HIS A 3 14.46 -8.72 7.53
CA HIS A 3 13.87 -7.90 8.60
C HIS A 3 14.94 -7.07 9.36
N ILE A 4 14.52 -6.00 10.05
CA ILE A 4 15.42 -5.08 10.79
C ILE A 4 14.72 -4.31 11.92
N ASP A 5 13.47 -3.89 11.74
CA ASP A 5 12.67 -3.12 12.71
C ASP A 5 11.17 -3.38 12.53
N GLU A 6 10.45 -3.56 13.65
CA GLU A 6 8.99 -3.81 13.68
C GLU A 6 8.12 -2.61 13.24
N THR A 7 8.73 -1.46 12.93
CA THR A 7 8.06 -0.23 12.45
C THR A 7 7.18 -0.45 11.21
N ALA A 8 7.51 -1.43 10.38
CA ALA A 8 6.70 -1.85 9.23
C ALA A 8 5.31 -2.39 9.62
N ALA A 9 5.15 -2.88 10.86
CA ALA A 9 3.86 -3.26 11.43
C ALA A 9 3.05 -2.01 11.77
N LYS A 10 3.68 -1.05 12.46
CA LYS A 10 3.06 0.25 12.76
C LYS A 10 2.63 1.01 11.48
N PHE A 11 3.37 0.81 10.37
CA PHE A 11 3.07 1.35 9.05
C PHE A 11 1.81 0.73 8.37
N THR A 12 1.34 -0.46 8.80
CA THR A 12 0.20 -1.18 8.18
C THR A 12 -0.96 -1.49 9.15
N GLU A 13 -0.71 -1.54 10.45
CA GLU A 13 -1.67 -1.90 11.48
C GLU A 13 -2.55 -0.68 11.79
N GLY A 14 -3.87 -0.87 11.79
CA GLY A 14 -4.82 0.18 12.15
C GLY A 14 -5.24 1.00 10.92
N VAL A 15 -4.55 0.81 9.80
CA VAL A 15 -4.86 1.46 8.53
C VAL A 15 -6.13 0.91 7.86
N ASN A 16 -6.92 1.80 7.24
CA ASN A 16 -8.22 1.52 6.62
C ASN A 16 -8.31 2.25 5.25
N PRO A 17 -9.26 1.91 4.35
CA PRO A 17 -9.46 2.64 3.09
C PRO A 17 -10.17 3.99 3.29
N GLY A 18 -10.26 4.77 2.20
CA GLY A 18 -11.19 5.89 2.08
C GLY A 18 -10.84 7.12 2.92
N GLY A 19 -9.55 7.46 3.04
CA GLY A 19 -9.07 8.63 3.78
C GLY A 19 -9.32 9.95 3.04
N ASP A 20 -9.25 11.06 3.79
CA ASP A 20 -9.56 12.41 3.30
C ASP A 20 -8.29 13.18 2.90
N ARG A 21 -7.58 12.63 1.90
CA ARG A 21 -6.48 13.28 1.18
C ARG A 21 -5.28 13.51 2.11
N ASN A 22 -4.68 12.41 2.60
CA ASN A 22 -3.75 12.44 3.76
C ASN A 22 -2.24 12.49 3.42
N CYS A 23 -1.72 11.44 2.75
CA CYS A 23 -0.33 11.13 2.34
C CYS A 23 -0.07 9.62 2.09
N PHE A 24 -0.82 8.73 2.77
CA PHE A 24 -0.75 7.28 2.57
C PHE A 24 -1.75 6.82 1.51
N ILE A 25 -1.39 5.76 0.78
CA ILE A 25 -2.20 5.05 -0.20
C ILE A 25 -2.57 3.69 0.39
N TYR A 26 -3.83 3.33 0.28
CA TYR A 26 -4.34 2.00 0.62
C TYR A 26 -4.64 1.23 -0.69
N CYS A 27 -4.19 -0.02 -0.78
CA CYS A 27 -4.30 -0.85 -1.98
C CYS A 27 -4.81 -2.24 -1.55
N SER A 28 -5.79 -2.81 -2.25
CA SER A 28 -6.51 -4.00 -1.80
C SER A 28 -6.92 -4.90 -2.97
N ASN A 29 -7.21 -6.17 -2.67
CA ASN A 29 -7.47 -7.26 -3.60
C ASN A 29 -6.21 -7.67 -4.40
N LEU A 30 -5.01 -7.53 -3.81
CA LEU A 30 -3.79 -8.10 -4.37
C LEU A 30 -3.86 -9.64 -4.29
N PRO A 31 -3.28 -10.38 -5.25
CA PRO A 31 -3.25 -11.85 -5.25
C PRO A 31 -2.34 -12.36 -4.11
N PHE A 32 -2.60 -13.57 -3.61
CA PHE A 32 -1.95 -14.08 -2.40
C PHE A 32 -0.50 -14.56 -2.58
N SER A 33 0.02 -14.54 -3.80
CA SER A 33 1.44 -14.81 -4.11
C SER A 33 2.34 -13.54 -3.96
N THR A 34 1.74 -12.38 -3.63
CA THR A 34 2.42 -11.07 -3.56
C THR A 34 3.43 -10.99 -2.40
N ALA A 35 4.52 -10.24 -2.64
CA ALA A 35 5.56 -9.87 -1.67
C ALA A 35 5.88 -8.36 -1.77
N ARG A 36 6.60 -7.79 -0.80
CA ARG A 36 6.95 -6.35 -0.74
C ARG A 36 7.52 -5.78 -2.06
N SER A 37 8.25 -6.59 -2.81
CA SER A 37 8.83 -6.22 -4.12
C SER A 37 7.78 -5.85 -5.20
N ASP A 38 6.50 -6.19 -5.02
CA ASP A 38 5.41 -5.80 -5.92
C ASP A 38 5.11 -4.29 -5.88
N LEU A 39 5.39 -3.64 -4.74
CA LEU A 39 4.95 -2.26 -4.49
C LEU A 39 5.68 -1.30 -5.43
N PHE A 40 7.01 -1.29 -5.35
CA PHE A 40 7.88 -0.44 -6.18
C PHE A 40 7.86 -0.82 -7.67
N ASP A 41 7.20 -1.92 -8.04
CA ASP A 41 6.97 -2.36 -9.42
C ASP A 41 5.96 -1.48 -10.17
N LEU A 42 4.82 -1.18 -9.54
CA LEU A 42 3.70 -0.40 -10.11
C LEU A 42 3.57 0.99 -9.53
N PHE A 43 4.02 1.21 -8.28
CA PHE A 43 4.06 2.53 -7.66
C PHE A 43 5.34 3.28 -8.02
N GLY A 44 6.49 2.60 -8.15
CA GLY A 44 7.79 3.19 -8.48
C GLY A 44 7.82 4.08 -9.74
N PRO A 45 7.14 3.73 -10.86
CA PRO A 45 7.06 4.60 -12.05
C PRO A 45 6.08 5.78 -11.91
N ILE A 46 5.32 5.90 -10.80
CA ILE A 46 4.46 7.07 -10.54
C ILE A 46 5.29 8.25 -10.01
N GLY A 47 6.12 8.01 -8.99
CA GLY A 47 6.89 9.02 -8.26
C GLY A 47 7.64 8.45 -7.06
N LYS A 48 8.01 9.31 -6.10
CA LYS A 48 8.84 8.93 -4.94
C LYS A 48 8.02 8.41 -3.74
N ILE A 49 7.97 7.08 -3.59
CA ILE A 49 7.50 6.40 -2.37
C ILE A 49 8.47 6.78 -1.23
N ASN A 50 7.91 7.30 -0.13
CA ASN A 50 8.62 7.57 1.12
C ASN A 50 8.66 6.32 2.04
N ASN A 51 7.70 5.39 1.91
CA ASN A 51 7.68 4.03 2.51
C ASN A 51 6.51 3.19 1.95
N ALA A 52 6.56 1.86 2.12
CA ALA A 52 5.53 0.92 1.61
C ALA A 52 5.67 -0.51 2.17
N GLU A 53 4.54 -1.17 2.49
CA GLU A 53 4.48 -2.45 3.20
C GLU A 53 3.15 -3.17 2.91
N LEU A 54 3.05 -4.46 3.25
CA LEU A 54 1.83 -5.27 3.13
C LEU A 54 1.17 -5.53 4.49
N LYS A 55 -0.17 -5.56 4.54
CA LYS A 55 -0.88 -5.67 5.83
C LYS A 55 -0.72 -7.06 6.50
N PRO A 56 -0.23 -7.14 7.76
CA PRO A 56 -0.10 -8.40 8.50
C PRO A 56 -1.44 -8.87 9.09
N GLN A 57 -1.46 -10.11 9.59
CA GLN A 57 -2.56 -10.78 10.26
C GLN A 57 -1.95 -11.77 11.28
N GLU A 58 -2.49 -11.84 12.51
CA GLU A 58 -1.91 -12.66 13.59
C GLU A 58 -1.93 -14.17 13.31
N ASN A 59 -2.83 -14.65 12.46
CA ASN A 59 -2.92 -16.04 12.01
C ASN A 59 -1.86 -16.42 10.94
N GLY A 60 -1.07 -15.46 10.44
CA GLY A 60 0.03 -15.67 9.50
C GLY A 60 -0.35 -15.70 8.01
N GLN A 61 -1.64 -15.52 7.67
CA GLN A 61 -2.12 -15.59 6.29
C GLN A 61 -1.84 -14.29 5.52
N PRO A 62 -1.62 -14.34 4.18
CA PRO A 62 -1.56 -13.15 3.34
C PRO A 62 -2.95 -12.50 3.25
N THR A 63 -3.01 -11.18 3.46
CA THR A 63 -4.27 -10.41 3.56
C THR A 63 -4.81 -9.91 2.22
N GLY A 64 -3.94 -9.81 1.20
CA GLY A 64 -4.28 -9.19 -0.08
C GLY A 64 -4.39 -7.65 0.00
N VAL A 65 -3.72 -7.01 0.97
CA VAL A 65 -3.67 -5.53 1.13
C VAL A 65 -2.24 -5.02 1.21
N ALA A 66 -1.99 -3.91 0.52
CA ALA A 66 -0.80 -3.07 0.64
C ALA A 66 -1.12 -1.68 1.22
N VAL A 67 -0.12 -1.07 1.87
CA VAL A 67 -0.08 0.37 2.16
C VAL A 67 1.15 0.97 1.47
N VAL A 68 1.02 2.18 0.95
CA VAL A 68 2.11 2.96 0.33
C VAL A 68 2.08 4.36 0.96
N GLU A 69 3.19 5.11 0.91
CA GLU A 69 3.35 6.41 1.56
C GLU A 69 4.29 7.25 0.70
N TYR A 70 3.96 8.52 0.44
CA TYR A 70 4.55 9.32 -0.65
C TYR A 70 5.11 10.68 -0.20
N GLU A 71 6.13 11.14 -0.94
CA GLU A 71 6.79 12.44 -0.73
C GLU A 71 5.78 13.61 -0.70
N ASN A 72 4.83 13.65 -1.64
CA ASN A 72 3.87 14.76 -1.79
C ASN A 72 2.45 14.23 -2.00
N LEU A 73 1.45 14.99 -1.55
CA LEU A 73 0.02 14.68 -1.74
C LEU A 73 -0.41 14.68 -3.22
N VAL A 74 0.30 15.37 -4.11
CA VAL A 74 0.10 15.26 -5.57
C VAL A 74 0.49 13.88 -6.11
N ASP A 75 1.55 13.25 -5.59
CA ASP A 75 2.01 11.92 -6.03
C ASP A 75 1.15 10.82 -5.43
N ALA A 76 0.75 10.99 -4.16
CA ALA A 76 -0.22 10.14 -3.49
C ALA A 76 -1.57 10.14 -4.23
N ASP A 77 -2.12 11.31 -4.56
CA ASP A 77 -3.32 11.39 -5.40
C ASP A 77 -3.11 10.73 -6.78
N PHE A 78 -1.94 10.92 -7.40
CA PHE A 78 -1.62 10.36 -8.72
C PHE A 78 -1.80 8.85 -8.79
N CYS A 79 -1.38 8.09 -7.78
CA CYS A 79 -1.58 6.63 -7.75
C CYS A 79 -3.06 6.23 -7.81
N ILE A 80 -3.89 6.97 -7.10
CA ILE A 80 -5.34 6.78 -7.05
C ILE A 80 -6.00 7.22 -8.38
N GLN A 81 -5.31 8.04 -9.19
CA GLN A 81 -5.64 8.25 -10.60
C GLN A 81 -5.26 7.04 -11.48
N LYS A 82 -4.05 6.45 -11.35
CA LYS A 82 -3.56 5.44 -12.31
C LYS A 82 -3.96 3.98 -11.95
N LEU A 83 -3.73 3.54 -10.71
CA LEU A 83 -3.83 2.13 -10.33
C LEU A 83 -5.26 1.69 -9.97
N ASN A 84 -6.23 2.60 -9.85
CA ASN A 84 -7.62 2.32 -9.38
C ASN A 84 -8.42 1.33 -10.27
N ASN A 85 -7.83 0.83 -11.35
CA ASN A 85 -8.35 -0.14 -12.32
C ASN A 85 -7.28 -1.17 -12.75
N TYR A 86 -6.14 -1.22 -12.05
CA TYR A 86 -4.96 -2.00 -12.42
C TYR A 86 -5.17 -3.51 -12.17
N ASN A 87 -4.99 -4.32 -13.22
CA ASN A 87 -5.04 -5.78 -13.15
C ASN A 87 -3.64 -6.36 -12.79
N TYR A 88 -3.58 -7.23 -11.79
CA TYR A 88 -2.34 -7.82 -11.26
C TYR A 88 -2.54 -9.30 -10.89
N GLY A 89 -1.85 -10.22 -11.58
CA GLY A 89 -1.97 -11.67 -11.34
C GLY A 89 -3.29 -12.30 -11.82
N GLY A 90 -4.19 -11.51 -12.40
CA GLY A 90 -5.59 -11.87 -12.70
C GLY A 90 -6.61 -11.23 -11.74
N CYS A 91 -6.15 -10.44 -10.76
CA CYS A 91 -6.97 -9.72 -9.78
C CYS A 91 -6.94 -8.20 -10.04
N SER A 92 -8.09 -7.56 -10.22
CA SER A 92 -8.18 -6.09 -10.30
C SER A 92 -8.01 -5.46 -8.91
N LEU A 93 -7.09 -4.49 -8.77
CA LEU A 93 -6.78 -3.86 -7.49
C LEU A 93 -7.73 -2.70 -7.19
N GLN A 94 -8.15 -2.61 -5.93
CA GLN A 94 -8.86 -1.46 -5.37
C GLN A 94 -7.82 -0.52 -4.75
N ILE A 95 -7.90 0.80 -4.99
CA ILE A 95 -6.91 1.79 -4.52
C ILE A 95 -7.62 3.04 -4.01
N SER A 96 -7.17 3.57 -2.88
CA SER A 96 -7.69 4.78 -2.23
C SER A 96 -6.65 5.43 -1.30
N TYR A 97 -7.03 6.46 -0.53
CA TYR A 97 -6.18 7.00 0.55
C TYR A 97 -6.27 6.11 1.80
N ALA A 98 -5.13 5.78 2.41
CA ALA A 98 -5.06 5.08 3.68
C ALA A 98 -5.44 6.05 4.81
N ARG A 99 -6.56 5.75 5.48
CA ARG A 99 -7.28 6.65 6.39
C ARG A 99 -6.49 6.95 7.67
N ARG A 100 -6.00 5.89 8.32
CA ARG A 100 -5.26 5.96 9.57
C ARG A 100 -3.91 5.24 9.51
N ASP A 101 -2.95 6.01 8.99
CA ASP A 101 -1.50 5.88 9.18
C ASP A 101 -0.84 4.76 8.32
#